data_9F82
#
_entry.id   9F82
#
_cell.length_a   67.343
_cell.length_b   82.959
_cell.length_c   146.86
_cell.angle_alpha   90
_cell.angle_beta   90.88
_cell.angle_gamma   90
#
_symmetry.space_group_name_H-M   'P 1 21 1'
#
loop_
_entity.id
_entity.type
_entity.pdbx_description
1 polymer 'Arbitrium receptor from ATCC13952 phage'
2 polymer GLY-VAL-VAL-ARG-GLY-ALA
3 water water
#
loop_
_entity_poly.entity_id
_entity_poly.type
_entity_poly.pdbx_seq_one_letter_code
_entity_poly.pdbx_strand_id
1 'polypeptide(L)'
;MELIRIAMRKDLENDKSLMSKWAAVAGLKNPNPLYDFLNHDGKTFSEFNSIVNIVKTHYPDQEYELMENYCLLLDPNTKA
ARSALEYADANSFNTLTDKLVEKMSIASNLKSKEYGKIYEIHRKLSRGEIDVLEASKNIGKYRIKTDEMNIFSKMIPMYD
YLSKGNFSPMKSLLKQIDLNDIKENNYLKKSFETRIYVLLSNIYLNENELELSRKYAEKAIKSTDTKRFLVFSYLTIGTS
YIFSDYALSKQNYLSGYEIAKGNSVFEEFFKRNLSFLNNFWNKENPWINYDSNAVTDVQEVIFELINQKKLERALTLLKS
LERKKQNENDLGFHYYLEGLITNDKEAFYKSVEYFKLSQDKLFIKMPLIKLESLGENPRLLKIISM
;
A,C,E,G
2 'polypeptide(L)' GVVRGA B,D,F,K
#
# COMPACT_ATOMS: atom_id res chain seq x y z
N SER A 46 -6.09 33.60 -14.88
CA SER A 46 -6.13 33.05 -13.50
C SER A 46 -7.31 33.65 -12.72
N GLU A 47 -8.42 33.95 -13.44
CA GLU A 47 -9.71 34.15 -12.79
C GLU A 47 -10.29 32.79 -12.37
N PHE A 48 -10.60 31.95 -13.37
CA PHE A 48 -11.11 30.62 -13.20
C PHE A 48 -10.28 29.78 -12.22
N ASN A 49 -8.97 29.82 -12.43
CA ASN A 49 -7.95 29.11 -11.66
C ASN A 49 -8.04 29.45 -10.18
N SER A 50 -8.19 30.78 -9.89
CA SER A 50 -8.35 31.34 -8.55
C SER A 50 -9.64 30.84 -7.91
N ILE A 51 -10.74 30.89 -8.67
CA ILE A 51 -12.01 30.31 -8.24
C ILE A 51 -11.86 28.82 -7.90
N VAL A 52 -11.27 28.01 -8.80
CA VAL A 52 -11.17 26.56 -8.57
C VAL A 52 -10.32 26.25 -7.32
N ASN A 53 -9.16 26.94 -7.24
CA ASN A 53 -8.26 26.81 -6.11
C ASN A 53 -8.93 27.19 -4.79
N ILE A 54 -9.78 28.24 -4.77
CA ILE A 54 -10.53 28.58 -3.56
C ILE A 54 -11.45 27.43 -3.18
N VAL A 55 -12.35 27.02 -4.07
CA VAL A 55 -13.29 25.97 -3.70
C VAL A 55 -12.55 24.70 -3.25
N LYS A 56 -11.57 24.23 -4.03
CA LYS A 56 -10.76 23.06 -3.74
C LYS A 56 -10.18 23.07 -2.34
N THR A 57 -9.65 24.22 -1.84
CA THR A 57 -9.03 24.29 -0.53
C THR A 57 -10.06 24.47 0.57
N HIS A 58 -10.95 25.47 0.42
CA HIS A 58 -11.69 26.02 1.54
C HIS A 58 -13.08 25.44 1.66
N TYR A 59 -13.57 24.77 0.60
CA TYR A 59 -14.90 24.18 0.64
C TYR A 59 -14.90 22.76 0.14
N PRO A 60 -13.80 21.98 0.35
CA PRO A 60 -13.45 20.83 -0.48
C PRO A 60 -14.52 19.79 -0.82
N ASP A 61 -15.34 19.44 0.18
CA ASP A 61 -16.29 18.34 0.10
C ASP A 61 -17.67 18.87 -0.33
N GLN A 62 -17.69 19.99 -1.03
CA GLN A 62 -18.85 20.49 -1.75
C GLN A 62 -18.43 21.02 -3.14
N GLU A 63 -17.23 20.66 -3.65
CA GLU A 63 -16.65 21.25 -4.86
C GLU A 63 -17.64 21.27 -6.03
N TYR A 64 -18.27 20.13 -6.32
CA TYR A 64 -19.11 20.02 -7.51
C TYR A 64 -20.35 20.93 -7.45
N GLU A 65 -21.01 21.00 -6.28
CA GLU A 65 -22.14 21.89 -6.13
C GLU A 65 -21.76 23.35 -6.47
N LEU A 66 -20.62 23.81 -5.92
CA LEU A 66 -20.18 25.20 -6.06
C LEU A 66 -19.77 25.54 -7.49
N MET A 67 -18.99 24.63 -8.11
CA MET A 67 -18.42 24.83 -9.45
C MET A 67 -19.43 24.67 -10.58
N GLU A 68 -20.49 23.86 -10.37
CA GLU A 68 -21.62 23.86 -11.28
C GLU A 68 -22.22 25.25 -11.50
N ASN A 69 -22.62 25.96 -10.43
CA ASN A 69 -23.27 27.26 -10.48
C ASN A 69 -22.38 28.26 -11.20
N TYR A 70 -21.12 28.33 -10.76
CA TYR A 70 -20.17 29.33 -11.22
C TYR A 70 -19.88 29.14 -12.72
N CYS A 71 -19.83 27.87 -13.18
CA CYS A 71 -19.61 27.51 -14.58
C CYS A 71 -20.78 27.87 -15.48
N LEU A 72 -21.99 27.51 -15.08
CA LEU A 72 -23.20 27.76 -15.85
C LEU A 72 -23.57 29.25 -15.95
N LEU A 73 -23.08 30.08 -15.02
CA LEU A 73 -23.36 31.51 -15.00
C LEU A 73 -22.50 32.25 -16.02
N LEU A 74 -21.24 31.84 -16.16
CA LEU A 74 -20.22 32.50 -16.96
C LEU A 74 -20.70 32.74 -18.41
N ASP A 75 -20.20 33.85 -18.97
CA ASP A 75 -20.38 34.22 -20.35
C ASP A 75 -19.59 33.26 -21.25
N PRO A 76 -20.22 32.62 -22.28
CA PRO A 76 -19.50 31.76 -23.20
C PRO A 76 -18.21 32.39 -23.73
N ASN A 77 -18.25 33.67 -24.08
CA ASN A 77 -17.21 34.30 -24.88
C ASN A 77 -15.92 34.42 -24.07
N THR A 78 -15.96 34.36 -22.75
CA THR A 78 -14.80 34.68 -21.93
C THR A 78 -13.83 33.49 -21.86
N LYS A 79 -12.62 33.77 -21.43
CA LYS A 79 -11.59 32.77 -21.26
C LYS A 79 -11.99 31.81 -20.19
N ALA A 80 -12.63 32.30 -19.15
CA ALA A 80 -13.04 31.48 -18.04
C ALA A 80 -14.01 30.44 -18.47
N ALA A 81 -14.95 30.80 -19.31
CA ALA A 81 -15.89 29.82 -19.81
C ALA A 81 -15.13 28.80 -20.64
N ARG A 82 -14.20 29.24 -21.46
CA ARG A 82 -13.41 28.30 -22.22
C ARG A 82 -12.60 27.44 -21.28
N SER A 83 -12.03 28.00 -20.23
CA SER A 83 -11.29 27.25 -19.24
C SER A 83 -12.15 26.28 -18.51
N ALA A 84 -13.38 26.67 -18.24
CA ALA A 84 -14.34 25.85 -17.53
C ALA A 84 -14.67 24.59 -18.26
N LEU A 85 -14.73 24.65 -19.58
CA LEU A 85 -15.07 23.49 -20.36
C LEU A 85 -14.08 22.39 -20.07
N GLU A 86 -12.82 22.73 -19.98
CA GLU A 86 -11.84 21.73 -19.63
C GLU A 86 -12.09 21.18 -18.25
N TYR A 87 -12.30 22.05 -17.28
CA TYR A 87 -12.54 21.61 -15.93
C TYR A 87 -13.62 20.55 -15.94
N ALA A 88 -14.72 20.84 -16.63
CA ALA A 88 -15.88 19.94 -16.69
C ALA A 88 -15.52 18.57 -17.26
N ASP A 89 -14.82 18.56 -18.40
CA ASP A 89 -14.55 17.31 -19.09
C ASP A 89 -13.38 16.52 -18.49
N ALA A 90 -12.28 17.19 -18.15
CA ALA A 90 -11.22 16.50 -17.44
C ALA A 90 -11.76 15.89 -16.13
N ASN A 91 -12.89 16.38 -15.58
CA ASN A 91 -13.47 15.76 -14.40
C ASN A 91 -14.51 14.69 -14.73
N SER A 92 -14.93 14.60 -15.99
CA SER A 92 -15.97 13.65 -16.45
C SER A 92 -17.32 13.98 -15.80
N PHE A 93 -17.55 15.27 -15.52
CA PHE A 93 -18.84 15.78 -15.11
C PHE A 93 -19.67 15.97 -16.37
N ASN A 94 -20.39 14.93 -16.79
CA ASN A 94 -20.86 14.86 -18.17
C ASN A 94 -21.93 15.91 -18.44
N THR A 95 -23.04 15.83 -17.69
CA THR A 95 -24.15 16.77 -17.78
C THR A 95 -23.68 18.22 -17.86
N LEU A 96 -22.75 18.62 -16.97
CA LEU A 96 -22.20 19.97 -16.95
C LEU A 96 -21.38 20.21 -18.23
N THR A 97 -20.59 19.22 -18.66
CA THR A 97 -19.85 19.35 -19.91
C THR A 97 -20.82 19.53 -21.09
N ASP A 98 -21.93 18.77 -21.11
CA ASP A 98 -22.89 18.83 -22.20
C ASP A 98 -23.61 20.17 -22.21
N LYS A 99 -23.94 20.71 -21.02
CA LYS A 99 -24.55 22.03 -20.90
C LYS A 99 -23.62 23.14 -21.40
N LEU A 100 -22.34 23.09 -21.00
CA LEU A 100 -21.35 24.08 -21.41
C LEU A 100 -21.14 24.06 -22.92
N VAL A 101 -21.15 22.85 -23.53
CA VAL A 101 -21.07 22.69 -24.98
C VAL A 101 -22.15 23.50 -25.71
N GLU A 102 -23.43 23.37 -25.28
CA GLU A 102 -24.56 24.04 -25.93
C GLU A 102 -24.31 25.54 -26.04
N LYS A 103 -24.06 26.19 -24.89
CA LYS A 103 -23.86 27.63 -24.76
C LYS A 103 -22.71 28.06 -25.67
N MET A 104 -21.62 27.29 -25.68
CA MET A 104 -20.39 27.68 -26.32
C MET A 104 -20.40 27.41 -27.82
N SER A 105 -21.14 26.38 -28.28
CA SER A 105 -21.30 26.06 -29.69
C SER A 105 -21.88 27.24 -30.49
N ILE A 106 -22.86 27.96 -29.87
CA ILE A 106 -23.50 29.16 -30.40
C ILE A 106 -23.01 30.37 -29.60
N ALA A 107 -21.87 30.92 -30.03
CA ALA A 107 -21.25 32.03 -29.31
C ALA A 107 -20.42 32.92 -30.24
N SER A 108 -20.28 34.20 -29.84
CA SER A 108 -19.72 35.23 -30.69
C SER A 108 -18.23 35.02 -30.90
N ASN A 109 -17.50 34.77 -29.82
CA ASN A 109 -16.06 34.61 -29.91
C ASN A 109 -15.71 33.43 -30.77
N LEU A 110 -14.68 33.56 -31.59
CA LEU A 110 -14.27 32.45 -32.43
C LEU A 110 -13.70 31.28 -31.67
N LYS A 111 -12.85 31.55 -30.69
CA LYS A 111 -12.25 30.47 -29.95
C LYS A 111 -13.30 29.68 -29.25
N SER A 112 -14.22 30.35 -28.61
CA SER A 112 -15.27 29.65 -27.92
C SER A 112 -16.07 28.92 -28.92
N LYS A 113 -16.29 29.49 -30.07
CA LYS A 113 -17.02 28.69 -31.05
C LYS A 113 -16.30 27.37 -31.36
N GLU A 114 -14.97 27.44 -31.53
CA GLU A 114 -14.12 26.28 -31.81
C GLU A 114 -14.27 25.23 -30.72
N TYR A 115 -13.95 25.58 -29.49
CA TYR A 115 -13.99 24.67 -28.35
C TYR A 115 -15.35 23.99 -28.31
N GLY A 116 -16.43 24.75 -28.48
CA GLY A 116 -17.77 24.17 -28.51
C GLY A 116 -17.85 23.03 -29.53
N LYS A 117 -17.37 23.29 -30.75
CA LYS A 117 -17.54 22.36 -31.84
C LYS A 117 -16.65 21.13 -31.64
N ILE A 118 -15.47 21.29 -31.03
CA ILE A 118 -14.53 20.19 -30.92
C ILE A 118 -14.95 19.24 -29.80
N TYR A 119 -15.18 19.81 -28.60
CA TYR A 119 -15.73 19.03 -27.52
C TYR A 119 -17.09 18.42 -27.88
N GLU A 120 -17.91 19.05 -28.76
CA GLU A 120 -19.15 18.46 -29.27
C GLU A 120 -18.86 17.07 -29.86
N ILE A 121 -17.77 16.99 -30.66
CA ILE A 121 -17.37 15.74 -31.29
C ILE A 121 -16.91 14.76 -30.22
N HIS A 122 -15.98 15.22 -29.36
CA HIS A 122 -15.39 14.40 -28.30
C HIS A 122 -16.47 13.74 -27.44
N ARG A 123 -17.55 14.48 -27.16
CA ARG A 123 -18.60 13.96 -26.30
C ARG A 123 -19.57 13.05 -27.05
N LYS A 124 -19.76 13.27 -28.37
CA LYS A 124 -20.47 12.32 -29.23
C LYS A 124 -19.71 10.99 -29.36
N LEU A 125 -18.37 11.09 -29.38
CA LEU A 125 -17.53 9.91 -29.43
C LEU A 125 -17.59 9.13 -28.11
N SER A 126 -17.47 9.79 -26.96
CA SER A 126 -17.46 9.16 -25.64
C SER A 126 -18.79 8.49 -25.30
N ARG A 127 -19.94 9.12 -25.64
CA ARG A 127 -21.27 8.54 -25.48
C ARG A 127 -21.53 7.40 -26.48
N GLY A 128 -20.73 7.34 -27.57
CA GLY A 128 -20.80 6.23 -28.52
C GLY A 128 -21.93 6.41 -29.53
N GLU A 129 -22.37 7.67 -29.68
CA GLU A 129 -23.28 8.08 -30.73
C GLU A 129 -22.58 7.93 -32.07
N ILE A 130 -21.24 8.07 -32.09
CA ILE A 130 -20.46 7.91 -33.31
C ILE A 130 -19.22 7.03 -33.07
N ASP A 131 -18.72 6.48 -34.17
CA ASP A 131 -17.53 5.63 -34.25
C ASP A 131 -16.30 6.52 -34.49
N VAL A 132 -15.11 5.89 -34.51
CA VAL A 132 -13.84 6.59 -34.51
C VAL A 132 -13.66 7.24 -35.89
N LEU A 133 -14.17 6.52 -36.90
CA LEU A 133 -13.95 6.86 -38.30
C LEU A 133 -14.60 8.21 -38.63
N GLU A 134 -15.89 8.38 -38.21
CA GLU A 134 -16.62 9.63 -38.31
C GLU A 134 -16.05 10.75 -37.44
N ALA A 135 -15.48 10.42 -36.27
CA ALA A 135 -14.79 11.43 -35.47
C ALA A 135 -13.57 11.98 -36.23
N SER A 136 -12.74 11.08 -36.81
CA SER A 136 -11.58 11.48 -37.58
C SER A 136 -11.92 12.36 -38.78
N LYS A 137 -13.05 12.04 -39.45
CA LYS A 137 -13.55 12.83 -40.59
C LYS A 137 -13.97 14.24 -40.16
N ASN A 138 -14.66 14.36 -39.01
CA ASN A 138 -15.18 15.62 -38.50
C ASN A 138 -14.06 16.57 -38.06
N ILE A 139 -12.91 16.01 -37.68
CA ILE A 139 -11.75 16.83 -37.30
C ILE A 139 -11.02 17.29 -38.57
N GLY A 140 -10.94 16.41 -39.58
CA GLY A 140 -10.38 16.72 -40.90
C GLY A 140 -11.19 17.78 -41.64
N LYS A 141 -12.53 17.67 -41.57
CA LYS A 141 -13.47 18.60 -42.20
C LYS A 141 -13.38 20.00 -41.61
N TYR A 142 -13.40 20.09 -40.28
CA TYR A 142 -13.32 21.34 -39.54
C TYR A 142 -11.90 21.87 -39.67
N ARG A 143 -11.77 23.20 -39.66
CA ARG A 143 -10.47 23.84 -39.87
C ARG A 143 -10.04 24.41 -38.53
N ILE A 144 -8.95 23.87 -37.98
CA ILE A 144 -8.52 24.16 -36.63
C ILE A 144 -7.51 25.32 -36.67
N LYS A 145 -7.85 26.40 -35.93
CA LYS A 145 -7.07 27.64 -35.88
C LYS A 145 -6.27 27.72 -34.59
N THR A 146 -6.87 27.28 -33.48
CA THR A 146 -6.25 27.39 -32.16
C THR A 146 -5.25 26.26 -31.98
N ASP A 147 -4.11 26.57 -31.34
CA ASP A 147 -3.06 25.59 -31.11
C ASP A 147 -3.51 24.53 -30.09
N GLU A 148 -4.30 24.96 -29.11
CA GLU A 148 -4.91 24.10 -28.11
C GLU A 148 -5.80 23.05 -28.77
N MET A 149 -6.74 23.47 -29.64
CA MET A 149 -7.65 22.51 -30.23
C MET A 149 -7.00 21.70 -31.34
N ASN A 150 -5.83 22.13 -31.84
CA ASN A 150 -4.98 21.29 -32.65
C ASN A 150 -4.48 20.11 -31.82
N ILE A 151 -4.02 20.40 -30.58
CA ILE A 151 -3.53 19.37 -29.65
C ILE A 151 -4.66 18.44 -29.20
N PHE A 152 -5.82 19.02 -28.84
CA PHE A 152 -6.89 18.24 -28.27
C PHE A 152 -7.52 17.34 -29.31
N SER A 153 -7.60 17.79 -30.58
CA SER A 153 -8.13 16.98 -31.67
C SER A 153 -7.41 15.65 -31.79
N LYS A 154 -6.07 15.67 -31.64
CA LYS A 154 -5.25 14.47 -31.75
C LYS A 154 -5.60 13.45 -30.66
N MET A 155 -5.82 13.94 -29.43
CA MET A 155 -6.09 13.08 -28.28
C MET A 155 -7.52 12.47 -28.33
N ILE A 156 -8.44 13.05 -29.13
CA ILE A 156 -9.85 12.65 -29.17
C ILE A 156 -10.02 11.16 -29.51
N PRO A 157 -9.44 10.69 -30.64
CA PRO A 157 -9.56 9.28 -31.03
C PRO A 157 -8.86 8.34 -30.04
N MET A 158 -7.73 8.79 -29.47
CA MET A 158 -6.96 7.98 -28.56
C MET A 158 -7.80 7.43 -27.41
N TYR A 159 -8.73 8.25 -26.90
CA TYR A 159 -9.66 7.80 -25.85
C TYR A 159 -10.47 6.60 -26.34
N ASP A 160 -10.94 6.67 -27.61
CA ASP A 160 -11.78 5.62 -28.12
C ASP A 160 -11.00 4.34 -28.36
N TYR A 161 -9.85 4.45 -29.02
CA TYR A 161 -8.94 3.32 -29.16
C TYR A 161 -8.77 2.61 -27.80
N LEU A 162 -8.36 3.35 -26.76
CA LEU A 162 -8.06 2.71 -25.50
C LEU A 162 -9.23 1.89 -24.94
N SER A 163 -10.43 2.48 -24.97
CA SER A 163 -11.69 1.83 -24.63
C SER A 163 -11.91 0.57 -25.47
N LYS A 164 -11.70 0.68 -26.80
CA LYS A 164 -12.03 -0.39 -27.73
C LYS A 164 -10.92 -1.46 -27.83
N GLY A 165 -9.81 -1.33 -27.09
CA GLY A 165 -8.76 -2.34 -27.11
C GLY A 165 -7.85 -2.22 -28.32
N ASN A 166 -8.14 -1.26 -29.22
CA ASN A 166 -7.50 -1.20 -30.52
C ASN A 166 -6.20 -0.41 -30.40
N PHE A 167 -5.12 -1.02 -29.94
CA PHE A 167 -3.95 -0.29 -29.47
C PHE A 167 -2.98 0.16 -30.56
N SER A 168 -3.08 -0.39 -31.74
CA SER A 168 -2.11 -0.14 -32.78
C SER A 168 -1.89 1.30 -33.23
N PRO A 169 -2.96 2.02 -33.47
CA PRO A 169 -2.91 3.42 -33.92
C PRO A 169 -2.36 4.51 -32.98
N MET A 170 -2.26 4.17 -31.68
CA MET A 170 -2.06 5.15 -30.61
C MET A 170 -0.66 5.76 -30.69
N LYS A 171 0.35 4.88 -30.86
CA LYS A 171 1.75 5.26 -30.69
C LYS A 171 2.09 6.35 -31.71
N SER A 172 1.77 6.07 -32.97
CA SER A 172 2.02 6.93 -34.11
C SER A 172 1.32 8.27 -33.92
N LEU A 173 0.03 8.24 -33.52
CA LEU A 173 -0.78 9.44 -33.36
C LEU A 173 -0.17 10.36 -32.32
N LEU A 174 0.44 9.78 -31.28
CA LEU A 174 1.02 10.56 -30.20
C LEU A 174 2.24 11.36 -30.63
N LYS A 175 3.14 10.84 -31.49
CA LYS A 175 4.46 11.45 -31.69
C LYS A 175 4.37 12.91 -32.18
N GLN A 176 3.35 13.21 -32.99
CA GLN A 176 3.25 14.53 -33.64
C GLN A 176 3.03 15.71 -32.69
N ILE A 177 2.24 15.49 -31.64
CA ILE A 177 1.80 16.50 -30.68
C ILE A 177 3.01 17.14 -29.98
N ASP A 178 2.95 18.47 -29.79
CA ASP A 178 3.93 19.25 -29.03
C ASP A 178 3.15 20.11 -28.01
N LEU A 179 3.55 20.17 -26.72
CA LEU A 179 2.83 20.93 -25.69
C LEU A 179 3.30 22.39 -25.55
N ASN A 180 4.33 22.82 -26.30
CA ASN A 180 4.69 24.24 -26.34
C ASN A 180 3.97 24.97 -27.48
N ASP A 181 3.30 24.24 -28.39
CA ASP A 181 2.34 24.83 -29.30
C ASP A 181 1.20 25.49 -28.52
N ILE A 182 0.84 24.97 -27.33
CA ILE A 182 0.04 25.70 -26.34
C ILE A 182 0.97 26.57 -25.48
N LYS A 183 0.77 27.90 -25.55
CA LYS A 183 1.40 28.87 -24.66
C LYS A 183 0.44 30.02 -24.34
N GLU A 184 -0.89 29.76 -24.32
CA GLU A 184 -1.91 30.83 -24.28
C GLU A 184 -2.69 30.84 -22.96
N ASN A 185 -3.29 29.69 -22.64
CA ASN A 185 -4.21 29.47 -21.53
C ASN A 185 -3.52 28.47 -20.59
N ASN A 186 -2.90 28.94 -19.48
CA ASN A 186 -2.09 28.07 -18.63
C ASN A 186 -2.87 27.00 -17.87
N TYR A 187 -4.17 27.20 -17.64
CA TYR A 187 -5.00 26.16 -17.05
C TYR A 187 -5.24 25.02 -18.05
N LEU A 188 -5.60 25.32 -19.29
CA LEU A 188 -5.79 24.32 -20.33
C LEU A 188 -4.46 23.63 -20.66
N LYS A 189 -3.35 24.38 -20.67
CA LYS A 189 -2.04 23.80 -20.88
C LYS A 189 -1.77 22.74 -19.82
N LYS A 190 -1.99 23.03 -18.54
CA LYS A 190 -1.61 22.10 -17.48
C LYS A 190 -2.43 20.81 -17.46
N SER A 191 -3.75 20.89 -17.60
CA SER A 191 -4.59 19.71 -17.60
C SER A 191 -4.27 18.77 -18.77
N PHE A 192 -3.79 19.33 -19.88
CA PHE A 192 -3.41 18.59 -21.09
C PHE A 192 -2.08 17.86 -20.84
N GLU A 193 -1.17 18.46 -20.05
CA GLU A 193 0.03 17.78 -19.58
C GLU A 193 -0.39 16.48 -18.89
N THR A 194 -1.35 16.60 -17.96
CA THR A 194 -1.78 15.45 -17.20
C THR A 194 -2.44 14.45 -18.17
N ARG A 195 -3.29 14.96 -19.07
CA ARG A 195 -3.93 14.11 -20.05
C ARG A 195 -2.93 13.31 -20.86
N ILE A 196 -1.87 13.96 -21.35
CA ILE A 196 -0.86 13.25 -22.11
C ILE A 196 -0.08 12.28 -21.22
N TYR A 197 0.37 12.71 -20.03
CA TYR A 197 1.08 11.82 -19.12
C TYR A 197 0.27 10.54 -18.88
N VAL A 198 -1.04 10.67 -18.75
CA VAL A 198 -1.88 9.52 -18.49
C VAL A 198 -1.97 8.65 -19.74
N LEU A 199 -2.29 9.24 -20.90
CA LEU A 199 -2.42 8.48 -22.14
C LEU A 199 -1.15 7.68 -22.48
N LEU A 200 0.02 8.30 -22.38
CA LEU A 200 1.28 7.60 -22.54
C LEU A 200 1.47 6.49 -21.49
N SER A 201 0.97 6.72 -20.27
CA SER A 201 1.11 5.75 -19.20
C SER A 201 0.41 4.49 -19.67
N ASN A 202 -0.72 4.64 -20.37
CA ASN A 202 -1.39 3.49 -21.01
C ASN A 202 -0.66 2.96 -22.24
N ILE A 203 -0.18 3.82 -23.13
CA ILE A 203 0.49 3.38 -24.36
C ILE A 203 1.69 2.47 -24.05
N TYR A 204 2.53 2.87 -23.11
CA TYR A 204 3.68 2.07 -22.72
C TYR A 204 3.29 0.82 -21.95
N LEU A 205 2.20 0.89 -21.16
CA LEU A 205 1.63 -0.33 -20.57
C LEU A 205 1.37 -1.38 -21.68
N ASN A 206 0.64 -1.01 -22.75
CA ASN A 206 0.28 -1.94 -23.80
C ASN A 206 1.51 -2.35 -24.61
N GLU A 207 2.56 -1.52 -24.64
CA GLU A 207 3.79 -1.88 -25.29
C GLU A 207 4.67 -2.74 -24.39
N ASN A 208 4.24 -2.98 -23.14
CA ASN A 208 4.98 -3.83 -22.21
C ASN A 208 6.30 -3.18 -21.83
N GLU A 209 6.24 -1.86 -21.62
CA GLU A 209 7.31 -1.05 -21.08
C GLU A 209 6.86 -0.53 -19.71
N LEU A 210 6.92 -1.41 -18.71
CA LEU A 210 6.27 -1.23 -17.43
C LEU A 210 6.93 -0.16 -16.57
N GLU A 211 8.27 -0.11 -16.57
CA GLU A 211 8.98 0.94 -15.82
C GLU A 211 8.52 2.31 -16.32
N LEU A 212 8.41 2.44 -17.65
CA LEU A 212 7.98 3.68 -18.27
C LEU A 212 6.52 3.96 -17.97
N SER A 213 5.63 2.97 -18.08
CA SER A 213 4.24 3.18 -17.73
C SER A 213 4.10 3.86 -16.36
N ARG A 214 4.81 3.33 -15.35
CA ARG A 214 4.72 3.85 -13.98
C ARG A 214 5.30 5.25 -13.85
N LYS A 215 6.45 5.49 -14.51
CA LYS A 215 7.05 6.81 -14.55
C LYS A 215 5.97 7.85 -14.91
N TYR A 216 5.21 7.55 -15.98
CA TYR A 216 4.25 8.49 -16.54
C TYR A 216 3.04 8.68 -15.66
N ALA A 217 2.54 7.59 -15.06
CA ALA A 217 1.44 7.67 -14.09
C ALA A 217 1.86 8.53 -12.88
N GLU A 218 3.08 8.27 -12.38
CA GLU A 218 3.61 8.99 -11.26
C GLU A 218 3.74 10.48 -11.58
N LYS A 219 4.23 10.78 -12.79
CA LYS A 219 4.26 12.16 -13.25
C LYS A 219 2.85 12.75 -13.12
N ALA A 220 1.86 12.04 -13.69
CA ALA A 220 0.49 12.53 -13.75
C ALA A 220 -0.03 12.87 -12.35
N ILE A 221 0.31 12.03 -11.38
CA ILE A 221 -0.14 12.16 -10.00
C ILE A 221 0.39 13.44 -9.36
N LYS A 222 1.68 13.73 -9.54
CA LYS A 222 2.30 14.93 -8.98
C LYS A 222 1.78 16.21 -9.66
N SER A 223 1.40 16.12 -10.94
CA SER A 223 0.99 17.25 -11.77
C SER A 223 -0.46 17.70 -11.51
N THR A 224 -1.30 16.86 -10.87
CA THR A 224 -2.73 17.13 -10.84
C THR A 224 -3.27 16.83 -9.44
N ASP A 225 -4.48 17.38 -9.16
CA ASP A 225 -5.39 16.92 -8.13
C ASP A 225 -6.81 16.78 -8.69
N THR A 226 -6.92 16.46 -9.99
CA THR A 226 -8.18 16.01 -10.55
C THR A 226 -8.37 14.53 -10.20
N LYS A 227 -9.54 14.18 -9.67
CA LYS A 227 -9.82 12.82 -9.24
C LYS A 227 -9.62 11.87 -10.40
N ARG A 228 -10.22 12.20 -11.56
CA ARG A 228 -10.18 11.26 -12.64
C ARG A 228 -8.79 10.90 -13.05
N PHE A 229 -7.92 11.90 -13.16
CA PHE A 229 -6.54 11.63 -13.53
C PHE A 229 -5.85 10.82 -12.43
N LEU A 230 -6.16 11.16 -11.17
CA LEU A 230 -5.61 10.34 -10.11
C LEU A 230 -6.12 8.90 -10.27
N VAL A 231 -7.44 8.73 -10.46
CA VAL A 231 -8.05 7.42 -10.61
C VAL A 231 -7.32 6.62 -11.71
N PHE A 232 -7.16 7.20 -12.91
CA PHE A 232 -6.59 6.43 -13.97
C PHE A 232 -5.07 6.21 -13.78
N SER A 233 -4.32 7.20 -13.26
CA SER A 233 -2.93 6.94 -12.86
C SER A 233 -2.83 5.62 -12.08
N TYR A 234 -3.63 5.53 -10.98
CA TYR A 234 -3.57 4.38 -10.06
C TYR A 234 -4.02 3.09 -10.74
N LEU A 235 -5.07 3.15 -11.56
CA LEU A 235 -5.48 2.02 -12.40
C LEU A 235 -4.30 1.49 -13.19
N THR A 236 -3.56 2.38 -13.83
CA THR A 236 -2.52 1.92 -14.73
C THR A 236 -1.33 1.39 -13.93
N ILE A 237 -0.97 2.01 -12.78
CA ILE A 237 0.12 1.42 -11.99
C ILE A 237 -0.34 0.05 -11.51
N GLY A 238 -1.57 0.00 -10.99
CA GLY A 238 -2.18 -1.27 -10.62
C GLY A 238 -2.02 -2.32 -11.69
N THR A 239 -2.36 -1.98 -12.92
CA THR A 239 -2.33 -2.95 -14.00
C THR A 239 -0.88 -3.32 -14.27
N SER A 240 0.04 -2.36 -14.24
CA SER A 240 1.44 -2.61 -14.55
C SER A 240 2.08 -3.69 -13.68
N TYR A 241 1.55 -3.91 -12.47
CA TYR A 241 2.14 -4.86 -11.53
C TYR A 241 1.42 -6.21 -11.55
N ILE A 242 0.31 -6.37 -12.30
CA ILE A 242 -0.47 -7.62 -12.27
C ILE A 242 0.42 -8.87 -12.20
N PHE A 243 1.46 -8.97 -13.04
CA PHE A 243 2.30 -10.16 -13.11
C PHE A 243 3.52 -9.95 -12.22
N SER A 244 4.04 -8.71 -12.17
CA SER A 244 5.26 -8.39 -11.42
C SER A 244 5.10 -8.80 -9.96
N ASP A 245 4.17 -8.13 -9.25
CA ASP A 245 4.08 -8.20 -7.79
C ASP A 245 2.62 -8.02 -7.37
N TYR A 246 1.93 -9.10 -7.00
CA TYR A 246 0.59 -9.09 -6.44
C TYR A 246 0.38 -7.95 -5.44
N ALA A 247 1.29 -7.80 -4.48
CA ALA A 247 1.13 -6.84 -3.40
C ALA A 247 0.99 -5.41 -3.93
N LEU A 248 1.92 -4.97 -4.79
CA LEU A 248 2.00 -3.59 -5.27
C LEU A 248 0.82 -3.28 -6.19
N SER A 249 0.42 -4.27 -7.00
CA SER A 249 -0.79 -4.20 -7.79
C SER A 249 -1.98 -3.88 -6.90
N LYS A 250 -2.18 -4.66 -5.85
CA LYS A 250 -3.29 -4.49 -4.93
C LYS A 250 -3.22 -3.14 -4.23
N GLN A 251 -2.01 -2.71 -3.84
CA GLN A 251 -1.81 -1.42 -3.19
C GLN A 251 -2.31 -0.30 -4.11
N ASN A 252 -1.75 -0.22 -5.31
CA ASN A 252 -2.10 0.80 -6.26
C ASN A 252 -3.58 0.76 -6.67
N TYR A 253 -4.15 -0.41 -6.87
CA TYR A 253 -5.59 -0.55 -7.12
C TYR A 253 -6.43 -0.17 -5.94
N LEU A 254 -5.98 -0.48 -4.70
CA LEU A 254 -6.77 -0.10 -3.54
C LEU A 254 -6.74 1.43 -3.29
N SER A 255 -5.55 2.02 -3.47
CA SER A 255 -5.32 3.43 -3.23
C SER A 255 -6.20 4.24 -4.19
N GLY A 256 -6.22 3.86 -5.48
CA GLY A 256 -7.18 4.42 -6.41
C GLY A 256 -8.62 4.16 -6.03
N TYR A 257 -8.95 2.93 -5.57
CA TYR A 257 -10.32 2.58 -5.20
C TYR A 257 -10.85 3.59 -4.20
N GLU A 258 -10.04 3.93 -3.16
CA GLU A 258 -10.38 4.93 -2.17
C GLU A 258 -10.74 6.25 -2.84
N ILE A 259 -9.91 6.71 -3.77
CA ILE A 259 -10.16 8.00 -4.40
C ILE A 259 -11.44 7.89 -5.20
N ALA A 260 -11.70 6.71 -5.78
CA ALA A 260 -12.86 6.54 -6.65
C ALA A 260 -14.21 6.42 -5.91
N LYS A 261 -14.21 5.91 -4.68
CA LYS A 261 -15.47 5.78 -3.95
C LYS A 261 -16.18 7.12 -3.95
N GLY A 262 -17.51 7.05 -4.11
CA GLY A 262 -18.35 8.21 -4.41
C GLY A 262 -18.90 8.05 -5.82
N ASN A 263 -18.05 7.67 -6.79
CA ASN A 263 -18.36 7.65 -8.22
C ASN A 263 -18.64 6.24 -8.68
N SER A 264 -19.89 5.98 -9.11
CA SER A 264 -20.30 4.65 -9.58
C SER A 264 -19.36 4.08 -10.68
N VAL A 265 -19.07 4.95 -11.65
CA VAL A 265 -18.36 4.63 -12.87
C VAL A 265 -16.86 4.39 -12.68
N PHE A 266 -16.21 5.18 -11.80
CA PHE A 266 -14.81 5.05 -11.47
C PHE A 266 -14.57 3.86 -10.53
N GLU A 267 -15.52 3.56 -9.61
CA GLU A 267 -15.45 2.37 -8.76
C GLU A 267 -15.31 1.14 -9.67
N GLU A 268 -16.17 1.06 -10.70
CA GLU A 268 -16.32 -0.14 -11.47
C GLU A 268 -14.99 -0.59 -12.08
N PHE A 269 -14.08 0.34 -12.38
CA PHE A 269 -12.85 -0.03 -13.07
C PHE A 269 -11.94 -0.76 -12.09
N PHE A 270 -11.90 -0.25 -10.88
CA PHE A 270 -11.13 -0.83 -9.84
C PHE A 270 -11.67 -2.13 -9.40
N LYS A 271 -12.98 -2.22 -9.31
CA LYS A 271 -13.56 -3.47 -8.91
C LYS A 271 -13.28 -4.54 -9.95
N ARG A 272 -13.40 -4.20 -11.22
CA ARG A 272 -13.13 -5.15 -12.24
C ARG A 272 -11.72 -5.60 -12.24
N ASN A 273 -10.79 -4.68 -12.07
CA ASN A 273 -9.40 -5.05 -12.03
C ASN A 273 -9.02 -5.75 -10.78
N LEU A 274 -9.71 -5.50 -9.71
CA LEU A 274 -9.36 -6.22 -8.50
C LEU A 274 -9.88 -7.66 -8.62
N SER A 275 -11.05 -7.85 -9.24
CA SER A 275 -11.55 -9.19 -9.55
C SER A 275 -10.53 -9.97 -10.37
N PHE A 276 -10.13 -9.40 -11.47
CA PHE A 276 -9.13 -9.98 -12.33
C PHE A 276 -7.88 -10.29 -11.54
N LEU A 277 -7.28 -9.32 -10.87
CA LEU A 277 -6.09 -9.58 -10.08
C LEU A 277 -6.24 -10.84 -9.21
N ASN A 278 -7.30 -10.87 -8.42
CA ASN A 278 -7.52 -11.96 -7.48
C ASN A 278 -7.78 -13.30 -8.20
N ASN A 279 -8.62 -13.28 -9.23
CA ASN A 279 -8.86 -14.51 -9.97
C ASN A 279 -7.60 -15.03 -10.61
N PHE A 280 -6.77 -14.16 -11.18
CA PHE A 280 -5.52 -14.62 -11.77
C PHE A 280 -4.54 -15.18 -10.75
N TRP A 281 -4.43 -14.59 -9.53
CA TRP A 281 -3.54 -15.15 -8.52
C TRP A 281 -4.27 -16.24 -7.73
N ASN A 282 -5.57 -16.49 -7.95
CA ASN A 282 -6.32 -17.54 -7.27
C ASN A 282 -6.33 -17.29 -5.74
N LYS A 283 -6.94 -16.13 -5.40
CA LYS A 283 -7.09 -15.62 -4.06
C LYS A 283 -8.59 -15.43 -3.83
N GLU A 284 -8.98 -15.19 -2.55
CA GLU A 284 -10.33 -14.82 -2.13
C GLU A 284 -10.74 -13.57 -2.89
N ASN A 285 -11.98 -13.54 -3.40
CA ASN A 285 -12.37 -12.54 -4.37
C ASN A 285 -13.71 -11.95 -3.97
N PRO A 286 -13.71 -10.83 -3.19
CA PRO A 286 -14.92 -10.07 -2.91
C PRO A 286 -15.37 -9.03 -3.93
N TRP A 287 -14.64 -8.92 -5.05
CA TRP A 287 -14.84 -7.85 -5.99
C TRP A 287 -15.81 -8.19 -7.09
N ILE A 288 -16.32 -9.42 -7.11
CA ILE A 288 -17.04 -9.89 -8.27
C ILE A 288 -18.46 -9.32 -8.23
N ASN A 289 -18.95 -8.84 -9.37
CA ASN A 289 -20.33 -8.47 -9.64
C ASN A 289 -21.02 -9.60 -10.44
N TYR A 290 -21.94 -10.32 -9.78
CA TYR A 290 -22.59 -11.50 -10.34
C TYR A 290 -23.83 -11.16 -11.17
N ASP A 291 -24.31 -9.92 -11.09
CA ASP A 291 -25.56 -9.43 -11.66
C ASP A 291 -25.30 -8.46 -12.82
N SER A 292 -24.21 -8.71 -13.55
CA SER A 292 -23.82 -7.89 -14.69
C SER A 292 -23.83 -8.76 -15.92
N ASN A 293 -24.28 -8.21 -17.07
CA ASN A 293 -24.22 -8.90 -18.36
C ASN A 293 -22.99 -8.48 -19.16
N ALA A 294 -22.31 -7.40 -18.72
CA ALA A 294 -21.10 -6.94 -19.38
C ALA A 294 -20.11 -8.11 -19.50
N VAL A 295 -19.65 -8.37 -20.72
CA VAL A 295 -18.70 -9.43 -21.01
C VAL A 295 -17.51 -9.43 -20.04
N THR A 296 -16.98 -8.27 -19.62
CA THR A 296 -15.84 -8.24 -18.68
C THR A 296 -16.23 -8.63 -17.23
N ASP A 297 -17.47 -8.41 -16.80
CA ASP A 297 -17.92 -8.86 -15.49
C ASP A 297 -18.20 -10.39 -15.46
N VAL A 298 -18.79 -10.88 -16.57
CA VAL A 298 -19.09 -12.29 -16.79
C VAL A 298 -17.78 -13.05 -16.80
N GLN A 299 -16.85 -12.56 -17.62
CA GLN A 299 -15.48 -13.06 -17.74
C GLN A 299 -14.87 -13.22 -16.36
N GLU A 300 -15.16 -12.32 -15.42
CA GLU A 300 -14.70 -12.43 -14.04
C GLU A 300 -15.41 -13.57 -13.29
N VAL A 301 -16.71 -13.77 -13.50
CA VAL A 301 -17.40 -14.89 -12.89
C VAL A 301 -16.72 -16.17 -13.29
N ILE A 302 -16.64 -16.31 -14.60
CA ILE A 302 -16.16 -17.49 -15.30
C ILE A 302 -14.77 -17.82 -14.92
N PHE A 303 -13.97 -16.80 -14.67
CA PHE A 303 -12.62 -17.03 -14.18
C PHE A 303 -12.64 -17.54 -12.78
N GLU A 304 -13.61 -17.12 -11.99
CA GLU A 304 -13.75 -17.63 -10.66
C GLU A 304 -14.12 -19.11 -10.55
N LEU A 305 -15.03 -19.59 -11.39
CA LEU A 305 -15.39 -20.98 -11.35
C LEU A 305 -14.16 -21.77 -11.72
N ILE A 306 -13.49 -21.37 -12.75
CA ILE A 306 -12.24 -22.09 -13.01
C ILE A 306 -11.43 -22.30 -11.73
N ASN A 307 -11.20 -21.24 -10.95
CA ASN A 307 -10.35 -21.40 -9.78
C ASN A 307 -10.97 -22.32 -8.75
N GLN A 308 -12.32 -22.35 -8.66
CA GLN A 308 -13.07 -23.26 -7.82
C GLN A 308 -13.32 -24.64 -8.46
N LYS A 309 -12.76 -24.88 -9.68
CA LYS A 309 -12.76 -26.21 -10.28
C LYS A 309 -14.14 -26.64 -10.82
N LYS A 310 -15.11 -25.72 -11.01
CA LYS A 310 -16.41 -26.11 -11.56
C LYS A 310 -16.42 -25.96 -13.09
N LEU A 311 -15.70 -26.84 -13.77
CA LEU A 311 -15.36 -26.68 -15.18
C LEU A 311 -16.53 -26.96 -16.12
N GLU A 312 -17.58 -27.70 -15.72
CA GLU A 312 -18.75 -27.86 -16.57
C GLU A 312 -19.51 -26.53 -16.68
N ARG A 313 -19.77 -25.90 -15.53
CA ARG A 313 -20.57 -24.69 -15.47
C ARG A 313 -19.80 -23.53 -16.09
N ALA A 314 -18.49 -23.47 -15.86
CA ALA A 314 -17.63 -22.49 -16.48
C ALA A 314 -17.67 -22.62 -18.01
N LEU A 315 -17.68 -23.85 -18.55
CA LEU A 315 -17.69 -24.12 -19.99
C LEU A 315 -19.01 -23.66 -20.64
N THR A 316 -20.15 -24.00 -20.02
CA THR A 316 -21.48 -23.64 -20.49
C THR A 316 -21.62 -22.14 -20.76
N LEU A 317 -21.21 -21.37 -19.75
CA LEU A 317 -21.39 -19.93 -19.67
C LEU A 317 -20.43 -19.22 -20.62
N LEU A 318 -19.22 -19.79 -20.79
CA LEU A 318 -18.18 -19.27 -21.67
C LEU A 318 -18.68 -19.40 -23.09
N LYS A 319 -19.35 -20.52 -23.42
CA LYS A 319 -19.96 -20.69 -24.74
C LYS A 319 -21.05 -19.65 -25.01
N SER A 320 -21.72 -19.13 -23.95
CA SER A 320 -22.75 -18.11 -24.10
C SER A 320 -22.17 -16.73 -24.44
N LEU A 321 -20.89 -16.51 -24.11
CA LEU A 321 -20.23 -15.25 -24.39
C LEU A 321 -19.70 -15.24 -25.83
N GLU A 322 -19.23 -16.40 -26.31
CA GLU A 322 -18.50 -16.57 -27.56
C GLU A 322 -19.03 -15.75 -28.76
N ARG A 323 -20.34 -15.77 -29.00
CA ARG A 323 -20.80 -14.97 -30.13
C ARG A 323 -21.26 -13.56 -29.75
N LYS A 324 -21.35 -13.26 -28.47
CA LYS A 324 -21.81 -11.92 -28.06
C LYS A 324 -20.81 -10.86 -28.55
N LYS A 325 -21.30 -9.63 -28.72
CA LYS A 325 -20.50 -8.48 -29.13
C LYS A 325 -19.40 -8.25 -28.11
N GLN A 326 -18.14 -8.25 -28.60
CA GLN A 326 -16.94 -8.04 -27.80
C GLN A 326 -15.83 -7.49 -28.72
N ASN A 327 -14.97 -6.65 -28.15
CA ASN A 327 -13.80 -6.18 -28.88
C ASN A 327 -12.80 -7.35 -28.92
N GLU A 328 -11.82 -7.27 -29.83
CA GLU A 328 -10.82 -8.31 -29.99
C GLU A 328 -10.01 -8.59 -28.70
N ASN A 329 -9.72 -7.54 -27.93
CA ASN A 329 -8.98 -7.68 -26.68
C ASN A 329 -9.79 -8.57 -25.72
N ASP A 330 -11.11 -8.42 -25.73
CA ASP A 330 -12.00 -9.27 -24.95
C ASP A 330 -11.93 -10.72 -25.43
N LEU A 331 -11.86 -10.94 -26.74
CA LEU A 331 -11.67 -12.28 -27.27
C LEU A 331 -10.32 -12.86 -26.84
N GLY A 332 -9.28 -12.02 -26.78
CA GLY A 332 -8.01 -12.36 -26.16
C GLY A 332 -8.20 -13.09 -24.85
N PHE A 333 -9.02 -12.49 -23.96
CA PHE A 333 -9.34 -13.12 -22.68
C PHE A 333 -10.28 -14.30 -22.89
N HIS A 334 -11.33 -14.15 -23.70
CA HIS A 334 -12.27 -15.25 -23.94
C HIS A 334 -11.57 -16.56 -24.18
N TYR A 335 -10.65 -16.60 -25.15
CA TYR A 335 -9.99 -17.84 -25.54
C TYR A 335 -8.95 -18.24 -24.52
N TYR A 336 -8.42 -17.29 -23.79
CA TYR A 336 -7.52 -17.63 -22.74
C TYR A 336 -8.30 -18.39 -21.74
N LEU A 337 -9.51 -17.95 -21.47
CA LEU A 337 -10.32 -18.67 -20.49
C LEU A 337 -10.62 -20.05 -20.95
N GLU A 338 -10.93 -20.22 -22.22
CA GLU A 338 -11.22 -21.52 -22.73
C GLU A 338 -10.01 -22.36 -22.56
N GLY A 339 -8.85 -21.83 -22.85
CA GLY A 339 -7.66 -22.61 -22.73
C GLY A 339 -7.51 -23.19 -21.35
N LEU A 340 -7.79 -22.46 -20.29
CA LEU A 340 -7.69 -23.03 -18.95
C LEU A 340 -8.66 -24.18 -18.72
N ILE A 341 -9.83 -24.17 -19.39
CA ILE A 341 -10.88 -25.14 -19.10
C ILE A 341 -10.52 -26.47 -19.71
N THR A 342 -10.21 -26.45 -21.03
CA THR A 342 -10.04 -27.64 -21.85
C THR A 342 -8.57 -28.06 -21.89
N ASN A 343 -7.65 -27.12 -21.72
CA ASN A 343 -6.21 -27.38 -21.86
C ASN A 343 -5.83 -27.59 -23.33
N ASP A 344 -6.69 -27.18 -24.27
CA ASP A 344 -6.43 -27.38 -25.70
C ASP A 344 -5.48 -26.33 -26.22
N LYS A 345 -4.49 -26.67 -27.03
CA LYS A 345 -3.60 -25.65 -27.52
C LYS A 345 -4.34 -24.68 -28.44
N GLU A 346 -5.20 -25.21 -29.28
CA GLU A 346 -6.02 -24.36 -30.14
C GLU A 346 -6.54 -23.13 -29.39
N ALA A 347 -7.20 -23.32 -28.23
CA ALA A 347 -7.64 -22.18 -27.43
C ALA A 347 -6.50 -21.19 -27.19
N PHE A 348 -5.39 -21.63 -26.62
CA PHE A 348 -4.26 -20.77 -26.35
C PHE A 348 -3.70 -20.15 -27.63
N TYR A 349 -3.69 -20.90 -28.70
CA TYR A 349 -3.21 -20.36 -29.93
C TYR A 349 -4.12 -19.25 -30.36
N LYS A 350 -5.41 -19.47 -30.20
CA LYS A 350 -6.44 -18.51 -30.56
C LYS A 350 -6.36 -17.26 -29.73
N SER A 351 -6.12 -17.43 -28.46
CA SER A 351 -5.99 -16.32 -27.54
C SER A 351 -4.84 -15.45 -27.90
N VAL A 352 -3.74 -16.04 -28.31
CA VAL A 352 -2.62 -15.26 -28.75
C VAL A 352 -2.95 -14.47 -29.97
N GLU A 353 -3.67 -15.06 -30.90
CA GLU A 353 -3.98 -14.36 -32.12
C GLU A 353 -4.78 -13.12 -31.84
N TYR A 354 -5.77 -13.20 -30.97
CA TYR A 354 -6.53 -12.01 -30.68
C TYR A 354 -5.72 -10.92 -30.00
N PHE A 355 -4.89 -11.27 -29.05
CA PHE A 355 -4.08 -10.26 -28.41
C PHE A 355 -3.15 -9.68 -29.44
N LYS A 356 -2.60 -10.51 -30.31
CA LYS A 356 -1.77 -9.95 -31.36
C LYS A 356 -2.54 -8.90 -32.16
N LEU A 357 -3.81 -9.16 -32.54
CA LEU A 357 -4.61 -8.25 -33.35
C LEU A 357 -4.79 -6.97 -32.55
N SER A 358 -5.18 -7.17 -31.28
CA SER A 358 -5.31 -6.08 -30.32
C SER A 358 -3.98 -5.36 -30.02
N GLN A 359 -2.82 -5.97 -30.29
CA GLN A 359 -1.51 -5.35 -30.11
C GLN A 359 -1.33 -5.10 -28.61
N ASP A 360 -1.75 -6.08 -27.80
CA ASP A 360 -1.68 -6.00 -26.37
C ASP A 360 -0.47 -6.80 -25.88
N LYS A 361 0.68 -6.15 -25.70
CA LYS A 361 1.93 -6.83 -25.42
C LYS A 361 2.08 -7.17 -23.94
N LEU A 362 1.13 -6.76 -23.10
CA LEU A 362 1.16 -7.15 -21.69
C LEU A 362 0.45 -8.49 -21.52
N PHE A 363 -0.78 -8.56 -22.02
CA PHE A 363 -1.65 -9.71 -21.83
C PHE A 363 -1.40 -10.84 -22.81
N ILE A 364 -0.56 -10.65 -23.83
CA ILE A 364 -0.23 -11.76 -24.72
C ILE A 364 0.57 -12.82 -23.96
N LYS A 365 1.36 -12.40 -22.95
CA LYS A 365 2.16 -13.28 -22.12
C LYS A 365 1.31 -14.31 -21.36
N MET A 366 0.03 -14.05 -21.08
CA MET A 366 -0.74 -15.07 -20.38
C MET A 366 -0.82 -16.35 -21.20
N PRO A 367 -1.44 -16.37 -22.40
CA PRO A 367 -1.42 -17.60 -23.19
C PRO A 367 -0.02 -18.09 -23.53
N LEU A 368 0.94 -17.18 -23.72
CA LEU A 368 2.30 -17.58 -24.09
C LEU A 368 2.96 -18.41 -22.99
N ILE A 369 2.72 -18.06 -21.71
CA ILE A 369 3.26 -18.83 -20.60
C ILE A 369 2.65 -20.22 -20.62
N LYS A 370 1.31 -20.31 -20.74
CA LYS A 370 0.66 -21.62 -20.84
C LYS A 370 1.26 -22.49 -21.96
N LEU A 371 1.38 -21.93 -23.16
CA LEU A 371 1.95 -22.63 -24.30
C LEU A 371 3.38 -23.10 -24.02
N GLU A 372 4.15 -22.33 -23.24
CA GLU A 372 5.52 -22.71 -22.87
C GLU A 372 5.50 -23.95 -21.98
N SER A 373 4.56 -23.99 -21.03
CA SER A 373 4.40 -25.10 -20.11
C SER A 373 3.89 -26.38 -20.80
N LEU A 374 3.32 -26.31 -22.00
CA LEU A 374 2.98 -27.47 -22.81
C LEU A 374 4.10 -27.84 -23.79
N GLY A 375 5.31 -27.28 -23.58
CA GLY A 375 6.51 -27.75 -24.25
C GLY A 375 6.66 -27.13 -25.65
N GLU A 376 6.07 -25.94 -25.85
CA GLU A 376 6.18 -25.22 -27.12
C GLU A 376 7.55 -24.56 -27.24
N ASN A 377 8.06 -24.43 -28.48
CA ASN A 377 9.44 -24.02 -28.70
C ASN A 377 9.65 -22.62 -28.11
N PRO A 378 10.50 -22.48 -27.07
CA PRO A 378 10.64 -21.20 -26.37
C PRO A 378 11.00 -19.98 -27.22
N ARG A 379 11.84 -20.18 -28.24
CA ARG A 379 12.32 -19.12 -29.12
C ARG A 379 11.19 -18.55 -29.98
N LEU A 380 10.36 -19.44 -30.54
CA LEU A 380 9.19 -19.07 -31.31
C LEU A 380 8.23 -18.28 -30.42
N LEU A 381 8.02 -18.70 -29.19
CA LEU A 381 7.16 -17.93 -28.31
C LEU A 381 7.76 -16.57 -27.98
N LYS A 382 9.07 -16.47 -27.90
CA LYS A 382 9.65 -15.17 -27.65
C LYS A 382 9.37 -14.25 -28.80
N ILE A 383 9.57 -14.72 -30.02
CA ILE A 383 9.25 -13.92 -31.21
C ILE A 383 7.85 -13.30 -31.13
N ILE A 384 6.84 -14.07 -30.72
CA ILE A 384 5.51 -13.55 -30.47
C ILE A 384 5.49 -12.46 -29.38
N SER A 385 6.25 -12.61 -28.27
CA SER A 385 6.14 -11.71 -27.11
C SER A 385 6.56 -10.28 -27.46
N MET A 386 7.56 -10.21 -28.35
CA MET A 386 8.24 -8.96 -28.64
C MET A 386 7.23 -8.13 -29.46
N GLY B 1 -11.37 -10.30 -18.31
CA GLY B 1 -11.30 -8.90 -18.81
C GLY B 1 -10.55 -7.95 -17.88
N VAL B 2 -9.62 -7.11 -18.41
CA VAL B 2 -8.97 -6.03 -17.68
C VAL B 2 -9.34 -4.73 -18.40
N VAL B 3 -9.88 -3.76 -17.66
CA VAL B 3 -10.23 -2.46 -18.21
C VAL B 3 -9.06 -1.50 -17.98
N ARG B 4 -8.94 -0.49 -18.87
CA ARG B 4 -7.96 0.58 -18.80
C ARG B 4 -8.75 1.85 -19.07
N GLY B 5 -8.64 2.85 -18.21
CA GLY B 5 -9.07 4.20 -18.53
C GLY B 5 -7.87 5.13 -18.62
N ALA B 6 -8.06 6.29 -19.30
CA ALA B 6 -7.05 7.34 -19.53
C ALA B 6 -7.48 8.75 -19.04
N SER C 46 -1.76 -33.75 12.13
CA SER C 46 -2.94 -34.20 12.87
C SER C 46 -4.16 -34.17 12.00
N GLU C 47 -5.22 -34.82 12.44
CA GLU C 47 -6.41 -34.84 11.61
C GLU C 47 -7.12 -33.53 11.37
N PHE C 48 -7.41 -32.80 12.43
CA PHE C 48 -8.16 -31.58 12.29
C PHE C 48 -7.39 -30.57 11.48
N ASN C 49 -6.11 -30.46 11.77
CA ASN C 49 -5.29 -29.52 11.06
C ASN C 49 -5.25 -29.87 9.61
N SER C 50 -5.09 -31.15 9.30
CA SER C 50 -5.05 -31.59 7.91
C SER C 50 -6.38 -31.40 7.27
N ILE C 51 -7.43 -31.66 8.00
CA ILE C 51 -8.73 -31.41 7.43
C ILE C 51 -8.80 -29.92 7.17
N VAL C 52 -8.35 -29.10 8.10
CA VAL C 52 -8.39 -27.65 7.89
C VAL C 52 -7.44 -27.25 6.76
N ASN C 53 -6.23 -27.78 6.76
CA ASN C 53 -5.21 -27.46 5.77
C ASN C 53 -5.69 -27.87 4.37
N ILE C 54 -6.35 -29.05 4.26
CA ILE C 54 -7.00 -29.46 3.01
C ILE C 54 -8.04 -28.43 2.59
N VAL C 55 -9.06 -28.17 3.43
CA VAL C 55 -10.13 -27.25 3.07
C VAL C 55 -9.55 -25.88 2.66
N LYS C 56 -8.68 -25.31 3.53
CA LYS C 56 -8.03 -24.04 3.32
C LYS C 56 -7.40 -23.94 1.93
N THR C 57 -6.65 -24.97 1.47
CA THR C 57 -5.95 -24.87 0.18
C THR C 57 -6.86 -25.21 -0.99
N HIS C 58 -7.61 -26.32 -0.91
CA HIS C 58 -8.21 -26.91 -2.10
C HIS C 58 -9.63 -26.40 -2.36
N TYR C 59 -10.32 -25.95 -1.31
CA TYR C 59 -11.70 -25.49 -1.47
C TYR C 59 -11.87 -24.17 -0.75
N PRO C 60 -11.02 -23.12 -1.01
CA PRO C 60 -11.00 -21.88 -0.22
C PRO C 60 -12.32 -21.16 -0.02
N ASP C 61 -13.10 -21.01 -1.12
CA ASP C 61 -14.31 -20.21 -1.14
C ASP C 61 -15.54 -21.08 -0.88
N GLN C 62 -15.34 -22.19 -0.15
CA GLN C 62 -16.36 -23.05 0.40
C GLN C 62 -16.09 -23.33 1.90
N GLU C 63 -15.14 -22.58 2.55
CA GLU C 63 -14.44 -23.09 3.72
C GLU C 63 -15.43 -23.24 4.87
N TYR C 64 -16.25 -22.21 5.11
CA TYR C 64 -17.18 -22.23 6.20
C TYR C 64 -18.28 -23.29 6.02
N GLU C 65 -18.74 -23.47 4.81
CA GLU C 65 -19.75 -24.47 4.54
C GLU C 65 -19.23 -25.86 4.82
N LEU C 66 -18.01 -26.13 4.39
CA LEU C 66 -17.41 -27.42 4.60
C LEU C 66 -17.13 -27.72 6.02
N MET C 67 -16.56 -26.76 6.72
CA MET C 67 -16.19 -26.89 8.13
C MET C 67 -17.27 -27.04 9.17
N GLU C 68 -18.38 -26.36 8.99
CA GLU C 68 -19.44 -26.47 9.96
C GLU C 68 -19.95 -27.87 9.99
N ASN C 69 -20.11 -28.48 8.84
CA ASN C 69 -20.58 -29.84 8.79
C ASN C 69 -19.65 -30.74 9.62
N TYR C 70 -18.36 -30.68 9.27
CA TYR C 70 -17.34 -31.58 9.78
C TYR C 70 -17.22 -31.41 11.28
N CYS C 71 -17.31 -30.16 11.78
CA CYS C 71 -17.20 -29.80 13.19
C CYS C 71 -18.38 -30.25 14.02
N LEU C 72 -19.61 -30.01 13.53
CA LEU C 72 -20.83 -30.45 14.21
C LEU C 72 -21.01 -31.98 14.30
N LEU C 73 -20.40 -32.76 13.39
CA LEU C 73 -20.55 -34.22 13.35
C LEU C 73 -19.66 -34.87 14.42
N LEU C 74 -18.47 -34.30 14.60
CA LEU C 74 -17.43 -34.78 15.51
C LEU C 74 -18.00 -35.00 16.92
N ASP C 75 -17.49 -36.06 17.58
CA ASP C 75 -17.84 -36.39 18.94
C ASP C 75 -17.22 -35.37 19.89
N PRO C 76 -17.96 -34.75 20.84
CA PRO C 76 -17.37 -33.86 21.84
C PRO C 76 -16.06 -34.36 22.44
N ASN C 77 -15.99 -35.64 22.81
CA ASN C 77 -14.91 -36.15 23.64
C ASN C 77 -13.57 -36.15 22.88
N THR C 78 -13.58 -36.05 21.54
CA THR C 78 -12.41 -36.22 20.69
C THR C 78 -11.42 -35.07 20.69
N LYS C 79 -10.19 -35.35 20.22
CA LYS C 79 -9.16 -34.32 20.09
C LYS C 79 -9.69 -33.12 19.23
N ALA C 80 -10.09 -33.52 18.03
CA ALA C 80 -10.65 -32.68 17.01
C ALA C 80 -11.86 -31.82 17.37
N ALA C 81 -12.78 -32.40 18.10
CA ALA C 81 -13.94 -31.70 18.49
C ALA C 81 -13.47 -30.59 19.33
N ARG C 82 -12.52 -30.83 20.19
CA ARG C 82 -12.02 -29.76 21.01
C ARG C 82 -11.28 -28.67 20.21
N SER C 83 -10.50 -29.06 19.23
CA SER C 83 -9.82 -28.11 18.38
C SER C 83 -10.85 -27.30 17.65
N ALA C 84 -11.93 -27.93 17.27
CA ALA C 84 -12.96 -27.24 16.50
C ALA C 84 -13.59 -26.07 17.22
N LEU C 85 -13.66 -26.14 18.56
CA LEU C 85 -14.14 -25.01 19.34
C LEU C 85 -13.26 -23.76 19.13
N GLU C 86 -11.96 -24.00 19.04
CA GLU C 86 -11.02 -22.92 18.85
C GLU C 86 -11.13 -22.39 17.45
N TYR C 87 -11.15 -23.26 16.48
CA TYR C 87 -11.29 -22.82 15.09
C TYR C 87 -12.48 -21.87 15.02
N ALA C 88 -13.61 -22.30 15.61
CA ALA C 88 -14.87 -21.60 15.50
C ALA C 88 -14.77 -20.22 16.12
N ASP C 89 -14.19 -20.15 17.32
CA ASP C 89 -14.11 -18.89 18.05
C ASP C 89 -13.03 -17.95 17.52
N ALA C 90 -11.81 -18.44 17.36
CA ALA C 90 -10.82 -17.64 16.68
C ALA C 90 -11.31 -17.07 15.32
N ASN C 91 -12.28 -17.69 14.65
CA ASN C 91 -12.81 -17.15 13.41
C ASN C 91 -14.02 -16.25 13.62
N SER C 92 -14.57 -16.19 14.83
CA SER C 92 -15.77 -15.41 15.14
C SER C 92 -16.98 -15.91 14.34
N PHE C 93 -17.01 -17.22 14.06
CA PHE C 93 -18.15 -17.92 13.53
C PHE C 93 -19.09 -18.22 14.69
N ASN C 94 -19.99 -17.27 14.99
CA ASN C 94 -20.65 -17.27 16.29
C ASN C 94 -21.58 -18.47 16.51
N THR C 95 -22.59 -18.58 15.63
CA THR C 95 -23.55 -19.68 15.63
C THR C 95 -22.84 -21.04 15.79
N LEU C 96 -21.76 -21.28 15.02
CA LEU C 96 -21.02 -22.53 15.09
C LEU C 96 -20.33 -22.66 16.45
N THR C 97 -19.76 -21.53 16.94
CA THR C 97 -19.16 -21.55 18.26
C THR C 97 -20.19 -21.90 19.34
N ASP C 98 -21.39 -21.32 19.24
CA ASP C 98 -22.44 -21.56 20.22
C ASP C 98 -22.94 -23.00 20.16
N LYS C 99 -23.04 -23.57 18.96
CA LYS C 99 -23.46 -24.96 18.78
C LYS C 99 -22.45 -25.94 19.36
N LEU C 100 -21.14 -25.70 19.09
CA LEU C 100 -20.07 -26.55 19.62
C LEU C 100 -20.07 -26.51 21.15
N VAL C 101 -20.26 -25.31 21.74
CA VAL C 101 -20.31 -25.11 23.19
C VAL C 101 -21.29 -26.05 23.86
N GLU C 102 -22.55 -26.10 23.38
CA GLU C 102 -23.60 -26.84 24.09
C GLU C 102 -23.21 -28.32 24.21
N LYS C 103 -22.87 -28.95 23.07
CA LYS C 103 -22.54 -30.36 23.03
C LYS C 103 -21.33 -30.65 23.92
N MET C 104 -20.34 -29.74 23.93
CA MET C 104 -19.09 -29.92 24.66
C MET C 104 -19.27 -29.87 26.18
N SER C 105 -20.15 -28.98 26.67
CA SER C 105 -20.44 -28.82 28.09
C SER C 105 -20.95 -30.11 28.73
N ILE C 106 -21.71 -30.92 27.97
CA ILE C 106 -22.31 -32.19 28.36
C ILE C 106 -21.36 -33.40 28.36
N ALA C 107 -20.11 -33.29 27.88
CA ALA C 107 -19.31 -34.44 27.48
C ALA C 107 -18.96 -35.33 28.68
N SER C 108 -18.75 -36.63 28.42
CA SER C 108 -18.24 -37.54 29.44
C SER C 108 -16.82 -37.14 29.83
N ASN C 109 -15.98 -36.90 28.82
CA ASN C 109 -14.64 -36.36 28.98
C ASN C 109 -14.71 -35.02 29.71
N LEU C 110 -13.74 -34.84 30.62
CA LEU C 110 -13.65 -33.68 31.49
C LEU C 110 -13.07 -32.48 30.74
N LYS C 111 -12.15 -32.70 29.79
CA LYS C 111 -11.57 -31.64 28.99
C LYS C 111 -12.66 -30.95 28.16
N SER C 112 -13.51 -31.75 27.50
CA SER C 112 -14.63 -31.23 26.75
C SER C 112 -15.65 -30.50 27.64
N LYS C 113 -15.88 -31.02 28.84
CA LYS C 113 -16.77 -30.35 29.77
C LYS C 113 -16.20 -29.00 30.18
N GLU C 114 -14.88 -28.94 30.46
CA GLU C 114 -14.17 -27.74 30.89
C GLU C 114 -14.28 -26.67 29.81
N TYR C 115 -13.71 -27.01 28.64
CA TYR C 115 -13.63 -26.12 27.51
C TYR C 115 -15.04 -25.63 27.25
N GLY C 116 -16.04 -26.52 27.25
CA GLY C 116 -17.42 -26.13 27.02
C GLY C 116 -17.80 -24.99 27.98
N LYS C 117 -17.47 -25.22 29.26
CA LYS C 117 -17.91 -24.30 30.28
C LYS C 117 -17.21 -22.95 30.17
N ILE C 118 -15.93 -22.91 29.80
CA ILE C 118 -15.20 -21.66 29.70
C ILE C 118 -15.56 -20.82 28.47
N TYR C 119 -15.54 -21.46 27.29
CA TYR C 119 -16.08 -20.83 26.09
C TYR C 119 -17.51 -20.30 26.30
N GLU C 120 -18.34 -21.01 27.08
CA GLU C 120 -19.71 -20.58 27.35
C GLU C 120 -19.69 -19.16 27.94
N ILE C 121 -18.75 -18.93 28.86
CA ILE C 121 -18.59 -17.65 29.54
C ILE C 121 -18.11 -16.61 28.52
N HIS C 122 -17.04 -16.97 27.79
CA HIS C 122 -16.43 -16.08 26.82
C HIS C 122 -17.48 -15.55 25.81
N ARG C 123 -18.38 -16.43 25.41
CA ARG C 123 -19.47 -16.13 24.50
C ARG C 123 -20.54 -15.23 25.07
N LYS C 124 -20.87 -15.48 26.32
CA LYS C 124 -21.81 -14.64 27.05
C LYS C 124 -21.23 -13.24 27.29
N LEU C 125 -19.90 -13.17 27.48
CA LEU C 125 -19.21 -11.90 27.62
C LEU C 125 -19.22 -11.10 26.32
N SER C 126 -18.88 -11.76 25.18
CA SER C 126 -18.81 -11.10 23.88
C SER C 126 -20.17 -10.57 23.40
N ARG C 127 -21.25 -11.35 23.59
CA ARG C 127 -22.63 -10.93 23.31
C ARG C 127 -23.09 -9.81 24.26
N GLY C 128 -22.47 -9.69 25.44
CA GLY C 128 -22.81 -8.66 26.41
C GLY C 128 -24.05 -9.03 27.23
N GLU C 129 -24.36 -10.34 27.26
CA GLU C 129 -25.34 -10.90 28.17
C GLU C 129 -24.94 -10.70 29.63
N ILE C 130 -23.66 -10.49 29.86
CA ILE C 130 -23.21 -10.27 31.22
C ILE C 130 -22.15 -9.20 31.27
N ASP C 131 -21.96 -8.61 32.44
CA ASP C 131 -20.96 -7.58 32.68
C ASP C 131 -19.58 -8.18 32.83
N VAL C 132 -18.56 -7.35 32.78
CA VAL C 132 -17.22 -7.86 33.00
C VAL C 132 -17.07 -8.33 34.43
N LEU C 133 -17.72 -7.66 35.37
CA LEU C 133 -17.58 -8.03 36.75
C LEU C 133 -18.02 -9.45 36.92
N GLU C 134 -19.18 -9.74 36.37
CA GLU C 134 -19.78 -11.06 36.47
C GLU C 134 -18.93 -12.16 35.90
N ALA C 135 -18.35 -11.90 34.76
CA ALA C 135 -17.47 -12.84 34.17
C ALA C 135 -16.28 -13.18 35.02
N SER C 136 -15.68 -12.18 35.65
CA SER C 136 -14.51 -12.40 36.45
C SER C 136 -14.87 -13.33 37.56
N LYS C 137 -16.06 -13.14 38.09
CA LYS C 137 -16.60 -13.98 39.15
C LYS C 137 -16.80 -15.42 38.70
N ASN C 138 -17.30 -15.63 37.47
CA ASN C 138 -17.59 -16.96 36.90
C ASN C 138 -16.32 -17.78 36.66
N ILE C 139 -15.20 -17.10 36.44
CA ILE C 139 -13.91 -17.75 36.23
C ILE C 139 -13.32 -18.16 37.58
N GLY C 140 -13.52 -17.32 38.61
CA GLY C 140 -13.08 -17.53 39.98
C GLY C 140 -13.66 -18.79 40.61
N LYS C 141 -14.94 -19.04 40.41
CA LYS C 141 -15.62 -20.17 41.00
C LYS C 141 -15.17 -21.55 40.61
N TYR C 142 -15.06 -21.81 39.32
CA TYR C 142 -14.46 -23.06 38.94
C TYR C 142 -13.00 -22.87 39.26
N ARG C 143 -12.32 -23.96 39.43
CA ARG C 143 -10.90 -23.81 39.57
C ARG C 143 -10.44 -24.50 38.33
N ILE C 144 -9.69 -23.80 37.49
CA ILE C 144 -9.27 -24.50 36.29
C ILE C 144 -8.45 -25.78 36.45
N LYS C 145 -8.86 -26.81 35.70
CA LYS C 145 -8.21 -28.09 35.68
C LYS C 145 -7.22 -28.07 34.54
N THR C 146 -7.73 -27.87 33.33
CA THR C 146 -6.86 -27.71 32.16
C THR C 146 -5.94 -26.50 31.96
N ASP C 147 -4.72 -26.72 31.46
CA ASP C 147 -3.71 -25.66 31.34
C ASP C 147 -4.11 -24.65 30.27
N GLU C 148 -4.73 -25.17 29.21
CA GLU C 148 -5.24 -24.39 28.08
C GLU C 148 -6.30 -23.43 28.59
N MET C 149 -7.31 -23.95 29.31
CA MET C 149 -8.40 -23.08 29.74
C MET C 149 -8.02 -22.18 30.90
N ASN C 150 -6.91 -22.49 31.57
CA ASN C 150 -6.26 -21.57 32.49
C ASN C 150 -5.76 -20.35 31.72
N ILE C 151 -5.09 -20.60 30.59
CA ILE C 151 -4.53 -19.53 29.77
C ILE C 151 -5.64 -18.75 29.05
N PHE C 152 -6.65 -19.44 28.55
CA PHE C 152 -7.72 -18.80 27.79
C PHE C 152 -8.58 -17.92 28.69
N SER C 153 -8.81 -18.36 29.94
CA SER C 153 -9.59 -17.60 30.90
C SER C 153 -8.97 -16.24 31.15
N LYS C 154 -7.64 -16.16 31.21
CA LYS C 154 -6.93 -14.89 31.42
C LYS C 154 -7.22 -13.89 30.31
N MET C 155 -7.21 -14.36 29.06
CA MET C 155 -7.44 -13.49 27.92
C MET C 155 -8.91 -13.07 27.79
N ILE C 156 -9.87 -13.78 28.42
CA ILE C 156 -11.33 -13.56 28.30
C ILE C 156 -11.69 -12.12 28.64
N PRO C 157 -11.31 -11.58 29.83
CA PRO C 157 -11.63 -10.20 30.20
C PRO C 157 -10.95 -9.17 29.29
N MET C 158 -9.71 -9.46 28.88
CA MET C 158 -8.94 -8.51 28.08
C MET C 158 -9.67 -8.13 26.80
N TYR C 159 -10.41 -9.07 26.17
CA TYR C 159 -11.27 -8.78 25.03
C TYR C 159 -12.25 -7.66 25.38
N ASP C 160 -12.86 -7.79 26.56
CA ASP C 160 -13.89 -6.86 26.97
C ASP C 160 -13.30 -5.48 27.24
N TYR C 161 -12.25 -5.43 28.07
CA TYR C 161 -11.50 -4.20 28.26
C TYR C 161 -11.23 -3.51 26.91
N LEU C 162 -10.61 -4.20 25.97
CA LEU C 162 -10.17 -3.55 24.75
C LEU C 162 -11.36 -2.95 24.02
N SER C 163 -12.46 -3.73 23.92
CA SER C 163 -13.74 -3.28 23.38
C SER C 163 -14.21 -2.02 24.12
N LYS C 164 -14.21 -2.06 25.46
CA LYS C 164 -14.76 -0.96 26.26
C LYS C 164 -13.78 0.22 26.55
N GLY C 165 -12.60 0.27 25.94
CA GLY C 165 -11.69 1.38 26.10
C GLY C 165 -10.91 1.37 27.43
N ASN C 166 -11.23 0.49 28.38
CA ASN C 166 -10.68 0.56 29.72
C ASN C 166 -9.33 -0.14 29.71
N PHE C 167 -8.26 0.57 29.39
CA PHE C 167 -6.99 -0.06 29.05
C PHE C 167 -6.32 -0.35 30.40
N SER C 168 -6.81 0.11 31.51
CA SER C 168 -6.01 -0.03 32.71
C SER C 168 -5.57 -1.44 33.13
N PRO C 169 -6.46 -2.42 33.12
CA PRO C 169 -6.09 -3.75 33.59
C PRO C 169 -5.46 -4.72 32.64
N MET C 170 -5.31 -4.34 31.38
CA MET C 170 -4.77 -5.25 30.39
C MET C 170 -3.33 -5.77 30.49
N LYS C 171 -2.41 -4.91 30.90
CA LYS C 171 -0.98 -5.23 30.85
C LYS C 171 -0.67 -6.34 31.86
N SER C 172 -1.12 -6.07 33.09
CA SER C 172 -0.92 -6.92 34.25
C SER C 172 -1.50 -8.31 34.03
N LEU C 173 -2.75 -8.37 33.54
CA LEU C 173 -3.48 -9.61 33.30
C LEU C 173 -2.79 -10.48 32.27
N LEU C 174 -2.10 -9.85 31.30
CA LEU C 174 -1.44 -10.57 30.24
C LEU C 174 -0.25 -11.42 30.70
N LYS C 175 0.64 -10.90 31.57
CA LYS C 175 1.93 -11.52 31.84
C LYS C 175 1.87 -12.88 32.57
N GLN C 176 0.70 -13.17 33.16
CA GLN C 176 0.40 -14.37 33.92
C GLN C 176 0.58 -15.57 32.95
N ILE C 177 0.29 -15.38 31.66
CA ILE C 177 0.23 -16.42 30.65
C ILE C 177 1.65 -16.89 30.30
N ASP C 178 1.86 -18.22 30.29
CA ASP C 178 3.03 -18.84 29.68
C ASP C 178 2.59 -19.88 28.64
N LEU C 179 3.18 -19.87 27.42
CA LEU C 179 2.75 -20.73 26.32
C LEU C 179 3.56 -22.04 26.33
N ASN C 180 4.49 -22.22 27.30
CA ASN C 180 5.12 -23.52 27.53
C ASN C 180 4.22 -24.53 28.29
N ASP C 181 3.27 -23.98 29.06
CA ASP C 181 2.16 -24.75 29.64
C ASP C 181 1.37 -25.60 28.64
N ILE C 182 1.19 -25.12 27.41
CA ILE C 182 0.68 -25.91 26.29
C ILE C 182 1.88 -26.60 25.61
N LYS C 183 1.87 -27.94 25.66
CA LYS C 183 2.65 -28.85 24.84
C LYS C 183 1.83 -30.12 24.52
N GLU C 184 0.49 -29.99 24.47
CA GLU C 184 -0.46 -31.11 24.40
C GLU C 184 -1.30 -31.00 23.12
N ASN C 185 -1.94 -29.84 22.94
CA ASN C 185 -2.89 -29.54 21.87
C ASN C 185 -2.18 -28.52 20.97
N ASN C 186 -1.47 -28.99 19.92
CA ASN C 186 -0.61 -28.13 19.10
C ASN C 186 -1.40 -27.12 18.25
N TYR C 187 -2.65 -27.47 17.95
CA TYR C 187 -3.55 -26.52 17.33
C TYR C 187 -3.98 -25.42 18.30
N LEU C 188 -4.35 -25.73 19.55
CA LEU C 188 -4.67 -24.68 20.52
C LEU C 188 -3.35 -23.99 20.87
N LYS C 189 -2.25 -24.76 20.82
CA LYS C 189 -0.92 -24.17 20.97
C LYS C 189 -0.84 -22.91 20.08
N LYS C 190 -0.96 -23.14 18.76
CA LYS C 190 -0.74 -22.05 17.81
C LYS C 190 -1.76 -20.92 17.74
N SER C 191 -3.07 -21.23 17.85
CA SER C 191 -4.10 -20.21 17.73
C SER C 191 -3.92 -19.15 18.82
N PHE C 192 -3.43 -19.57 20.01
CA PHE C 192 -3.25 -18.72 21.17
C PHE C 192 -2.01 -17.87 21.01
N GLU C 193 -0.95 -18.37 20.36
CA GLU C 193 0.19 -17.54 20.02
C GLU C 193 -0.30 -16.35 19.20
N THR C 194 -1.12 -16.61 18.20
CA THR C 194 -1.63 -15.54 17.35
C THR C 194 -2.52 -14.62 18.19
N ARG C 195 -3.38 -15.21 19.02
CA ARG C 195 -4.23 -14.45 19.93
C ARG C 195 -3.40 -13.51 20.80
N ILE C 196 -2.32 -14.00 21.39
CA ILE C 196 -1.49 -13.16 22.24
C ILE C 196 -0.72 -12.12 21.42
N TYR C 197 -0.14 -12.51 20.28
CA TYR C 197 0.57 -11.52 19.46
C TYR C 197 -0.36 -10.36 19.12
N VAL C 198 -1.62 -10.65 18.85
CA VAL C 198 -2.55 -9.59 18.52
C VAL C 198 -2.86 -8.74 19.75
N LEU C 199 -3.21 -9.37 20.87
CA LEU C 199 -3.54 -8.67 22.10
C LEU C 199 -2.39 -7.76 22.54
N LEU C 200 -1.17 -8.27 22.49
CA LEU C 200 0.02 -7.47 22.75
C LEU C 200 0.10 -6.30 21.79
N SER C 201 -0.20 -6.54 20.51
CA SER C 201 -0.12 -5.47 19.51
C SER C 201 -1.04 -4.31 19.90
N ASN C 202 -2.21 -4.60 20.49
CA ASN C 202 -3.08 -3.58 21.02
C ASN C 202 -2.56 -2.95 22.33
N ILE C 203 -2.05 -3.75 23.27
CA ILE C 203 -1.58 -3.22 24.54
C ILE C 203 -0.48 -2.19 24.34
N TYR C 204 0.50 -2.49 23.48
CA TYR C 204 1.58 -1.56 23.22
C TYR C 204 1.10 -0.34 22.40
N LEU C 205 0.11 -0.54 21.51
CA LEU C 205 -0.55 0.58 20.85
C LEU C 205 -1.02 1.61 21.90
N ASN C 206 -1.80 1.15 22.90
CA ASN C 206 -2.37 2.07 23.87
C ASN C 206 -1.30 2.59 24.82
N GLU C 207 -0.19 1.87 24.97
CA GLU C 207 0.92 2.40 25.75
C GLU C 207 1.77 3.36 24.93
N ASN C 208 1.45 3.56 23.65
CA ASN C 208 2.16 4.50 22.79
C ASN C 208 3.59 4.02 22.53
N GLU C 209 3.69 2.70 22.31
CA GLU C 209 4.92 2.06 21.89
C GLU C 209 4.69 1.50 20.49
N LEU C 210 4.77 2.41 19.51
CA LEU C 210 4.30 2.16 18.15
C LEU C 210 5.18 1.17 17.40
N GLU C 211 6.52 1.26 17.53
CA GLU C 211 7.38 0.31 16.85
C GLU C 211 7.05 -1.10 17.36
N LEU C 212 6.82 -1.22 18.67
CA LEU C 212 6.45 -2.49 19.28
C LEU C 212 5.08 -2.98 18.84
N SER C 213 4.09 -2.10 18.84
CA SER C 213 2.77 -2.51 18.36
C SER C 213 2.85 -3.20 16.99
N ARG C 214 3.63 -2.60 16.06
CA ARG C 214 3.73 -3.09 14.70
C ARG C 214 4.47 -4.42 14.65
N LYS C 215 5.57 -4.52 15.43
CA LYS C 215 6.32 -5.75 15.53
C LYS C 215 5.36 -6.90 15.79
N TYR C 216 4.47 -6.72 16.78
CA TYR C 216 3.61 -7.78 17.26
C TYR C 216 2.52 -8.13 16.25
N ALA C 217 1.94 -7.10 15.60
CA ALA C 217 0.96 -7.35 14.55
C ALA C 217 1.60 -8.12 13.39
N GLU C 218 2.81 -7.69 12.99
CA GLU C 218 3.57 -8.34 11.93
C GLU C 218 3.85 -9.79 12.29
N LYS C 219 4.27 -10.05 13.54
CA LYS C 219 4.40 -11.41 14.02
C LYS C 219 3.10 -12.17 13.76
N ALA C 220 1.98 -11.61 14.22
CA ALA C 220 0.68 -12.26 14.16
C ALA C 220 0.35 -12.64 12.72
N ILE C 221 0.66 -11.76 11.76
CA ILE C 221 0.37 -11.96 10.34
C ILE C 221 1.11 -13.19 9.79
N LYS C 222 2.42 -13.28 10.05
CA LYS C 222 3.21 -14.42 9.58
C LYS C 222 2.83 -15.75 10.24
N SER C 223 2.33 -15.70 11.49
CA SER C 223 1.99 -16.87 12.30
C SER C 223 0.65 -17.51 11.91
N THR C 224 -0.24 -16.80 11.18
CA THR C 224 -1.63 -17.22 10.99
C THR C 224 -2.04 -17.06 9.53
N ASP C 225 -3.19 -17.65 9.16
CA ASP C 225 -4.00 -17.25 8.03
C ASP C 225 -5.49 -17.27 8.41
N THR C 226 -5.78 -17.03 9.70
CA THR C 226 -7.14 -16.81 10.17
C THR C 226 -7.50 -15.35 9.89
N LYS C 227 -8.67 -15.17 9.27
CA LYS C 227 -9.08 -13.87 8.74
C LYS C 227 -9.14 -12.88 9.89
N ARG C 228 -9.81 -13.28 10.97
CA ARG C 228 -10.00 -12.33 12.05
C ARG C 228 -8.70 -11.75 12.57
N PHE C 229 -7.71 -12.62 12.81
CA PHE C 229 -6.45 -12.14 13.32
C PHE C 229 -5.76 -11.30 12.25
N LEU C 230 -5.86 -11.72 10.98
CA LEU C 230 -5.32 -10.86 9.95
C LEU C 230 -6.02 -9.50 9.98
N VAL C 231 -7.36 -9.51 10.07
CA VAL C 231 -8.15 -8.28 10.12
C VAL C 231 -7.64 -7.36 11.23
N PHE C 232 -7.52 -7.88 12.43
CA PHE C 232 -7.18 -7.03 13.56
C PHE C 232 -5.70 -6.64 13.54
N SER C 233 -4.77 -7.51 13.13
CA SER C 233 -3.40 -7.09 12.87
C SER C 233 -3.40 -5.80 12.04
N TYR C 234 -4.08 -5.79 10.88
CA TYR C 234 -4.07 -4.67 9.96
C TYR C 234 -4.73 -3.44 10.56
N LEU C 235 -5.86 -3.63 11.27
CA LEU C 235 -6.49 -2.55 11.99
C LEU C 235 -5.46 -1.87 12.90
N THR C 236 -4.68 -2.65 13.64
CA THR C 236 -3.81 -2.09 14.62
C THR C 236 -2.62 -1.42 13.95
N ILE C 237 -2.07 -1.96 12.87
CA ILE C 237 -1.01 -1.25 12.15
C ILE C 237 -1.59 0.06 11.63
N GLY C 238 -2.75 -0.03 10.97
CA GLY C 238 -3.48 1.15 10.56
C GLY C 238 -3.56 2.22 11.65
N THR C 239 -3.98 1.83 12.86
CA THR C 239 -4.17 2.77 13.93
C THR C 239 -2.81 3.30 14.35
N SER C 240 -1.78 2.46 14.38
CA SER C 240 -0.45 2.88 14.84
C SER C 240 0.12 4.04 14.03
N TYR C 241 -0.33 4.21 12.79
CA TYR C 241 0.22 5.24 11.91
C TYR C 241 -0.67 6.48 11.88
N ILE C 242 -1.85 6.48 12.53
CA ILE C 242 -2.77 7.62 12.47
C ILE C 242 -2.06 8.96 12.53
N PHE C 243 -1.13 9.17 13.48
CA PHE C 243 -0.48 10.47 13.60
C PHE C 243 0.85 10.43 12.84
N SER C 244 1.52 9.25 12.89
CA SER C 244 2.86 9.06 12.34
C SER C 244 2.88 9.45 10.86
N ASP C 245 2.18 8.67 10.02
CA ASP C 245 2.23 8.76 8.56
C ASP C 245 0.87 8.41 7.99
N TYR C 246 0.09 9.45 7.60
CA TYR C 246 -1.17 9.31 6.89
C TYR C 246 -1.17 8.17 5.85
N ALA C 247 -0.16 8.16 4.98
CA ALA C 247 -0.12 7.23 3.86
C ALA C 247 -0.20 5.76 4.32
N LEU C 248 0.69 5.38 5.27
CA LEU C 248 0.84 4.00 5.69
C LEU C 248 -0.36 3.54 6.49
N SER C 249 -0.96 4.48 7.26
CA SER C 249 -2.23 4.26 7.92
C SER C 249 -3.28 3.80 6.90
N LYS C 250 -3.44 4.58 5.85
CA LYS C 250 -4.41 4.27 4.81
C LYS C 250 -4.13 2.91 4.14
N GLN C 251 -2.85 2.64 3.83
CA GLN C 251 -2.45 1.38 3.23
C GLN C 251 -2.90 0.21 4.09
N ASN C 252 -2.49 0.22 5.37
CA ASN C 252 -2.78 -0.88 6.27
C ASN C 252 -4.27 -1.04 6.53
N TYR C 253 -5.01 0.07 6.70
CA TYR C 253 -6.46 0.01 6.83
C TYR C 253 -7.13 -0.50 5.53
N LEU C 254 -6.61 -0.11 4.35
CA LEU C 254 -7.22 -0.58 3.12
C LEU C 254 -6.94 -2.08 2.87
N SER C 255 -5.74 -2.53 3.15
CA SER C 255 -5.40 -3.91 2.89
C SER C 255 -6.29 -4.76 3.70
N GLY C 256 -6.56 -4.34 4.92
CA GLY C 256 -7.45 -5.06 5.80
C GLY C 256 -8.85 -5.07 5.27
N TYR C 257 -9.28 -3.97 4.72
CA TYR C 257 -10.62 -3.88 4.23
C TYR C 257 -10.89 -4.86 3.13
N GLU C 258 -9.94 -5.09 2.22
CA GLU C 258 -10.10 -6.09 1.15
C GLU C 258 -10.25 -7.47 1.76
N ILE C 259 -9.50 -7.74 2.79
CA ILE C 259 -9.56 -9.00 3.46
C ILE C 259 -10.87 -9.23 4.13
N ALA C 260 -11.51 -8.21 4.63
CA ALA C 260 -12.77 -8.42 5.27
C ALA C 260 -13.99 -8.27 4.39
N LYS C 261 -13.85 -8.04 3.08
CA LYS C 261 -15.02 -7.91 2.22
C LYS C 261 -15.68 -9.28 2.35
N GLY C 262 -16.96 -9.32 2.65
CA GLY C 262 -17.71 -10.53 2.98
C GLY C 262 -18.37 -10.46 4.36
N ASN C 263 -17.64 -9.93 5.38
CA ASN C 263 -18.06 -9.94 6.78
C ASN C 263 -18.43 -8.52 7.15
N SER C 264 -19.72 -8.29 7.46
CA SER C 264 -20.25 -6.98 7.79
C SER C 264 -19.59 -6.38 9.04
N VAL C 265 -19.32 -7.27 10.01
CA VAL C 265 -18.92 -6.91 11.36
C VAL C 265 -17.46 -6.46 11.30
N PHE C 266 -16.62 -7.19 10.55
CA PHE C 266 -15.22 -6.86 10.33
C PHE C 266 -15.04 -5.65 9.40
N GLU C 267 -15.92 -5.50 8.38
CA GLU C 267 -15.91 -4.33 7.49
C GLU C 267 -16.01 -3.06 8.35
N GLU C 268 -16.96 -3.07 9.29
CA GLU C 268 -17.36 -1.88 10.02
C GLU C 268 -16.17 -1.27 10.75
N PHE C 269 -15.17 -2.08 11.15
CA PHE C 269 -14.05 -1.57 11.94
C PHE C 269 -13.17 -0.69 11.07
N PHE C 270 -12.96 -1.15 9.85
CA PHE C 270 -12.18 -0.40 8.87
C PHE C 270 -12.90 0.88 8.48
N LYS C 271 -14.22 0.82 8.32
CA LYS C 271 -14.99 1.98 7.89
C LYS C 271 -14.92 3.06 8.94
N ARG C 272 -15.21 2.68 10.18
CA ARG C 272 -15.13 3.59 11.32
C ARG C 272 -13.76 4.22 11.43
N ASN C 273 -12.69 3.44 11.18
CA ASN C 273 -11.31 3.90 11.36
C ASN C 273 -10.80 4.66 10.14
N LEU C 274 -11.36 4.37 8.97
CA LEU C 274 -11.01 5.16 7.83
C LEU C 274 -11.73 6.52 7.92
N SER C 275 -12.97 6.55 8.42
CA SER C 275 -13.68 7.82 8.66
C SER C 275 -12.84 8.72 9.56
N PHE C 276 -12.46 8.17 10.71
CA PHE C 276 -11.65 8.88 11.65
C PHE C 276 -10.38 9.36 10.96
N LEU C 277 -9.60 8.48 10.35
CA LEU C 277 -8.34 8.91 9.77
C LEU C 277 -8.56 10.12 8.84
N ASN C 278 -9.53 10.02 7.93
CA ASN C 278 -9.76 11.06 6.96
C ASN C 278 -10.31 12.32 7.62
N ASN C 279 -11.28 12.20 8.56
CA ASN C 279 -11.72 13.39 9.30
C ASN C 279 -10.54 14.08 9.98
N PHE C 280 -9.67 13.34 10.63
CA PHE C 280 -8.56 13.94 11.32
C PHE C 280 -7.57 14.64 10.42
N TRP C 281 -7.23 14.05 9.28
CA TRP C 281 -6.31 14.69 8.34
C TRP C 281 -7.05 15.67 7.41
N ASN C 282 -8.34 15.78 7.60
CA ASN C 282 -9.16 16.71 6.85
C ASN C 282 -9.15 16.44 5.38
N LYS C 283 -9.16 15.18 5.03
CA LYS C 283 -9.22 14.72 3.68
C LYS C 283 -10.65 14.40 3.32
N GLU C 284 -10.89 13.88 2.11
CA GLU C 284 -12.24 13.52 1.66
C GLU C 284 -12.74 12.37 2.45
N ASN C 285 -14.00 12.39 2.77
CA ASN C 285 -14.51 11.30 3.55
C ASN C 285 -15.75 10.64 3.04
N PRO C 286 -15.57 9.49 2.39
CA PRO C 286 -16.56 8.57 1.84
C PRO C 286 -16.84 7.44 2.77
N TRP C 287 -16.33 7.45 3.99
CA TRP C 287 -16.52 6.30 4.86
C TRP C 287 -17.62 6.50 5.89
N ILE C 288 -18.29 7.65 5.87
CA ILE C 288 -19.10 8.00 7.02
C ILE C 288 -20.41 7.24 6.92
N ASN C 289 -20.87 6.73 8.07
CA ASN C 289 -22.17 6.09 8.23
C ASN C 289 -23.11 7.08 8.92
N TYR C 290 -24.06 7.65 8.15
CA TYR C 290 -24.95 8.70 8.62
C TYR C 290 -26.23 8.13 9.22
N ASP C 291 -26.45 6.81 9.15
CA ASP C 291 -27.67 6.16 9.64
C ASP C 291 -27.40 5.30 10.88
N SER C 292 -26.38 5.69 11.65
CA SER C 292 -25.96 4.91 12.82
C SER C 292 -26.24 5.75 14.06
N ASN C 293 -26.73 5.08 15.13
CA ASN C 293 -26.86 5.67 16.45
C ASN C 293 -25.64 5.41 17.33
N ALA C 294 -24.76 4.49 16.90
CA ALA C 294 -23.53 4.20 17.63
C ALA C 294 -22.81 5.49 17.90
N VAL C 295 -22.50 5.76 19.17
CA VAL C 295 -21.75 6.94 19.60
C VAL C 295 -20.53 7.17 18.70
N THR C 296 -19.79 6.09 18.35
CA THR C 296 -18.57 6.21 17.56
C THR C 296 -18.84 6.65 16.11
N ASP C 297 -19.98 6.26 15.52
CA ASP C 297 -20.37 6.64 14.15
C ASP C 297 -20.91 8.08 14.08
N VAL C 298 -21.69 8.42 15.09
CA VAL C 298 -22.28 9.72 15.24
C VAL C 298 -21.16 10.68 15.42
N GLN C 299 -20.21 10.34 16.25
CA GLN C 299 -19.11 11.22 16.43
C GLN C 299 -18.27 11.45 15.20
N GLU C 300 -18.15 10.48 14.31
CA GLU C 300 -17.49 10.74 13.06
C GLU C 300 -18.34 11.77 12.29
N VAL C 301 -19.67 11.69 12.33
CA VAL C 301 -20.45 12.69 11.62
C VAL C 301 -20.00 14.06 12.10
N ILE C 302 -19.96 14.22 13.40
CA ILE C 302 -19.69 15.53 14.01
C ILE C 302 -18.38 16.20 13.61
N PHE C 303 -17.35 15.36 13.50
CA PHE C 303 -16.03 15.73 13.10
C PHE C 303 -15.98 16.19 11.67
N GLU C 304 -16.77 15.53 10.83
CA GLU C 304 -16.92 15.87 9.42
C GLU C 304 -17.47 17.30 9.39
N LEU C 305 -18.57 17.56 10.13
CA LEU C 305 -19.18 18.88 10.23
C LEU C 305 -18.17 19.92 10.65
N ILE C 306 -17.43 19.64 11.74
CA ILE C 306 -16.38 20.55 12.13
C ILE C 306 -15.41 20.85 10.98
N ASN C 307 -14.95 19.83 10.24
CA ASN C 307 -13.98 20.10 9.21
C ASN C 307 -14.51 21.03 8.15
N GLN C 308 -15.82 20.93 7.85
CA GLN C 308 -16.49 21.80 6.88
C GLN C 308 -17.02 23.09 7.52
N LYS C 309 -16.74 23.31 8.81
CA LYS C 309 -16.98 24.57 9.52
C LYS C 309 -18.48 24.84 9.72
N LYS C 310 -19.29 23.79 9.83
CA LYS C 310 -20.71 23.91 10.18
C LYS C 310 -20.83 23.66 11.70
N LEU C 311 -20.32 24.61 12.48
CA LEU C 311 -20.15 24.49 13.91
C LEU C 311 -21.49 24.61 14.67
N GLU C 312 -22.56 25.16 14.10
CA GLU C 312 -23.84 25.19 14.81
C GLU C 312 -24.41 23.79 14.88
N ARG C 313 -24.45 23.12 13.71
CA ARG C 313 -25.05 21.79 13.59
C ARG C 313 -24.23 20.76 14.36
N ALA C 314 -22.89 20.87 14.27
CA ALA C 314 -21.97 20.04 15.02
C ALA C 314 -22.20 20.14 16.52
N LEU C 315 -22.42 21.35 17.07
CA LEU C 315 -22.62 21.55 18.51
C LEU C 315 -23.96 21.02 19.02
N THR C 316 -25.03 21.22 18.24
CA THR C 316 -26.37 20.73 18.56
C THR C 316 -26.28 19.21 18.75
N LEU C 317 -25.61 18.56 17.81
CA LEU C 317 -25.56 17.12 17.69
C LEU C 317 -24.68 16.54 18.78
N LEU C 318 -23.57 17.23 19.10
CA LEU C 318 -22.64 16.85 20.14
C LEU C 318 -23.31 16.90 21.52
N LYS C 319 -24.17 17.92 21.74
CA LYS C 319 -24.92 18.03 22.98
C LYS C 319 -25.88 16.85 23.17
N SER C 320 -26.35 16.23 22.07
CA SER C 320 -27.26 15.08 22.12
C SER C 320 -26.53 13.81 22.57
N LEU C 321 -25.21 13.76 22.45
CA LEU C 321 -24.42 12.62 22.90
C LEU C 321 -24.13 12.70 24.41
N GLU C 322 -23.99 13.89 24.99
CA GLU C 322 -23.77 14.09 26.41
C GLU C 322 -24.76 13.29 27.29
N ARG C 323 -26.00 13.09 26.83
CA ARG C 323 -27.01 12.34 27.57
C ARG C 323 -26.80 10.82 27.48
N LYS C 324 -26.09 10.33 26.46
CA LYS C 324 -26.00 8.90 26.18
C LYS C 324 -25.01 8.17 27.10
N LYS C 325 -25.28 6.87 27.31
CA LYS C 325 -24.34 5.91 27.85
C LYS C 325 -23.06 5.90 27.01
N GLN C 326 -21.91 6.18 27.64
CA GLN C 326 -20.62 6.19 26.95
C GLN C 326 -19.51 5.72 27.89
N ASN C 327 -18.55 4.97 27.35
CA ASN C 327 -17.37 4.61 28.12
C ASN C 327 -16.47 5.84 28.25
N GLU C 328 -15.52 5.78 29.20
CA GLU C 328 -14.59 6.88 29.44
C GLU C 328 -13.84 7.29 28.16
N ASN C 329 -13.39 6.30 27.36
CA ASN C 329 -12.62 6.55 26.16
C ASN C 329 -13.44 7.32 25.12
N ASP C 330 -14.75 7.04 25.07
CA ASP C 330 -15.68 7.77 24.20
C ASP C 330 -15.81 9.24 24.64
N LEU C 331 -15.84 9.50 25.96
CA LEU C 331 -15.82 10.87 26.46
C LEU C 331 -14.50 11.55 26.08
N GLY C 332 -13.37 10.82 26.12
CA GLY C 332 -12.10 11.30 25.59
C GLY C 332 -12.27 12.01 24.24
N PHE C 333 -12.93 11.33 23.30
CA PHE C 333 -13.21 11.92 21.99
C PHE C 333 -14.31 12.98 22.12
N HIS C 334 -15.39 12.70 22.84
CA HIS C 334 -16.47 13.68 22.99
C HIS C 334 -15.95 15.08 23.31
N TYR C 335 -15.13 15.22 24.35
CA TYR C 335 -14.68 16.52 24.81
C TYR C 335 -13.60 17.05 23.88
N TYR C 336 -12.78 16.19 23.27
CA TYR C 336 -11.90 16.64 22.19
C TYR C 336 -12.70 17.37 21.13
N LEU C 337 -13.88 16.86 20.78
CA LEU C 337 -14.74 17.50 19.79
C LEU C 337 -15.30 18.84 20.28
N GLU C 338 -15.85 18.86 21.49
CA GLU C 338 -16.32 20.10 22.11
C GLU C 338 -15.21 21.13 22.04
N GLY C 339 -13.96 20.69 22.29
CA GLY C 339 -12.75 21.48 22.18
C GLY C 339 -12.54 22.15 20.82
N LEU C 340 -12.64 21.43 19.72
CA LEU C 340 -12.52 22.04 18.40
C LEU C 340 -13.61 23.07 18.10
N ILE C 341 -14.81 22.87 18.66
CA ILE C 341 -15.96 23.70 18.31
C ILE C 341 -15.84 25.07 18.96
N THR C 342 -15.64 25.07 20.29
CA THR C 342 -15.68 26.28 21.11
C THR C 342 -14.24 26.75 21.25
N ASN C 343 -13.30 25.82 21.20
CA ASN C 343 -11.88 26.09 21.41
C ASN C 343 -11.58 26.60 22.85
N ASP C 344 -12.43 26.17 23.80
CA ASP C 344 -12.30 26.52 25.21
C ASP C 344 -11.31 25.50 25.77
N LYS C 345 -10.41 25.90 26.68
CA LYS C 345 -9.43 25.03 27.28
C LYS C 345 -10.09 23.98 28.20
N GLU C 346 -11.21 24.37 28.80
CA GLU C 346 -12.01 23.49 29.64
C GLU C 346 -12.29 22.18 28.90
N ALA C 347 -12.85 22.30 27.69
CA ALA C 347 -13.08 21.09 26.88
C ALA C 347 -11.82 20.25 26.77
N PHE C 348 -10.72 20.84 26.29
CA PHE C 348 -9.47 20.15 26.14
C PHE C 348 -8.95 19.61 27.47
N TYR C 349 -9.13 20.35 28.56
CA TYR C 349 -8.78 19.79 29.87
C TYR C 349 -9.54 18.49 30.18
N LYS C 350 -10.89 18.52 30.05
CA LYS C 350 -11.69 17.32 30.29
C LYS C 350 -11.25 16.16 29.42
N SER C 351 -11.12 16.43 28.10
CA SER C 351 -10.61 15.48 27.13
C SER C 351 -9.39 14.79 27.69
N VAL C 352 -8.43 15.57 28.16
CA VAL C 352 -7.25 14.98 28.81
C VAL C 352 -7.62 14.09 29.98
N GLU C 353 -8.47 14.56 30.89
CA GLU C 353 -8.83 13.81 32.08
C GLU C 353 -9.37 12.43 31.69
N TYR C 354 -10.28 12.41 30.71
CA TYR C 354 -10.96 11.16 30.37
C TYR C 354 -10.00 10.22 29.68
N PHE C 355 -9.15 10.73 28.77
CA PHE C 355 -8.10 9.94 28.16
C PHE C 355 -7.14 9.38 29.22
N LYS C 356 -6.79 10.17 30.23
CA LYS C 356 -5.95 9.70 31.34
C LYS C 356 -6.63 8.53 32.07
N LEU C 357 -7.95 8.64 32.36
CA LEU C 357 -8.68 7.64 33.16
C LEU C 357 -8.66 6.32 32.44
N SER C 358 -9.00 6.38 31.13
CA SER C 358 -8.99 5.22 30.25
C SER C 358 -7.56 4.81 29.89
N GLN C 359 -6.51 5.53 30.24
CA GLN C 359 -5.13 5.10 30.02
C GLN C 359 -4.83 4.91 28.51
N ASP C 360 -5.28 5.88 27.71
CA ASP C 360 -5.10 5.81 26.27
C ASP C 360 -3.95 6.73 25.85
N LYS C 361 -2.72 6.21 25.76
CA LYS C 361 -1.56 7.07 25.61
C LYS C 361 -1.33 7.39 24.14
N LEU C 362 -2.16 6.87 23.23
CA LEU C 362 -2.07 7.27 21.83
C LEU C 362 -2.92 8.50 21.58
N PHE C 363 -4.18 8.48 22.03
CA PHE C 363 -5.15 9.53 21.75
C PHE C 363 -5.12 10.66 22.77
N ILE C 364 -4.33 10.56 23.84
CA ILE C 364 -4.23 11.67 24.76
C ILE C 364 -3.53 12.84 24.08
N LYS C 365 -2.62 12.54 23.13
CA LYS C 365 -1.85 13.54 22.40
C LYS C 365 -2.76 14.46 21.61
N MET C 366 -3.98 14.05 21.22
CA MET C 366 -4.82 14.97 20.47
C MET C 366 -5.10 16.24 21.28
N PRO C 367 -5.82 16.18 22.44
CA PRO C 367 -6.01 17.40 23.22
C PRO C 367 -4.73 18.05 23.69
N LEU C 368 -3.67 17.30 23.97
CA LEU C 368 -2.44 17.91 24.46
C LEU C 368 -1.77 18.78 23.39
N ILE C 369 -1.88 18.37 22.14
CA ILE C 369 -1.34 19.17 21.04
C ILE C 369 -2.15 20.47 20.96
N LYS C 370 -3.48 20.39 21.00
CA LYS C 370 -4.29 21.61 20.98
C LYS C 370 -3.94 22.54 22.12
N LEU C 371 -3.84 22.02 23.34
CA LEU C 371 -3.46 22.79 24.51
C LEU C 371 -2.09 23.44 24.30
N GLU C 372 -1.17 22.78 23.59
CA GLU C 372 0.16 23.33 23.34
C GLU C 372 0.05 24.53 22.42
N SER C 373 -0.80 24.45 21.39
CA SER C 373 -1.01 25.50 20.41
C SER C 373 -1.70 26.73 21.02
N LEU C 374 -2.33 26.60 22.19
CA LEU C 374 -2.86 27.75 22.92
C LEU C 374 -1.89 28.21 24.00
N GLY C 375 -0.61 27.80 23.92
CA GLY C 375 0.44 28.29 24.82
C GLY C 375 0.45 27.76 26.26
N GLU C 376 -0.10 26.57 26.50
CA GLU C 376 0.11 25.83 27.74
C GLU C 376 1.53 25.24 27.78
N ASN C 377 2.06 25.04 29.00
CA ASN C 377 3.48 24.79 29.19
C ASN C 377 3.87 23.48 28.52
N PRO C 378 4.71 23.50 27.46
CA PRO C 378 5.04 22.26 26.74
C PRO C 378 5.58 21.08 27.58
N ARG C 379 6.38 21.37 28.64
CA ARG C 379 6.98 20.32 29.46
C ARG C 379 5.93 19.53 30.27
N LEU C 380 5.01 20.27 30.91
CA LEU C 380 3.89 19.69 31.61
C LEU C 380 3.07 18.81 30.66
N LEU C 381 2.82 19.28 29.45
CA LEU C 381 2.04 18.49 28.52
C LEU C 381 2.79 17.21 28.12
N LYS C 382 4.13 17.33 27.93
CA LYS C 382 4.95 16.15 27.69
C LYS C 382 4.83 15.13 28.83
N ILE C 383 4.97 15.58 30.09
CA ILE C 383 4.88 14.75 31.30
C ILE C 383 3.57 13.99 31.32
N ILE C 384 2.47 14.67 30.99
CA ILE C 384 1.16 14.05 30.98
C ILE C 384 1.10 13.00 29.90
N SER C 385 1.72 13.20 28.72
CA SER C 385 1.67 12.20 27.66
C SER C 385 2.23 10.84 28.11
N MET C 386 3.25 10.83 29.01
CA MET C 386 3.91 9.62 29.52
C MET C 386 3.01 8.81 30.50
N GLY D 1 -13.98 8.56 17.11
CA GLY D 1 -14.12 7.16 17.60
C GLY D 1 -13.33 6.08 16.81
N VAL D 2 -12.14 5.72 17.32
CA VAL D 2 -11.35 4.66 16.72
C VAL D 2 -11.67 3.43 17.52
N VAL D 3 -11.85 2.30 16.80
CA VAL D 3 -12.23 0.98 17.27
C VAL D 3 -10.93 0.21 17.31
N ARG D 4 -10.91 -0.81 18.19
CA ARG D 4 -9.79 -1.71 18.33
C ARG D 4 -10.37 -3.11 18.44
N GLY D 5 -9.81 -4.04 17.66
CA GLY D 5 -10.28 -5.41 17.67
C GLY D 5 -9.05 -6.30 17.77
N ALA D 6 -9.28 -7.56 18.21
CA ALA D 6 -8.23 -8.55 18.27
C ALA D 6 -8.65 -9.92 17.63
N SER E 46 -2.46 -29.42 67.35
CA SER E 46 -1.67 -28.71 68.39
C SER E 46 -1.99 -27.21 68.37
N GLU E 47 -2.62 -26.71 69.45
CA GLU E 47 -2.99 -25.31 69.60
C GLU E 47 -1.78 -24.48 69.97
N PHE E 48 -0.97 -24.18 68.95
CA PHE E 48 0.12 -23.21 69.05
C PHE E 48 -0.43 -21.87 69.52
N ASN E 49 -1.59 -21.51 68.96
CA ASN E 49 -2.32 -20.29 69.29
C ASN E 49 -2.66 -20.21 70.77
N SER E 50 -3.11 -21.34 71.36
CA SER E 50 -3.41 -21.42 72.78
C SER E 50 -2.15 -21.20 73.63
N ILE E 51 -1.04 -21.83 73.24
CA ILE E 51 0.25 -21.62 73.88
C ILE E 51 0.63 -20.14 73.79
N VAL E 52 0.60 -19.54 72.59
CA VAL E 52 1.05 -18.17 72.40
C VAL E 52 0.21 -17.21 73.23
N ASN E 53 -1.14 -17.37 73.14
CA ASN E 53 -2.08 -16.49 73.82
C ASN E 53 -1.84 -16.49 75.32
N ILE E 54 -1.62 -17.69 75.90
CA ILE E 54 -1.35 -17.82 77.32
C ILE E 54 -0.08 -17.05 77.69
N VAL E 55 1.03 -17.47 77.09
CA VAL E 55 2.33 -16.93 77.45
C VAL E 55 2.33 -15.40 77.26
N LYS E 56 1.82 -14.90 76.12
CA LYS E 56 1.73 -13.48 75.82
C LYS E 56 1.17 -12.65 77.00
N THR E 57 -0.01 -13.08 77.49
CA THR E 57 -0.78 -12.27 78.40
C THR E 57 -0.26 -12.41 79.84
N HIS E 58 0.28 -13.59 80.16
CA HIS E 58 0.85 -13.86 81.45
C HIS E 58 2.27 -13.33 81.68
N TYR E 59 3.09 -13.27 80.62
CA TYR E 59 4.53 -13.02 80.78
C TYR E 59 4.95 -11.84 79.93
N PRO E 60 4.84 -10.60 80.45
CA PRO E 60 5.25 -9.39 79.75
C PRO E 60 6.75 -9.38 79.49
N ASP E 61 7.51 -9.78 80.49
CA ASP E 61 8.94 -9.83 80.30
C ASP E 61 9.22 -11.14 79.61
N GLN E 62 10.08 -11.07 78.61
CA GLN E 62 10.51 -12.24 77.86
C GLN E 62 9.51 -13.16 77.20
N GLU E 63 8.67 -12.66 76.31
CA GLU E 63 7.86 -13.55 75.52
C GLU E 63 8.79 -14.34 74.58
N TYR E 64 9.79 -13.66 74.06
CA TYR E 64 10.69 -14.20 73.06
C TYR E 64 11.53 -15.32 73.63
N GLU E 65 11.99 -15.23 74.87
CA GLU E 65 12.75 -16.33 75.47
C GLU E 65 11.93 -17.62 75.47
N LEU E 66 10.64 -17.52 75.88
CA LEU E 66 9.74 -18.65 76.06
C LEU E 66 9.39 -19.27 74.70
N MET E 67 9.04 -18.43 73.72
CA MET E 67 8.60 -18.86 72.42
C MET E 67 9.70 -19.33 71.48
N GLU E 68 10.96 -18.88 71.67
CA GLU E 68 12.05 -19.34 70.82
C GLU E 68 12.28 -20.83 71.02
N ASN E 69 12.44 -21.23 72.30
CA ASN E 69 12.62 -22.60 72.72
C ASN E 69 11.51 -23.49 72.13
N TYR E 70 10.28 -23.08 72.44
CA TYR E 70 9.08 -23.87 72.17
C TYR E 70 8.89 -24.06 70.67
N CYS E 71 9.24 -23.05 69.85
CA CYS E 71 9.21 -23.13 68.39
C CYS E 71 10.26 -24.10 67.82
N LEU E 72 11.52 -23.95 68.24
CA LEU E 72 12.67 -24.69 67.73
C LEU E 72 12.59 -26.20 67.98
N LEU E 73 12.02 -26.62 69.11
CA LEU E 73 12.12 -28.04 69.42
C LEU E 73 10.92 -28.78 68.82
N LEU E 74 9.79 -28.05 68.73
CA LEU E 74 8.50 -28.54 68.27
C LEU E 74 8.65 -29.24 66.92
N ASP E 75 7.80 -30.23 66.72
CA ASP E 75 8.01 -31.25 65.69
C ASP E 75 7.70 -30.68 64.32
N PRO E 76 8.63 -30.75 63.33
CA PRO E 76 8.39 -30.19 62.00
C PRO E 76 7.05 -30.58 61.40
N ASN E 77 6.68 -31.85 61.52
CA ASN E 77 5.57 -32.40 60.76
C ASN E 77 4.24 -31.81 61.22
N THR E 78 4.18 -31.34 62.49
CA THR E 78 2.89 -30.97 63.06
C THR E 78 2.50 -29.56 62.61
N LYS E 79 1.23 -29.24 62.86
CA LYS E 79 0.64 -27.95 62.57
C LYS E 79 1.32 -26.88 63.43
N ALA E 80 1.65 -27.18 64.68
CA ALA E 80 2.33 -26.23 65.54
C ALA E 80 3.64 -25.71 64.93
N ALA E 81 4.42 -26.55 64.29
CA ALA E 81 5.66 -26.05 63.67
C ALA E 81 5.33 -25.19 62.47
N ARG E 82 4.30 -25.56 61.69
CA ARG E 82 3.77 -24.70 60.64
C ARG E 82 3.31 -23.33 61.18
N SER E 83 2.48 -23.32 62.25
CA SER E 83 2.11 -22.06 62.89
C SER E 83 3.32 -21.30 63.41
N ALA E 84 4.37 -22.00 63.88
CA ALA E 84 5.57 -21.33 64.38
C ALA E 84 6.38 -20.54 63.35
N LEU E 85 6.40 -20.97 62.09
CA LEU E 85 7.17 -20.21 61.10
C LEU E 85 6.46 -18.89 60.77
N GLU E 86 5.13 -18.88 60.91
CA GLU E 86 4.37 -17.65 60.68
C GLU E 86 4.68 -16.76 61.88
N TYR E 87 4.51 -17.30 63.08
CA TYR E 87 4.79 -16.51 64.25
C TYR E 87 6.16 -15.86 64.09
N ALA E 88 7.17 -16.65 63.74
CA ALA E 88 8.53 -16.18 63.66
C ALA E 88 8.65 -15.07 62.61
N ASP E 89 8.05 -15.23 61.42
CA ASP E 89 8.23 -14.23 60.37
C ASP E 89 7.31 -13.02 60.47
N ALA E 90 6.03 -13.21 60.80
CA ALA E 90 5.19 -12.08 61.27
C ALA E 90 5.89 -11.21 62.32
N ASN E 91 6.74 -11.79 63.19
CA ASN E 91 7.43 -11.04 64.20
C ASN E 91 8.78 -10.53 63.72
N SER E 92 9.28 -10.94 62.58
CA SER E 92 10.57 -10.53 62.03
C SER E 92 11.73 -10.97 62.91
N PHE E 93 11.53 -12.10 63.60
CA PHE E 93 12.55 -12.78 64.37
C PHE E 93 13.36 -13.62 63.38
N ASN E 94 14.42 -13.02 62.84
CA ASN E 94 15.05 -13.55 61.63
C ASN E 94 15.69 -14.92 61.81
N THR E 95 16.72 -14.99 62.65
CA THR E 95 17.44 -16.21 63.05
C THR E 95 16.51 -17.39 63.35
N LEU E 96 15.45 -17.11 64.12
CA LEU E 96 14.47 -18.11 64.53
C LEU E 96 13.73 -18.54 63.27
N THR E 97 13.35 -17.58 62.42
CA THR E 97 12.71 -17.90 61.16
C THR E 97 13.64 -18.72 60.27
N ASP E 98 14.94 -18.37 60.22
CA ASP E 98 15.91 -19.09 59.40
C ASP E 98 16.12 -20.52 59.88
N LYS E 99 16.15 -20.69 61.20
CA LYS E 99 16.28 -22.01 61.82
C LYS E 99 15.06 -22.88 61.52
N LEU E 100 13.85 -22.33 61.68
CA LEU E 100 12.61 -23.03 61.40
C LEU E 100 12.54 -23.49 59.92
N VAL E 101 12.99 -22.65 58.98
CA VAL E 101 13.10 -22.99 57.56
C VAL E 101 13.85 -24.31 57.36
N GLU E 102 15.06 -24.41 57.94
CA GLU E 102 15.94 -25.57 57.78
C GLU E 102 15.20 -26.87 58.09
N LYS E 103 14.65 -26.97 59.30
CA LYS E 103 13.97 -28.15 59.80
C LYS E 103 12.79 -28.48 58.91
N MET E 104 12.05 -27.46 58.45
CA MET E 104 10.83 -27.61 57.67
C MET E 104 11.10 -28.19 56.28
N SER E 105 12.17 -27.71 55.64
CA SER E 105 12.57 -28.17 54.31
C SER E 105 12.83 -29.68 54.27
N ILE E 106 13.39 -30.27 55.34
CA ILE E 106 13.74 -31.70 55.49
C ILE E 106 12.68 -32.48 56.28
N ALA E 107 11.53 -31.88 56.62
CA ALA E 107 10.47 -32.59 57.35
C ALA E 107 9.81 -33.62 56.43
N SER E 108 9.28 -34.70 57.05
CA SER E 108 8.57 -35.75 56.36
C SER E 108 7.27 -35.23 55.73
N ASN E 109 6.49 -34.43 56.46
CA ASN E 109 5.19 -33.95 55.98
C ASN E 109 5.40 -33.10 54.73
N LEU E 110 4.51 -33.25 53.74
CA LEU E 110 4.49 -32.49 52.50
C LEU E 110 4.05 -31.03 52.75
N LYS E 111 3.09 -30.79 53.65
CA LYS E 111 2.65 -29.45 54.03
C LYS E 111 3.81 -28.68 54.65
N SER E 112 4.48 -29.25 55.64
CA SER E 112 5.64 -28.63 56.24
C SER E 112 6.81 -28.55 55.26
N LYS E 113 6.97 -29.48 54.32
CA LYS E 113 7.98 -29.32 53.27
C LYS E 113 7.73 -28.07 52.43
N GLU E 114 6.46 -27.83 52.04
CA GLU E 114 6.06 -26.71 51.20
C GLU E 114 6.40 -25.37 51.87
N TYR E 115 5.88 -25.16 53.08
CA TYR E 115 6.04 -23.94 53.83
C TYR E 115 7.54 -23.66 53.94
N GLY E 116 8.34 -24.67 54.25
CA GLY E 116 9.80 -24.53 54.31
C GLY E 116 10.31 -23.91 53.01
N LYS E 117 9.84 -24.43 51.88
CA LYS E 117 10.34 -24.07 50.58
C LYS E 117 9.96 -22.63 50.26
N ILE E 118 8.74 -22.20 50.64
CA ILE E 118 8.25 -20.87 50.27
C ILE E 118 8.84 -19.77 51.15
N TYR E 119 8.80 -19.96 52.46
CA TYR E 119 9.45 -19.06 53.39
C TYR E 119 10.95 -18.94 53.08
N GLU E 120 11.59 -20.02 52.61
CA GLU E 120 13.00 -19.97 52.21
C GLU E 120 13.21 -18.86 51.18
N ILE E 121 12.29 -18.77 50.20
CA ILE E 121 12.36 -17.78 49.13
C ILE E 121 12.14 -16.41 49.74
N HIS E 122 11.04 -16.28 50.53
CA HIS E 122 10.65 -15.01 51.14
C HIS E 122 11.83 -14.39 51.89
N ARG E 123 12.59 -15.23 52.62
CA ARG E 123 13.69 -14.76 53.44
C ARG E 123 14.93 -14.45 52.61
N LYS E 124 15.13 -15.17 51.47
CA LYS E 124 16.17 -14.83 50.50
C LYS E 124 15.88 -13.47 49.83
N LEU E 125 14.60 -13.21 49.60
CA LEU E 125 14.18 -11.95 49.02
C LEU E 125 14.36 -10.78 50.00
N SER E 126 13.94 -10.94 51.25
CA SER E 126 14.05 -9.89 52.30
C SER E 126 15.51 -9.53 52.61
N ARG E 127 16.40 -10.54 52.71
CA ARG E 127 17.84 -10.35 52.90
C ARG E 127 18.52 -9.78 51.66
N GLY E 128 17.87 -9.87 50.48
CA GLY E 128 18.36 -9.25 49.26
C GLY E 128 19.43 -10.12 48.60
N GLU E 129 19.48 -11.41 48.96
CA GLU E 129 20.29 -12.40 48.26
C GLU E 129 19.88 -12.63 46.80
N ILE E 130 18.58 -12.47 46.52
CA ILE E 130 17.95 -12.77 45.25
C ILE E 130 17.08 -11.58 44.89
N ASP E 131 16.91 -11.32 43.57
CA ASP E 131 16.07 -10.27 42.98
C ASP E 131 14.58 -10.61 42.97
N VAL E 132 13.69 -9.69 42.58
CA VAL E 132 12.24 -9.92 42.63
C VAL E 132 11.84 -10.91 41.55
N LEU E 133 12.53 -10.81 40.41
CA LEU E 133 12.22 -11.58 39.22
C LEU E 133 12.57 -13.06 39.43
N GLU E 134 13.66 -13.32 40.14
CA GLU E 134 13.97 -14.66 40.50
C GLU E 134 12.90 -15.13 41.45
N ALA E 135 12.58 -14.34 42.46
CA ALA E 135 11.51 -14.77 43.36
C ALA E 135 10.25 -15.14 42.60
N SER E 136 9.80 -14.28 41.65
CA SER E 136 8.60 -14.53 40.85
C SER E 136 8.74 -15.80 40.01
N LYS E 137 9.96 -16.08 39.50
CA LYS E 137 10.29 -17.28 38.73
C LYS E 137 10.17 -18.54 39.60
N ASN E 138 10.73 -18.49 40.80
CA ASN E 138 10.78 -19.61 41.74
C ASN E 138 9.41 -19.87 42.35
N ILE E 139 8.49 -18.90 42.35
CA ILE E 139 7.10 -19.11 42.77
C ILE E 139 6.35 -19.85 41.67
N GLY E 140 6.57 -19.41 40.41
CA GLY E 140 6.01 -20.06 39.23
C GLY E 140 6.49 -21.50 39.04
N LYS E 141 7.80 -21.74 39.25
CA LYS E 141 8.48 -23.02 39.09
C LYS E 141 8.00 -24.06 40.11
N TYR E 142 7.92 -23.66 41.38
CA TYR E 142 7.49 -24.58 42.43
C TYR E 142 6.00 -24.89 42.38
N ARG E 143 5.62 -26.10 42.80
CA ARG E 143 4.22 -26.53 42.75
C ARG E 143 3.26 -26.42 43.95
N ILE E 144 2.41 -25.37 43.94
CA ILE E 144 1.77 -24.95 45.18
C ILE E 144 0.51 -25.79 45.39
N LYS E 145 0.60 -26.73 46.35
CA LYS E 145 -0.49 -27.58 46.83
C LYS E 145 -1.48 -26.75 47.66
N THR E 146 -0.98 -26.17 48.76
CA THR E 146 -1.79 -25.59 49.81
C THR E 146 -2.32 -24.21 49.50
N ASP E 147 -3.55 -23.94 49.96
CA ASP E 147 -4.21 -22.66 49.66
C ASP E 147 -3.52 -21.52 50.43
N GLU E 148 -3.03 -21.84 51.63
CA GLU E 148 -2.25 -20.93 52.46
C GLU E 148 -1.01 -20.45 51.70
N MET E 149 -0.18 -21.38 51.18
CA MET E 149 1.06 -20.99 50.57
C MET E 149 0.86 -20.43 49.18
N ASN E 150 -0.32 -20.67 48.60
CA ASN E 150 -0.71 -19.98 47.39
C ASN E 150 -0.91 -18.50 47.71
N ILE E 151 -1.57 -18.20 48.84
CA ILE E 151 -1.81 -16.83 49.28
C ILE E 151 -0.51 -16.15 49.73
N PHE E 152 0.35 -16.87 50.46
CA PHE E 152 1.56 -16.27 51.00
C PHE E 152 2.54 -15.93 49.88
N SER E 153 2.60 -16.79 48.84
CA SER E 153 3.44 -16.54 47.67
C SER E 153 3.17 -15.19 47.00
N LYS E 154 1.90 -14.80 46.92
CA LYS E 154 1.49 -13.52 46.34
C LYS E 154 2.05 -12.32 47.10
N MET E 155 2.07 -12.42 48.44
CA MET E 155 2.52 -11.31 49.29
C MET E 155 4.04 -11.14 49.28
N ILE E 156 4.78 -12.20 48.89
CA ILE E 156 6.24 -12.23 48.94
C ILE E 156 6.85 -11.07 48.14
N PRO E 157 6.53 -10.92 46.83
CA PRO E 157 7.10 -9.84 46.01
C PRO E 157 6.69 -8.44 46.45
N MET E 158 5.46 -8.32 46.97
CA MET E 158 4.93 -7.04 47.35
C MET E 158 5.81 -6.37 48.40
N TYR E 159 6.39 -7.17 49.31
CA TYR E 159 7.34 -6.64 50.29
C TYR E 159 8.52 -5.99 49.58
N ASP E 160 8.99 -6.62 48.49
CA ASP E 160 10.15 -6.10 47.78
C ASP E 160 9.85 -4.78 47.09
N TYR E 161 8.78 -4.79 46.30
CA TYR E 161 8.27 -3.55 45.74
C TYR E 161 8.22 -2.42 46.79
N LEU E 162 7.53 -2.64 47.90
CA LEU E 162 7.28 -1.56 48.82
C LEU E 162 8.58 -0.94 49.37
N SER E 163 9.54 -1.83 49.72
CA SER E 163 10.89 -1.40 50.11
C SER E 163 11.55 -0.58 49.01
N LYS E 164 11.47 -1.11 47.75
CA LYS E 164 12.18 -0.51 46.62
C LYS E 164 11.45 0.68 45.99
N GLY E 165 10.31 1.15 46.53
CA GLY E 165 9.62 2.32 46.00
C GLY E 165 8.79 2.03 44.72
N ASN E 166 8.88 0.83 44.13
CA ASN E 166 8.19 0.54 42.89
C ASN E 166 6.73 0.18 43.15
N PHE E 167 5.83 1.17 43.28
CA PHE E 167 4.53 0.94 43.91
C PHE E 167 3.48 0.39 42.92
N SER E 168 3.64 0.61 41.61
CA SER E 168 2.55 0.37 40.65
C SER E 168 2.01 -1.06 40.75
N PRO E 169 2.87 -2.11 40.62
CA PRO E 169 2.41 -3.51 40.60
C PRO E 169 1.66 -4.11 41.78
N MET E 170 1.72 -3.45 42.95
CA MET E 170 1.22 -3.95 44.22
C MET E 170 -0.31 -4.12 44.20
N LYS E 171 -1.00 -3.07 43.75
CA LYS E 171 -2.43 -3.01 43.55
C LYS E 171 -2.97 -4.26 42.85
N SER E 172 -2.44 -4.54 41.64
CA SER E 172 -2.93 -5.62 40.81
C SER E 172 -2.67 -6.96 41.50
N LEU E 173 -1.48 -7.12 42.10
CA LEU E 173 -1.08 -8.33 42.81
C LEU E 173 -2.04 -8.72 43.93
N LEU E 174 -2.54 -7.71 44.63
CA LEU E 174 -3.44 -7.94 45.76
C LEU E 174 -4.84 -8.39 45.35
N LYS E 175 -5.35 -7.92 44.20
CA LYS E 175 -6.66 -8.29 43.66
C LYS E 175 -6.84 -9.81 43.60
N GLN E 176 -5.76 -10.60 43.38
CA GLN E 176 -5.85 -12.06 43.24
C GLN E 176 -5.68 -12.80 44.59
N ILE E 177 -6.29 -12.27 45.66
CA ILE E 177 -6.32 -12.90 47.00
C ILE E 177 -7.75 -12.95 47.54
N ASP E 178 -8.17 -14.16 47.97
CA ASP E 178 -9.35 -14.39 48.78
C ASP E 178 -8.87 -15.08 50.06
N LEU E 179 -9.16 -14.45 51.21
CA LEU E 179 -8.64 -14.93 52.50
C LEU E 179 -9.48 -16.03 53.13
N ASN E 180 -10.62 -16.36 52.50
CA ASN E 180 -11.51 -17.44 52.90
C ASN E 180 -11.02 -18.81 52.38
N ASP E 181 -10.03 -18.80 51.48
CA ASP E 181 -9.40 -19.99 50.92
C ASP E 181 -8.75 -20.82 52.03
N ILE E 182 -8.22 -20.15 53.07
CA ILE E 182 -7.66 -20.82 54.24
C ILE E 182 -8.80 -21.33 55.11
N LYS E 183 -8.87 -22.66 55.34
CA LYS E 183 -9.77 -23.27 56.30
C LYS E 183 -9.11 -24.19 57.35
N GLU E 184 -7.81 -24.45 57.23
CA GLU E 184 -7.09 -25.44 58.03
C GLU E 184 -6.42 -24.89 59.29
N ASN E 185 -5.70 -23.77 59.12
CA ASN E 185 -4.82 -23.18 60.12
C ASN E 185 -5.35 -21.78 60.43
N ASN E 186 -6.16 -21.63 61.49
CA ASN E 186 -6.79 -20.36 61.81
C ASN E 186 -5.82 -19.34 62.44
N TYR E 187 -4.65 -19.79 62.89
CA TYR E 187 -3.62 -18.87 63.33
C TYR E 187 -3.00 -18.15 62.13
N LEU E 188 -2.69 -18.87 61.04
CA LEU E 188 -2.20 -18.27 59.83
C LEU E 188 -3.24 -17.34 59.23
N LYS E 189 -4.52 -17.71 59.28
CA LYS E 189 -5.59 -16.83 58.82
C LYS E 189 -5.50 -15.48 59.51
N LYS E 190 -5.40 -15.44 60.86
CA LYS E 190 -5.44 -14.14 61.54
C LYS E 190 -4.19 -13.30 61.26
N SER E 191 -3.01 -13.92 61.33
CA SER E 191 -1.77 -13.22 61.08
C SER E 191 -1.75 -12.64 59.68
N PHE E 192 -2.35 -13.34 58.69
CA PHE E 192 -2.39 -12.88 57.30
C PHE E 192 -3.38 -11.72 57.10
N GLU E 193 -4.50 -11.72 57.87
CA GLU E 193 -5.44 -10.59 57.89
C GLU E 193 -4.64 -9.32 58.20
N THR E 194 -3.85 -9.41 59.27
CA THR E 194 -3.08 -8.27 59.74
C THR E 194 -2.06 -7.92 58.67
N ARG E 195 -1.39 -8.93 58.07
CA ARG E 195 -0.43 -8.70 57.02
C ARG E 195 -1.07 -7.92 55.87
N ILE E 196 -2.25 -8.32 55.45
CA ILE E 196 -2.90 -7.63 54.33
C ILE E 196 -3.39 -6.25 54.76
N TYR E 197 -3.99 -6.10 55.98
CA TYR E 197 -4.37 -4.79 56.50
C TYR E 197 -3.21 -3.82 56.38
N VAL E 198 -2.00 -4.26 56.72
CA VAL E 198 -0.85 -3.38 56.70
C VAL E 198 -0.49 -3.04 55.25
N LEU E 199 -0.35 -4.07 54.39
CA LEU E 199 0.04 -3.87 53.00
C LEU E 199 -0.98 -2.93 52.31
N LEU E 200 -2.28 -3.16 52.52
CA LEU E 200 -3.31 -2.27 52.04
C LEU E 200 -3.11 -0.83 52.54
N SER E 201 -2.75 -0.71 53.80
CA SER E 201 -2.57 0.60 54.38
C SER E 201 -1.48 1.38 53.64
N ASN E 202 -0.44 0.68 53.17
CA ASN E 202 0.61 1.27 52.36
C ASN E 202 0.13 1.56 50.93
N ILE E 203 -0.58 0.62 50.28
CA ILE E 203 -1.00 0.82 48.89
C ILE E 203 -1.84 2.08 48.75
N TYR E 204 -2.81 2.27 49.64
CA TYR E 204 -3.68 3.43 49.60
C TYR E 204 -2.93 4.73 49.97
N LEU E 205 -1.97 4.63 50.91
CA LEU E 205 -1.06 5.73 51.18
C LEU E 205 -0.44 6.23 49.87
N ASN E 206 0.18 5.33 49.07
CA ASN E 206 0.87 5.76 47.87
C ASN E 206 -0.12 6.23 46.81
N GLU E 207 -1.36 5.73 46.85
CA GLU E 207 -2.39 6.21 45.92
C GLU E 207 -3.02 7.53 46.42
N ASN E 208 -2.55 8.05 47.56
CA ASN E 208 -2.93 9.36 48.07
C ASN E 208 -4.37 9.32 48.58
N GLU E 209 -4.74 8.19 49.18
CA GLU E 209 -6.03 8.03 49.84
C GLU E 209 -5.82 7.86 51.33
N LEU E 210 -5.63 9.01 52.01
CA LEU E 210 -5.08 9.02 53.36
C LEU E 210 -6.10 8.55 54.38
N GLU E 211 -7.35 8.91 54.16
CA GLU E 211 -8.41 8.51 55.04
C GLU E 211 -8.52 7.00 55.02
N LEU E 212 -8.40 6.38 53.86
CA LEU E 212 -8.41 4.92 53.69
C LEU E 212 -7.15 4.30 54.25
N SER E 213 -5.98 4.84 53.95
CA SER E 213 -4.75 4.32 54.50
C SER E 213 -4.86 4.12 56.01
N ARG E 214 -5.37 5.16 56.71
CA ARG E 214 -5.50 5.16 58.15
C ARG E 214 -6.52 4.13 58.63
N LYS E 215 -7.67 4.04 57.96
CA LYS E 215 -8.64 3.03 58.34
C LYS E 215 -7.99 1.65 58.36
N TYR E 216 -7.16 1.31 57.36
CA TYR E 216 -6.55 -0.01 57.27
C TYR E 216 -5.47 -0.22 58.34
N ALA E 217 -4.65 0.79 58.63
CA ALA E 217 -3.69 0.71 59.73
C ALA E 217 -4.41 0.52 61.08
N GLU E 218 -5.48 1.30 61.30
CA GLU E 218 -6.34 1.17 62.47
C GLU E 218 -6.92 -0.24 62.58
N LYS E 219 -7.44 -0.77 61.47
CA LYS E 219 -7.88 -2.15 61.40
C LYS E 219 -6.76 -3.05 61.89
N ALA E 220 -5.55 -2.87 61.31
CA ALA E 220 -4.44 -3.77 61.55
C ALA E 220 -4.14 -3.80 63.05
N ILE E 221 -4.20 -2.62 63.70
CA ILE E 221 -3.89 -2.46 65.12
C ILE E 221 -4.85 -3.25 66.00
N LYS E 222 -6.16 -3.13 65.73
CA LYS E 222 -7.21 -3.84 66.47
C LYS E 222 -7.11 -5.37 66.31
N SER E 223 -6.66 -5.83 65.13
CA SER E 223 -6.64 -7.23 64.73
C SER E 223 -5.47 -8.01 65.36
N THR E 224 -4.42 -7.30 65.85
CA THR E 224 -3.16 -7.94 66.20
C THR E 224 -2.67 -7.46 67.56
N ASP E 225 -1.69 -8.18 68.10
CA ASP E 225 -0.84 -7.73 69.19
C ASP E 225 0.61 -8.05 68.84
N THR E 226 0.82 -8.35 67.58
CA THR E 226 2.13 -8.68 67.15
C THR E 226 2.87 -7.39 67.07
N LYS E 227 4.03 -7.33 67.70
CA LYS E 227 4.74 -6.10 67.70
C LYS E 227 5.15 -5.66 66.33
N ARG E 228 5.53 -6.60 65.46
CA ARG E 228 6.02 -6.24 64.13
C ARG E 228 5.01 -5.47 63.31
N PHE E 229 3.75 -5.89 63.36
CA PHE E 229 2.68 -5.21 62.64
C PHE E 229 2.34 -3.88 63.23
N LEU E 230 2.42 -3.76 64.54
CA LEU E 230 2.14 -2.50 65.19
C LEU E 230 3.15 -1.46 64.76
N VAL E 231 4.40 -1.83 64.61
CA VAL E 231 5.37 -0.88 64.17
C VAL E 231 5.04 -0.30 62.83
N PHE E 232 4.58 -1.13 61.91
CA PHE E 232 4.36 -0.66 60.56
C PHE E 232 3.02 0.06 60.44
N SER E 233 1.95 -0.41 61.12
CA SER E 233 0.74 0.39 61.19
C SER E 233 1.05 1.84 61.58
N TYR E 234 1.82 2.04 62.66
CA TYR E 234 2.13 3.37 63.18
C TYR E 234 2.99 4.18 62.21
N LEU E 235 3.98 3.53 61.58
CA LEU E 235 4.77 4.15 60.54
C LEU E 235 3.82 4.74 59.50
N THR E 236 2.85 3.95 59.06
CA THR E 236 2.04 4.38 57.93
C THR E 236 1.08 5.49 58.34
N ILE E 237 0.53 5.44 59.57
CA ILE E 237 -0.28 6.58 60.04
C ILE E 237 0.59 7.83 60.16
N GLY E 238 1.75 7.69 60.80
CA GLY E 238 2.78 8.70 60.78
C GLY E 238 3.00 9.33 59.39
N THR E 239 3.21 8.48 58.37
CA THR E 239 3.48 9.00 57.05
C THR E 239 2.24 9.73 56.50
N SER E 240 1.04 9.17 56.74
CA SER E 240 -0.19 9.73 56.21
C SER E 240 -0.41 11.18 56.63
N TYR E 241 0.09 11.56 57.77
CA TYR E 241 -0.17 12.89 58.31
C TYR E 241 0.92 13.82 58.03
N ILE E 242 1.85 13.47 57.18
CA ILE E 242 2.98 14.34 57.02
C ILE E 242 2.70 15.72 56.55
N PHE E 243 1.85 15.88 55.57
CA PHE E 243 1.58 17.22 55.12
C PHE E 243 0.43 17.79 55.88
N SER E 244 -0.51 16.94 56.21
CA SER E 244 -1.68 17.38 56.92
C SER E 244 -1.54 17.84 58.37
N ASP E 245 -0.83 17.08 59.18
CA ASP E 245 -0.79 17.38 60.60
C ASP E 245 0.53 17.08 61.24
N TYR E 246 1.34 18.08 61.41
CA TYR E 246 2.61 17.90 62.10
C TYR E 246 2.43 17.11 63.39
N ALA E 247 1.50 17.55 64.26
CA ALA E 247 1.39 17.01 65.60
C ALA E 247 1.12 15.50 65.56
N LEU E 248 0.07 15.10 64.81
CA LEU E 248 -0.39 13.71 64.85
C LEU E 248 0.62 12.80 64.17
N SER E 249 1.27 13.29 63.10
CA SER E 249 2.39 12.62 62.45
C SER E 249 3.47 12.28 63.47
N LYS E 250 3.95 13.31 64.19
CA LYS E 250 4.98 13.12 65.22
C LYS E 250 4.52 12.06 66.25
N GLN E 251 3.27 12.21 66.73
CA GLN E 251 2.73 11.36 67.76
C GLN E 251 2.73 9.91 67.29
N ASN E 252 2.10 9.63 66.12
CA ASN E 252 2.00 8.27 65.62
C ASN E 252 3.38 7.66 65.35
N TYR E 253 4.33 8.43 64.76
CA TYR E 253 5.70 7.99 64.62
C TYR E 253 6.39 7.75 65.98
N LEU E 254 6.13 8.58 67.01
CA LEU E 254 6.74 8.35 68.32
C LEU E 254 6.16 7.12 69.02
N SER E 255 4.85 6.92 68.93
CA SER E 255 4.19 5.80 69.56
C SER E 255 4.75 4.50 68.97
N GLY E 256 4.83 4.40 67.65
CA GLY E 256 5.56 3.32 67.00
C GLY E 256 7.03 3.23 67.44
N TYR E 257 7.76 4.35 67.53
CA TYR E 257 9.17 4.34 67.89
C TYR E 257 9.37 3.64 69.22
N GLU E 258 8.50 3.95 70.20
CA GLU E 258 8.43 3.28 71.49
C GLU E 258 8.26 1.77 71.29
N ILE E 259 7.32 1.35 70.45
CA ILE E 259 7.09 -0.07 70.23
C ILE E 259 8.33 -0.68 69.60
N ALA E 260 9.01 0.08 68.74
CA ALA E 260 10.17 -0.42 68.04
C ALA E 260 11.38 -0.62 68.95
N LYS E 261 11.48 0.14 70.03
CA LYS E 261 12.64 0.08 70.91
C LYS E 261 12.97 -1.38 71.22
N GLY E 262 14.27 -1.71 71.14
CA GLY E 262 14.74 -3.09 71.08
C GLY E 262 15.29 -3.47 69.71
N ASN E 263 14.60 -3.05 68.64
CA ASN E 263 14.93 -3.45 67.27
C ASN E 263 15.59 -2.31 66.50
N SER E 264 16.88 -2.44 66.14
CA SER E 264 17.61 -1.41 65.42
C SER E 264 17.07 -1.20 64.01
N VAL E 265 16.59 -2.28 63.39
CA VAL E 265 16.17 -2.30 62.00
C VAL E 265 14.87 -1.50 61.89
N PHE E 266 13.94 -1.75 62.83
CA PHE E 266 12.67 -1.07 62.91
C PHE E 266 12.80 0.35 63.50
N GLU E 267 13.74 0.59 64.43
CA GLU E 267 14.06 1.91 64.97
C GLU E 267 14.38 2.86 63.81
N GLU E 268 15.24 2.39 62.89
CA GLU E 268 15.82 3.25 61.89
C GLU E 268 14.76 3.82 60.99
N PHE E 269 13.58 3.18 60.87
CA PHE E 269 12.56 3.68 59.97
C PHE E 269 11.91 4.90 60.57
N PHE E 270 11.70 4.89 61.89
CA PHE E 270 11.19 6.05 62.59
C PHE E 270 12.20 7.20 62.54
N LYS E 271 13.50 6.91 62.67
CA LYS E 271 14.53 7.94 62.66
C LYS E 271 14.56 8.63 61.29
N ARG E 272 14.63 7.84 60.24
CA ARG E 272 14.59 8.33 58.88
C ARG E 272 13.36 9.19 58.62
N ASN E 273 12.19 8.78 59.16
CA ASN E 273 10.93 9.44 58.85
C ASN E 273 10.69 10.62 59.79
N LEU E 274 11.29 10.58 60.98
CA LEU E 274 11.25 11.74 61.85
C LEU E 274 12.18 12.81 61.33
N SER E 275 13.34 12.44 60.77
CA SER E 275 14.26 13.40 60.17
C SER E 275 13.53 14.12 59.04
N PHE E 276 12.94 13.34 58.13
CA PHE E 276 12.21 13.94 57.04
C PHE E 276 11.10 14.83 57.59
N LEU E 277 10.24 14.35 58.51
CA LEU E 277 9.15 15.20 58.98
C LEU E 277 9.71 16.55 59.44
N ASN E 278 10.73 16.50 60.30
CA ASN E 278 11.25 17.71 60.90
C ASN E 278 11.92 18.60 59.87
N ASN E 279 12.74 18.02 58.97
CA ASN E 279 13.34 18.85 57.93
C ASN E 279 12.28 19.52 57.08
N PHE E 280 11.24 18.78 56.71
CA PHE E 280 10.17 19.36 55.91
C PHE E 280 9.42 20.49 56.61
N TRP E 281 9.13 20.38 57.92
CA TRP E 281 8.44 21.48 58.62
C TRP E 281 9.40 22.55 59.12
N ASN E 282 10.71 22.32 59.02
CA ASN E 282 11.70 23.32 59.43
C ASN E 282 11.63 23.46 60.95
N LYS E 283 11.79 22.31 61.63
CA LYS E 283 11.84 22.16 63.08
C LYS E 283 13.23 21.66 63.48
N GLU E 284 13.55 21.73 64.80
CA GLU E 284 14.75 21.20 65.41
C GLU E 284 14.78 19.71 65.08
N ASN E 285 15.96 19.19 64.72
CA ASN E 285 15.98 17.85 64.15
C ASN E 285 17.08 17.05 64.81
N PRO E 286 16.77 16.31 65.90
CA PRO E 286 17.74 15.42 66.54
C PRO E 286 17.97 14.09 65.84
N TRP E 287 17.14 13.75 64.84
CA TRP E 287 17.09 12.39 64.37
C TRP E 287 18.02 12.15 63.18
N ILE E 288 18.82 13.15 62.78
CA ILE E 288 19.60 13.04 61.57
C ILE E 288 20.79 12.15 61.84
N ASN E 289 21.08 11.25 60.89
CA ASN E 289 22.16 10.29 60.94
C ASN E 289 23.30 10.76 60.02
N TYR E 290 24.39 11.27 60.60
CA TYR E 290 25.49 11.85 59.82
C TYR E 290 26.57 10.87 59.38
N ASP E 291 26.55 9.63 59.91
CA ASP E 291 27.59 8.62 59.71
C ASP E 291 27.05 7.42 58.90
N SER E 292 26.03 7.70 58.06
CA SER E 292 25.45 6.71 57.17
C SER E 292 25.68 7.29 55.79
N ASN E 293 26.03 6.39 54.84
CA ASN E 293 26.15 6.71 53.43
C ASN E 293 24.87 6.35 52.67
N ALA E 294 23.88 5.73 53.34
CA ALA E 294 22.60 5.44 52.72
C ALA E 294 22.03 6.71 52.12
N VAL E 295 21.67 6.61 50.84
CA VAL E 295 21.09 7.70 50.06
C VAL E 295 20.02 8.45 50.87
N THR E 296 19.14 7.73 51.59
CA THR E 296 18.03 8.31 52.35
C THR E 296 18.50 9.18 53.51
N ASP E 297 19.61 8.77 54.18
CA ASP E 297 20.15 9.41 55.37
C ASP E 297 20.94 10.67 54.97
N VAL E 298 21.64 10.57 53.83
CA VAL E 298 22.39 11.67 53.24
C VAL E 298 21.37 12.71 52.82
N GLN E 299 20.33 12.28 52.08
CA GLN E 299 19.19 13.10 51.72
C GLN E 299 18.67 13.92 52.90
N GLU E 300 18.68 13.34 54.10
CA GLU E 300 18.30 14.04 55.31
C GLU E 300 19.34 15.11 55.72
N VAL E 301 20.64 14.80 55.58
CA VAL E 301 21.68 15.79 55.83
C VAL E 301 21.42 17.02 54.96
N ILE E 302 21.25 16.75 53.66
CA ILE E 302 21.13 17.80 52.67
C ILE E 302 19.94 18.72 52.96
N PHE E 303 18.81 18.13 53.39
CA PHE E 303 17.61 18.92 53.65
C PHE E 303 17.81 19.78 54.89
N GLU E 304 18.59 19.28 55.86
CA GLU E 304 18.96 20.17 56.96
C GLU E 304 19.78 21.39 56.49
N LEU E 305 20.84 21.16 55.69
CA LEU E 305 21.70 22.24 55.18
C LEU E 305 20.88 23.28 54.43
N ILE E 306 19.99 22.82 53.55
CA ILE E 306 19.05 23.72 52.88
C ILE E 306 18.29 24.56 53.90
N ASN E 307 17.72 23.95 54.92
CA ASN E 307 16.92 24.70 55.88
C ASN E 307 17.76 25.76 56.59
N GLN E 308 19.05 25.43 56.84
CA GLN E 308 20.01 26.31 57.47
C GLN E 308 20.65 27.29 56.49
N LYS E 309 20.31 27.22 55.21
CA LYS E 309 20.73 28.20 54.21
C LYS E 309 22.25 28.15 54.04
N LYS E 310 22.80 26.93 53.92
CA LYS E 310 24.14 26.78 53.35
C LYS E 310 24.05 25.99 52.04
N LEU E 311 23.63 26.67 50.96
CA LEU E 311 23.27 26.06 49.70
C LEU E 311 24.45 25.46 48.91
N GLU E 312 25.66 26.02 49.08
CA GLU E 312 26.82 25.59 48.30
C GLU E 312 27.25 24.21 48.76
N ARG E 313 27.36 24.04 50.09
CA ARG E 313 27.66 22.76 50.72
C ARG E 313 26.55 21.76 50.45
N ALA E 314 25.29 22.22 50.49
CA ALA E 314 24.14 21.40 50.15
C ALA E 314 24.24 20.87 48.71
N LEU E 315 24.67 21.71 47.76
CA LEU E 315 24.76 21.33 46.36
C LEU E 315 25.88 20.32 46.12
N THR E 316 27.06 20.52 46.73
CA THR E 316 28.18 19.59 46.64
C THR E 316 27.75 18.18 47.05
N LEU E 317 27.05 18.11 48.18
CA LEU E 317 26.67 16.86 48.82
C LEU E 317 25.62 16.12 48.00
N LEU E 318 24.66 16.88 47.43
CA LEU E 318 23.62 16.36 46.56
C LEU E 318 24.21 15.77 45.28
N LYS E 319 25.23 16.43 44.72
CA LYS E 319 25.92 15.94 43.54
C LYS E 319 26.63 14.61 43.80
N SER E 320 27.00 14.32 45.07
CA SER E 320 27.66 13.07 45.44
C SER E 320 26.70 11.88 45.38
N LEU E 321 25.39 12.16 45.44
CA LEU E 321 24.37 11.12 45.40
C LEU E 321 24.05 10.68 43.98
N GLU E 322 24.16 11.61 43.01
CA GLU E 322 23.96 11.31 41.59
C GLU E 322 24.71 10.07 41.11
N ARG E 323 25.87 9.74 41.68
CA ARG E 323 26.66 8.57 41.29
C ARG E 323 26.06 7.27 41.84
N LYS E 324 25.29 7.35 42.94
CA LYS E 324 24.89 6.16 43.68
C LYS E 324 23.69 5.51 43.01
N LYS E 325 23.64 4.15 43.07
CA LYS E 325 22.45 3.37 42.77
C LYS E 325 21.25 3.89 43.58
N GLN E 326 20.18 4.31 42.89
CA GLN E 326 18.98 4.74 43.60
C GLN E 326 17.76 4.32 42.78
N ASN E 327 16.74 3.88 43.47
CA ASN E 327 15.45 3.64 42.86
C ASN E 327 14.80 4.97 42.44
N GLU E 328 13.78 4.85 41.58
CA GLU E 328 13.11 6.02 41.06
C GLU E 328 12.54 6.92 42.17
N ASN E 329 11.98 6.33 43.25
CA ASN E 329 11.39 7.08 44.34
C ASN E 329 12.44 7.96 45.03
N ASP E 330 13.67 7.46 45.15
CA ASP E 330 14.77 8.23 45.73
C ASP E 330 15.14 9.38 44.81
N LEU E 331 15.13 9.16 43.49
CA LEU E 331 15.33 10.27 42.56
C LEU E 331 14.22 11.33 42.68
N GLY E 332 12.98 10.89 42.89
CA GLY E 332 11.90 11.78 43.23
C GLY E 332 12.29 12.82 44.29
N PHE E 333 12.88 12.34 45.38
CA PHE E 333 13.39 13.21 46.41
C PHE E 333 14.61 13.94 45.92
N HIS E 334 15.57 13.22 45.35
CA HIS E 334 16.81 13.85 44.90
C HIS E 334 16.54 15.15 44.15
N TYR E 335 15.69 15.12 43.13
CA TYR E 335 15.45 16.28 42.30
C TYR E 335 14.58 17.32 43.00
N TYR E 336 13.66 16.88 43.86
CA TYR E 336 12.95 17.84 44.69
C TYR E 336 13.96 18.64 45.47
N LEU E 337 15.03 18.02 45.98
CA LEU E 337 16.07 18.74 46.71
C LEU E 337 16.85 19.71 45.81
N GLU E 338 17.30 19.23 44.63
CA GLU E 338 17.96 20.08 43.66
C GLU E 338 17.09 21.30 43.41
N GLY E 339 15.77 21.09 43.31
CA GLY E 339 14.75 22.12 43.15
C GLY E 339 14.77 23.21 44.24
N LEU E 340 14.79 22.81 45.51
CA LEU E 340 14.85 23.80 46.57
C LEU E 340 16.16 24.59 46.59
N ILE E 341 17.26 24.01 46.09
CA ILE E 341 18.56 24.67 46.13
C ILE E 341 18.62 25.78 45.08
N THR E 342 18.33 25.43 43.83
CA THR E 342 18.58 26.27 42.66
C THR E 342 17.34 27.09 42.31
N ASN E 343 16.15 26.58 42.63
CA ASN E 343 14.91 27.23 42.23
C ASN E 343 14.58 26.98 40.75
N ASP E 344 15.36 26.14 40.03
CA ASP E 344 15.18 25.94 38.59
C ASP E 344 14.04 24.94 38.40
N LYS E 345 13.20 25.16 37.37
CA LYS E 345 11.98 24.38 37.20
C LYS E 345 12.09 22.93 36.68
N GLU E 346 13.15 22.67 35.91
CA GLU E 346 13.51 21.33 35.48
C GLU E 346 13.77 20.39 36.67
N ALA E 347 14.45 20.90 37.69
CA ALA E 347 14.64 20.16 38.93
C ALA E 347 13.22 19.70 39.28
N PHE E 348 12.32 20.64 39.54
CA PHE E 348 10.96 20.30 39.93
C PHE E 348 10.24 19.47 38.86
N TYR E 349 10.47 19.78 37.57
CA TYR E 349 9.90 18.95 36.52
C TYR E 349 10.39 17.49 36.61
N LYS E 350 11.73 17.28 36.72
CA LYS E 350 12.31 15.97 36.89
C LYS E 350 11.70 15.24 38.07
N SER E 351 11.69 15.89 39.22
CA SER E 351 11.09 15.38 40.45
C SER E 351 9.72 14.79 40.13
N VAL E 352 8.90 15.56 39.42
CA VAL E 352 7.58 15.08 39.02
C VAL E 352 7.70 13.80 38.19
N GLU E 353 8.58 13.79 37.17
CA GLU E 353 8.74 12.64 36.31
C GLU E 353 9.00 11.38 37.14
N TYR E 354 9.95 11.45 38.05
CA TYR E 354 10.40 10.29 38.77
C TYR E 354 9.33 9.84 39.74
N PHE E 355 8.63 10.76 40.43
CA PHE E 355 7.52 10.41 41.30
C PHE E 355 6.38 9.78 40.49
N LYS E 356 6.13 10.28 39.26
CA LYS E 356 5.16 9.66 38.37
C LYS E 356 5.58 8.22 38.06
N LEU E 357 6.86 7.96 37.74
CA LEU E 357 7.35 6.64 37.32
C LEU E 357 7.15 5.72 38.51
N SER E 358 7.56 6.22 39.69
CA SER E 358 7.36 5.56 40.96
C SER E 358 5.88 5.29 41.33
N GLN E 359 4.96 6.10 40.81
CA GLN E 359 3.54 5.98 41.11
C GLN E 359 3.39 6.29 42.61
N ASP E 360 4.13 7.31 43.06
CA ASP E 360 4.04 7.81 44.41
C ASP E 360 3.20 9.08 44.42
N LYS E 361 1.89 8.92 44.65
CA LYS E 361 0.95 10.01 44.52
C LYS E 361 0.91 10.89 45.76
N LEU E 362 1.62 10.51 46.83
CA LEU E 362 1.63 11.31 48.04
C LEU E 362 2.73 12.37 47.94
N PHE E 363 3.93 11.90 47.57
CA PHE E 363 5.10 12.76 47.44
C PHE E 363 5.16 13.52 46.12
N ILE E 364 4.29 13.24 45.14
CA ILE E 364 4.34 14.00 43.90
C ILE E 364 3.88 15.43 44.17
N LYS E 365 2.99 15.64 45.17
CA LYS E 365 2.49 16.95 45.52
C LYS E 365 3.60 17.88 45.99
N MET E 366 4.75 17.38 46.43
CA MET E 366 5.77 18.32 46.86
C MET E 366 6.36 19.16 45.75
N PRO E 367 6.88 18.56 44.68
CA PRO E 367 7.25 19.38 43.54
C PRO E 367 6.07 20.11 42.89
N LEU E 368 4.88 19.53 42.89
CA LEU E 368 3.75 20.19 42.25
C LEU E 368 3.37 21.50 42.94
N ILE E 369 3.46 21.55 44.28
CA ILE E 369 3.25 22.77 45.05
C ILE E 369 4.24 23.84 44.58
N LYS E 370 5.54 23.49 44.57
CA LYS E 370 6.56 24.43 44.14
C LYS E 370 6.27 24.96 42.75
N LEU E 371 5.99 24.07 41.80
CA LEU E 371 5.68 24.44 40.42
C LEU E 371 4.48 25.39 40.36
N GLU E 372 3.52 25.21 41.26
CA GLU E 372 2.34 26.09 41.27
C GLU E 372 2.75 27.52 41.64
N SER E 373 3.61 27.61 42.66
CA SER E 373 4.07 28.87 43.22
C SER E 373 5.00 29.62 42.26
N LEU E 374 5.56 28.93 41.25
CA LEU E 374 6.30 29.58 40.18
C LEU E 374 5.42 29.87 38.98
N GLY E 375 4.10 29.84 39.16
CA GLY E 375 3.14 30.34 38.17
C GLY E 375 2.81 29.31 37.11
N GLU E 376 2.99 28.02 37.42
CA GLU E 376 2.61 26.92 36.52
C GLU E 376 1.09 26.72 36.56
N ASN E 377 0.56 26.20 35.45
CA ASN E 377 -0.87 26.16 35.20
C ASN E 377 -1.51 25.28 36.25
N PRO E 378 -2.38 25.82 37.14
CA PRO E 378 -2.93 25.01 38.25
C PRO E 378 -3.65 23.72 37.85
N ARG E 379 -4.40 23.77 36.73
CA ARG E 379 -5.19 22.62 36.30
C ARG E 379 -4.31 21.45 35.82
N LEU E 380 -3.29 21.76 35.04
CA LEU E 380 -2.34 20.76 34.58
C LEU E 380 -1.63 20.13 35.78
N LEU E 381 -1.29 20.90 36.78
CA LEU E 381 -0.72 20.30 37.98
C LEU E 381 -1.67 19.35 38.72
N LYS E 382 -2.97 19.69 38.82
CA LYS E 382 -3.94 18.75 39.39
C LYS E 382 -4.07 17.45 38.57
N ILE E 383 -4.08 17.58 37.22
CA ILE E 383 -4.19 16.46 36.28
C ILE E 383 -3.03 15.53 36.56
N ILE E 384 -1.84 16.08 36.75
CA ILE E 384 -0.69 15.27 37.11
C ILE E 384 -0.87 14.67 38.50
N SER E 385 -1.44 15.39 39.46
CA SER E 385 -1.59 14.88 40.83
C SER E 385 -2.46 13.63 40.87
N MET E 386 -3.54 13.64 40.06
CA MET E 386 -4.49 12.53 39.98
C MET E 386 -3.82 11.30 39.32
N GLY F 1 14.99 11.14 52.80
CA GLY F 1 13.56 10.97 52.49
C GLY F 1 12.84 9.97 53.39
N VAL F 2 11.58 9.66 53.02
CA VAL F 2 10.67 8.81 53.75
C VAL F 2 10.81 7.38 53.24
N VAL F 3 10.57 6.38 54.10
CA VAL F 3 10.62 4.97 53.79
C VAL F 3 9.32 4.38 54.31
N ARG F 4 9.05 3.16 53.85
CA ARG F 4 7.75 2.52 53.99
C ARG F 4 8.00 1.09 54.47
N GLY F 5 7.09 0.61 55.28
CA GLY F 5 7.23 -0.73 55.78
C GLY F 5 5.87 -1.33 55.90
N ALA F 6 5.84 -2.63 55.80
CA ALA F 6 4.63 -3.38 55.89
C ALA F 6 4.96 -4.81 56.13
N SER G 46 -1.39 27.42 -66.30
CA SER G 46 -0.71 26.15 -66.47
C SER G 46 0.27 26.28 -67.60
N GLU G 47 0.91 27.42 -67.73
CA GLU G 47 1.77 27.54 -68.90
C GLU G 47 2.70 26.35 -68.97
N PHE G 48 3.34 26.02 -67.88
CA PHE G 48 4.22 24.87 -67.90
C PHE G 48 3.46 23.60 -68.10
N ASN G 49 2.30 23.51 -67.45
CA ASN G 49 1.46 22.36 -67.55
C ASN G 49 1.01 22.19 -68.96
N SER G 50 0.62 23.27 -69.62
CA SER G 50 0.25 23.13 -71.00
C SER G 50 1.46 22.67 -71.81
N ILE G 51 2.63 23.23 -71.56
CA ILE G 51 3.80 22.84 -72.33
C ILE G 51 4.10 21.36 -72.22
N VAL G 52 4.09 20.86 -71.00
CA VAL G 52 4.45 19.47 -70.83
C VAL G 52 3.47 18.53 -71.47
N ASN G 53 2.19 18.87 -71.39
CA ASN G 53 1.17 18.00 -71.97
C ASN G 53 1.37 17.82 -73.48
N ILE G 54 1.75 18.89 -74.15
CA ILE G 54 2.04 18.84 -75.55
C ILE G 54 3.33 18.06 -75.79
N VAL G 55 4.44 18.59 -75.33
CA VAL G 55 5.70 17.90 -75.60
C VAL G 55 5.54 16.40 -75.28
N LYS G 56 4.98 16.06 -74.11
CA LYS G 56 4.79 14.67 -73.66
C LYS G 56 4.04 13.85 -74.70
N THR G 57 2.91 14.39 -75.22
CA THR G 57 1.99 13.63 -76.04
C THR G 57 2.51 13.53 -77.48
N HIS G 58 3.12 14.62 -77.99
CA HIS G 58 3.59 14.64 -79.37
C HIS G 58 5.07 14.23 -79.49
N TYR G 59 5.88 14.55 -78.47
CA TYR G 59 7.32 14.41 -78.56
C TYR G 59 7.85 13.79 -77.28
N PRO G 60 7.39 12.55 -76.91
CA PRO G 60 7.98 11.81 -75.77
C PRO G 60 9.44 11.41 -76.09
N ASP G 61 9.67 11.24 -77.39
CA ASP G 61 10.80 10.61 -78.01
C ASP G 61 12.09 11.39 -77.82
N GLN G 62 12.04 12.70 -77.66
CA GLN G 62 13.16 13.44 -77.08
C GLN G 62 12.61 14.62 -76.30
N GLU G 63 11.73 14.27 -75.37
CA GLU G 63 11.04 15.19 -74.48
C GLU G 63 12.05 15.95 -73.62
N TYR G 64 13.08 15.25 -73.13
CA TYR G 64 14.10 15.84 -72.28
C TYR G 64 14.91 16.91 -73.01
N GLU G 65 15.22 16.75 -74.29
CA GLU G 65 15.94 17.79 -74.99
C GLU G 65 15.18 19.12 -75.01
N LEU G 66 13.86 19.07 -75.24
CA LEU G 66 12.97 20.23 -75.26
C LEU G 66 12.83 20.85 -73.88
N MET G 67 12.60 20.01 -72.86
CA MET G 67 12.34 20.43 -71.50
C MET G 67 13.58 20.88 -70.72
N GLU G 68 14.79 20.52 -71.14
CA GLU G 68 16.02 21.02 -70.51
C GLU G 68 16.08 22.55 -70.53
N ASN G 69 16.05 23.11 -71.76
CA ASN G 69 16.22 24.54 -71.96
C ASN G 69 15.05 25.26 -71.30
N TYR G 70 13.83 24.84 -71.58
CA TYR G 70 12.65 25.50 -71.10
C TYR G 70 12.61 25.52 -69.63
N CYS G 71 12.98 24.41 -69.04
CA CYS G 71 12.96 24.36 -67.62
C CYS G 71 13.96 25.33 -67.04
N LEU G 72 15.14 25.38 -67.61
CA LEU G 72 16.20 26.28 -67.14
C LEU G 72 15.91 27.79 -67.27
N LEU G 73 15.24 28.13 -68.35
CA LEU G 73 14.90 29.49 -68.72
C LEU G 73 14.00 30.18 -67.74
N LEU G 74 13.04 29.46 -67.20
CA LEU G 74 12.05 30.08 -66.33
C LEU G 74 12.61 30.80 -65.14
N ASP G 75 11.95 31.89 -64.84
CA ASP G 75 12.30 32.77 -63.73
C ASP G 75 11.93 32.08 -62.42
N PRO G 76 12.88 31.94 -61.44
CA PRO G 76 12.59 31.28 -60.18
C PRO G 76 11.27 31.71 -59.53
N ASN G 77 10.97 33.01 -59.53
CA ASN G 77 9.88 33.48 -58.67
C ASN G 77 8.49 33.00 -59.16
N THR G 78 8.40 32.55 -60.41
CA THR G 78 7.11 32.29 -61.02
C THR G 78 6.57 30.93 -60.59
N LYS G 79 5.28 30.71 -60.89
CA LYS G 79 4.60 29.46 -60.66
C LYS G 79 5.25 28.33 -61.45
N ALA G 80 5.48 28.63 -62.73
CA ALA G 80 6.01 27.67 -63.70
C ALA G 80 7.35 27.11 -63.22
N ALA G 81 8.22 27.97 -62.64
CA ALA G 81 9.50 27.48 -62.16
C ALA G 81 9.32 26.55 -60.97
N ARG G 82 8.39 26.91 -60.07
CA ARG G 82 8.03 26.04 -58.97
C ARG G 82 7.47 24.70 -59.45
N SER G 83 6.51 24.73 -60.38
CA SER G 83 5.99 23.50 -60.96
C SER G 83 7.10 22.69 -61.64
N ALA G 84 8.08 23.37 -62.26
CA ALA G 84 9.14 22.69 -63.00
C ALA G 84 10.08 21.96 -62.04
N LEU G 85 10.18 22.40 -60.78
CA LEU G 85 11.00 21.69 -59.83
C LEU G 85 10.48 20.28 -59.63
N GLU G 86 9.16 20.14 -59.62
CA GLU G 86 8.56 18.83 -59.45
C GLU G 86 8.80 17.96 -60.66
N TYR G 87 8.53 18.48 -61.86
CA TYR G 87 8.78 17.71 -63.06
C TYR G 87 10.19 17.10 -63.01
N ALA G 88 11.19 17.91 -62.67
CA ALA G 88 12.57 17.46 -62.68
C ALA G 88 12.77 16.32 -61.70
N ASP G 89 12.28 16.48 -60.44
CA ASP G 89 12.52 15.49 -59.40
C ASP G 89 11.63 14.24 -59.51
N ALA G 90 10.34 14.41 -59.79
CA ALA G 90 9.48 13.31 -60.17
C ALA G 90 10.10 12.45 -61.27
N ASN G 91 10.89 13.05 -62.17
CA ASN G 91 11.51 12.27 -63.24
C ASN G 91 12.87 11.72 -62.86
N SER G 92 13.45 12.19 -61.75
CA SER G 92 14.77 11.78 -61.27
C SER G 92 15.84 12.14 -62.30
N PHE G 93 15.60 13.28 -62.94
CA PHE G 93 16.60 13.99 -63.72
C PHE G 93 17.43 14.76 -62.72
N ASN G 94 18.50 14.15 -62.20
CA ASN G 94 19.13 14.63 -60.99
C ASN G 94 19.82 15.96 -61.21
N THR G 95 20.79 15.98 -62.15
CA THR G 95 21.54 17.17 -62.56
C THR G 95 20.60 18.37 -62.72
N LEU G 96 19.51 18.19 -63.47
CA LEU G 96 18.55 19.24 -63.73
C LEU G 96 17.81 19.62 -62.46
N THR G 97 17.47 18.65 -61.62
CA THR G 97 16.87 18.92 -60.32
C THR G 97 17.86 19.71 -59.45
N ASP G 98 19.14 19.37 -59.47
CA ASP G 98 20.16 20.07 -58.66
C ASP G 98 20.37 21.49 -59.17
N LYS G 99 20.32 21.70 -60.50
CA LYS G 99 20.38 23.03 -61.09
C LYS G 99 19.18 23.89 -60.71
N LEU G 100 17.96 23.33 -60.79
CA LEU G 100 16.74 24.01 -60.41
C LEU G 100 16.77 24.38 -58.92
N VAL G 101 17.26 23.47 -58.06
CA VAL G 101 17.41 23.69 -56.63
C VAL G 101 18.24 24.95 -56.36
N GLU G 102 19.41 25.08 -57.01
CA GLU G 102 20.33 26.20 -56.81
C GLU G 102 19.62 27.54 -56.95
N LYS G 103 19.01 27.75 -58.13
CA LYS G 103 18.32 28.99 -58.47
C LYS G 103 17.22 29.28 -57.45
N MET G 104 16.46 28.22 -57.08
CA MET G 104 15.26 28.33 -56.26
C MET G 104 15.58 28.67 -54.80
N SER G 105 16.68 28.10 -54.27
CA SER G 105 17.15 28.36 -52.92
C SER G 105 17.41 29.85 -52.66
N ILE G 106 17.96 30.54 -53.67
CA ILE G 106 18.37 31.94 -53.65
C ILE G 106 17.29 32.88 -54.23
N ALA G 107 16.12 32.34 -54.63
CA ALA G 107 15.08 33.16 -55.24
C ALA G 107 14.44 34.09 -54.21
N SER G 108 13.96 35.24 -54.69
CA SER G 108 13.35 36.26 -53.86
C SER G 108 12.03 35.77 -53.29
N ASN G 109 11.20 35.16 -54.14
CA ASN G 109 9.85 34.75 -53.79
C ASN G 109 9.92 33.77 -52.63
N LEU G 110 8.98 33.88 -51.68
CA LEU G 110 8.91 33.04 -50.50
C LEU G 110 8.44 31.62 -50.86
N LYS G 111 7.48 31.50 -51.78
CA LYS G 111 6.99 30.21 -52.26
C LYS G 111 8.11 29.41 -52.91
N SER G 112 8.79 30.04 -53.86
CA SER G 112 9.94 29.45 -54.52
C SER G 112 11.12 29.25 -53.59
N LYS G 113 11.33 30.09 -52.58
CA LYS G 113 12.38 29.86 -51.60
C LYS G 113 12.10 28.58 -50.82
N GLU G 114 10.82 28.34 -50.44
CA GLU G 114 10.41 27.18 -49.67
C GLU G 114 10.79 25.90 -50.40
N TYR G 115 10.22 25.75 -51.62
CA TYR G 115 10.41 24.54 -52.43
C TYR G 115 11.90 24.28 -52.56
N GLY G 116 12.67 25.33 -52.85
CA GLY G 116 14.13 25.22 -52.95
C GLY G 116 14.71 24.56 -51.71
N LYS G 117 14.33 25.03 -50.54
CA LYS G 117 14.92 24.59 -49.29
C LYS G 117 14.54 23.14 -48.98
N ILE G 118 13.30 22.75 -49.31
CA ILE G 118 12.81 21.44 -48.89
C ILE G 118 13.33 20.38 -49.86
N TYR G 119 13.16 20.58 -51.18
CA TYR G 119 13.79 19.71 -52.15
C TYR G 119 15.32 19.48 -52.10
N GLU G 120 16.15 20.46 -51.74
CA GLU G 120 17.58 20.25 -51.46
C GLU G 120 17.91 19.30 -50.28
N ILE G 121 16.97 19.26 -49.34
CA ILE G 121 16.99 18.39 -48.17
C ILE G 121 16.72 17.06 -48.83
N HIS G 122 15.61 16.94 -49.56
CA HIS G 122 15.20 15.70 -50.21
C HIS G 122 16.30 15.14 -51.08
N ARG G 123 17.03 16.01 -51.80
CA ARG G 123 18.09 15.60 -52.71
C ARG G 123 19.38 15.30 -51.95
N LYS G 124 19.63 15.97 -50.81
CA LYS G 124 20.74 15.62 -49.91
C LYS G 124 20.48 14.27 -49.23
N LEU G 125 19.21 13.97 -48.96
CA LEU G 125 18.82 12.69 -48.39
C LEU G 125 18.99 11.57 -49.42
N SER G 126 18.52 11.76 -50.67
CA SER G 126 18.57 10.75 -51.74
C SER G 126 20.01 10.41 -52.15
N ARG G 127 20.90 11.42 -52.24
CA ARG G 127 22.33 11.23 -52.48
C ARG G 127 23.05 10.62 -51.26
N GLY G 128 22.45 10.70 -50.06
CA GLY G 128 22.96 10.04 -48.86
C GLY G 128 24.06 10.86 -48.18
N GLU G 129 24.09 12.16 -48.47
CA GLU G 129 24.94 13.12 -47.79
C GLU G 129 24.48 13.28 -46.34
N ILE G 130 23.19 13.05 -46.06
CA ILE G 130 22.67 13.13 -44.69
C ILE G 130 21.80 11.91 -44.39
N ASP G 131 21.64 11.60 -43.08
CA ASP G 131 20.79 10.50 -42.60
C ASP G 131 19.37 11.03 -42.36
N VAL G 132 18.44 10.13 -41.98
CA VAL G 132 17.02 10.44 -41.84
C VAL G 132 16.82 11.38 -40.67
N LEU G 133 17.52 11.20 -39.57
CA LEU G 133 17.26 12.05 -38.40
C LEU G 133 17.58 13.52 -38.59
N GLU G 134 18.68 13.80 -39.28
CA GLU G 134 19.09 15.15 -39.60
C GLU G 134 18.07 15.76 -40.51
N ALA G 135 17.57 14.99 -41.45
CA ALA G 135 16.51 15.46 -42.29
C ALA G 135 15.29 15.71 -41.44
N SER G 136 14.98 14.86 -40.47
CA SER G 136 13.83 15.12 -39.65
C SER G 136 14.01 16.41 -38.85
N LYS G 137 15.20 16.58 -38.30
CA LYS G 137 15.55 17.81 -37.56
C LYS G 137 15.34 19.05 -38.41
N ASN G 138 15.83 19.01 -39.65
CA ASN G 138 15.81 20.13 -40.58
C ASN G 138 14.39 20.37 -41.10
N ILE G 139 13.49 19.40 -41.03
CA ILE G 139 12.09 19.58 -41.40
C ILE G 139 11.35 20.22 -40.23
N GLY G 140 11.68 19.79 -39.01
CA GLY G 140 11.21 20.44 -37.77
C GLY G 140 11.67 21.90 -37.63
N LYS G 141 12.94 22.17 -37.98
CA LYS G 141 13.61 23.46 -37.95
C LYS G 141 12.95 24.48 -38.89
N TYR G 142 12.74 24.06 -40.15
CA TYR G 142 12.14 24.92 -41.16
C TYR G 142 10.63 25.07 -40.95
N ARG G 143 10.09 26.25 -41.31
CA ARG G 143 8.72 26.64 -41.04
C ARG G 143 7.82 26.64 -42.27
N ILE G 144 6.87 25.69 -42.33
CA ILE G 144 6.17 25.37 -43.56
C ILE G 144 4.90 26.23 -43.68
N LYS G 145 4.84 27.04 -44.75
CA LYS G 145 3.80 27.98 -45.10
C LYS G 145 2.89 27.45 -46.20
N THR G 146 3.42 26.60 -47.11
CA THR G 146 2.67 26.09 -48.27
C THR G 146 2.11 24.71 -47.95
N ASP G 147 0.91 24.40 -48.50
CA ASP G 147 0.28 23.10 -48.30
C ASP G 147 1.10 21.98 -48.93
N GLU G 148 1.65 22.30 -50.12
CA GLU G 148 2.50 21.39 -50.90
C GLU G 148 3.71 20.98 -50.06
N MET G 149 4.46 21.92 -49.51
CA MET G 149 5.70 21.57 -48.82
C MET G 149 5.44 20.97 -47.45
N ASN G 150 4.22 21.14 -46.91
CA ASN G 150 3.82 20.38 -45.74
C ASN G 150 3.70 18.90 -46.15
N ILE G 151 3.05 18.65 -47.29
CA ILE G 151 2.82 17.30 -47.78
C ILE G 151 4.13 16.67 -48.27
N PHE G 152 4.98 17.42 -48.97
CA PHE G 152 6.17 16.84 -49.57
C PHE G 152 7.21 16.57 -48.48
N SER G 153 7.25 17.38 -47.40
CA SER G 153 8.15 17.14 -46.27
C SER G 153 7.91 15.77 -45.63
N LYS G 154 6.63 15.36 -45.55
CA LYS G 154 6.24 14.07 -44.97
C LYS G 154 6.79 12.92 -45.77
N MET G 155 6.75 13.03 -47.10
CA MET G 155 7.18 11.98 -48.02
C MET G 155 8.70 11.84 -48.05
N ILE G 156 9.47 12.86 -47.63
CA ILE G 156 10.93 12.90 -47.71
C ILE G 156 11.56 11.71 -47.01
N PRO G 157 11.24 11.49 -45.70
CA PRO G 157 11.81 10.37 -44.96
C PRO G 157 11.33 9.02 -45.49
N MET G 158 10.09 8.96 -45.92
CA MET G 158 9.53 7.71 -46.39
C MET G 158 10.31 7.11 -47.56
N TYR G 159 10.86 7.94 -48.46
CA TYR G 159 11.75 7.46 -49.51
C TYR G 159 12.96 6.76 -48.90
N ASP G 160 13.51 7.34 -47.81
CA ASP G 160 14.69 6.78 -47.18
C ASP G 160 14.37 5.47 -46.50
N TYR G 161 13.31 5.43 -45.69
CA TYR G 161 12.80 4.19 -45.14
C TYR G 161 12.72 3.11 -46.23
N LEU G 162 11.99 3.36 -47.32
CA LEU G 162 11.76 2.30 -48.30
C LEU G 162 13.07 1.72 -48.87
N SER G 163 14.01 2.60 -49.22
CA SER G 163 15.35 2.21 -49.64
C SER G 163 16.06 1.44 -48.53
N LYS G 164 16.01 1.96 -47.29
CA LYS G 164 16.79 1.43 -46.19
C LYS G 164 16.07 0.34 -45.40
N GLY G 165 14.95 -0.19 -45.93
CA GLY G 165 14.33 -1.39 -45.35
C GLY G 165 13.53 -1.17 -44.06
N ASN G 166 13.61 0.02 -43.44
CA ASN G 166 12.97 0.21 -42.14
C ASN G 166 11.49 0.55 -42.35
N PHE G 167 10.62 -0.44 -42.45
CA PHE G 167 9.26 -0.22 -42.96
C PHE G 167 8.37 0.30 -41.82
N SER G 168 8.72 0.19 -40.57
CA SER G 168 7.71 0.52 -39.58
C SER G 168 7.10 1.91 -39.57
N PRO G 169 7.92 2.92 -39.74
CA PRO G 169 7.57 4.33 -39.76
C PRO G 169 6.64 4.83 -40.84
N MET G 170 6.55 4.11 -41.93
CA MET G 170 5.79 4.55 -43.07
C MET G 170 4.29 4.73 -43.07
N LYS G 171 3.53 3.76 -42.58
CA LYS G 171 2.09 3.91 -42.69
C LYS G 171 1.56 5.08 -41.89
N SER G 172 2.12 5.25 -40.71
CA SER G 172 1.68 6.31 -39.86
C SER G 172 1.93 7.64 -40.52
N LEU G 173 3.09 7.83 -41.12
CA LEU G 173 3.40 9.08 -41.77
C LEU G 173 2.43 9.31 -42.88
N LEU G 174 2.05 8.23 -43.55
CA LEU G 174 1.20 8.38 -44.72
C LEU G 174 -0.18 8.95 -44.36
N LYS G 175 -0.79 8.51 -43.25
CA LYS G 175 -2.18 8.88 -43.01
C LYS G 175 -2.33 10.39 -42.72
N GLN G 176 -1.24 11.11 -42.39
CA GLN G 176 -1.25 12.56 -42.19
C GLN G 176 -1.03 13.33 -43.50
N ILE G 177 -1.66 12.85 -44.60
CA ILE G 177 -1.59 13.43 -45.93
C ILE G 177 -3.01 13.48 -46.50
N ASP G 178 -3.43 14.70 -46.90
CA ASP G 178 -4.63 14.92 -47.70
C ASP G 178 -4.22 15.73 -48.94
N LEU G 179 -4.58 15.27 -50.15
CA LEU G 179 -4.23 15.91 -51.42
C LEU G 179 -5.26 16.95 -51.88
N ASN G 180 -6.37 17.13 -51.12
CA ASN G 180 -7.35 18.20 -51.32
C ASN G 180 -6.91 19.50 -50.66
N ASP G 181 -5.87 19.45 -49.82
CA ASP G 181 -5.16 20.62 -49.29
C ASP G 181 -4.67 21.49 -50.45
N ILE G 182 -4.24 20.86 -51.55
CA ILE G 182 -3.86 21.53 -52.80
C ILE G 182 -5.04 21.46 -53.79
N LYS G 183 -5.50 22.60 -54.33
CA LYS G 183 -6.29 22.70 -55.56
C LYS G 183 -5.85 23.90 -56.41
N GLU G 184 -4.58 24.35 -56.26
CA GLU G 184 -4.10 25.62 -56.83
C GLU G 184 -3.07 25.36 -57.94
N ASN G 185 -2.04 24.57 -57.59
CA ASN G 185 -1.07 24.03 -58.51
C ASN G 185 -1.45 22.58 -58.87
N ASN G 186 -2.26 22.43 -59.94
CA ASN G 186 -2.81 21.15 -60.34
C ASN G 186 -1.76 20.21 -60.91
N TYR G 187 -0.63 20.74 -61.38
CA TYR G 187 0.46 19.91 -61.83
C TYR G 187 1.16 19.15 -60.70
N LEU G 188 1.51 19.83 -59.60
CA LEU G 188 2.07 19.18 -58.41
C LEU G 188 1.06 18.26 -57.75
N LYS G 189 -0.21 18.67 -57.76
CA LYS G 189 -1.28 17.86 -57.19
C LYS G 189 -1.22 16.52 -57.92
N LYS G 190 -1.18 16.53 -59.26
CA LYS G 190 -1.27 15.28 -60.02
C LYS G 190 -0.04 14.40 -59.80
N SER G 191 1.15 14.97 -59.88
CA SER G 191 2.36 14.19 -59.68
C SER G 191 2.41 13.59 -58.27
N PHE G 192 1.86 14.28 -57.25
CA PHE G 192 1.82 13.78 -55.88
C PHE G 192 0.79 12.65 -55.70
N GLU G 193 -0.32 12.67 -56.45
CA GLU G 193 -1.24 11.54 -56.49
C GLU G 193 -0.48 10.29 -56.87
N THR G 194 0.28 10.39 -57.94
CA THR G 194 1.04 9.26 -58.45
C THR G 194 2.06 8.87 -57.41
N ARG G 195 2.75 9.86 -56.81
CA ARG G 195 3.75 9.63 -55.78
C ARG G 195 3.14 8.84 -54.65
N ILE G 196 1.96 9.22 -54.19
CA ILE G 196 1.32 8.54 -53.09
C ILE G 196 0.82 7.18 -53.52
N TYR G 197 0.17 7.04 -54.69
CA TYR G 197 -0.27 5.76 -55.18
C TYR G 197 0.88 4.78 -55.18
N VAL G 198 2.07 5.24 -55.57
CA VAL G 198 3.23 4.37 -55.64
C VAL G 198 3.68 4.02 -54.23
N LEU G 199 3.83 4.99 -53.34
CA LEU G 199 4.30 4.72 -51.99
C LEU G 199 3.33 3.78 -51.28
N LEU G 200 2.01 3.98 -51.43
CA LEU G 200 1.03 3.06 -50.90
C LEU G 200 1.23 1.63 -51.49
N SER G 201 1.53 1.59 -52.78
CA SER G 201 1.74 0.30 -53.42
C SER G 201 2.89 -0.46 -52.75
N ASN G 202 3.92 0.27 -52.29
CA ASN G 202 5.00 -0.29 -51.49
C ASN G 202 4.58 -0.66 -50.08
N ILE G 203 3.84 0.19 -49.38
CA ILE G 203 3.44 -0.06 -48.01
C ILE G 203 2.67 -1.37 -47.89
N TYR G 204 1.70 -1.59 -48.78
CA TYR G 204 0.91 -2.80 -48.76
C TYR G 204 1.69 -4.02 -49.23
N LEU G 205 2.64 -3.84 -50.16
CA LEU G 205 3.59 -4.87 -50.52
C LEU G 205 4.27 -5.41 -49.26
N ASN G 206 4.85 -4.51 -48.44
CA ASN G 206 5.58 -4.95 -47.26
C ASN G 206 4.64 -5.52 -46.20
N GLU G 207 3.38 -5.09 -46.21
CA GLU G 207 2.40 -5.64 -45.30
C GLU G 207 1.87 -6.98 -45.83
N ASN G 208 2.32 -7.42 -47.00
CA ASN G 208 1.91 -8.71 -47.56
C ASN G 208 0.43 -8.70 -47.93
N GLU G 209 -0.02 -7.55 -48.45
CA GLU G 209 -1.36 -7.35 -48.98
C GLU G 209 -1.23 -7.09 -50.48
N LEU G 210 -0.99 -8.18 -51.23
CA LEU G 210 -0.45 -8.13 -52.58
C LEU G 210 -1.53 -7.70 -53.58
N GLU G 211 -2.77 -8.18 -53.42
CA GLU G 211 -3.87 -7.75 -54.28
C GLU G 211 -4.00 -6.23 -54.25
N LEU G 212 -3.95 -5.66 -53.04
CA LEU G 212 -4.06 -4.23 -52.85
C LEU G 212 -2.84 -3.44 -53.36
N SER G 213 -1.62 -3.92 -53.09
CA SER G 213 -0.44 -3.27 -53.62
C SER G 213 -0.58 -3.08 -55.13
N ARG G 214 -1.04 -4.11 -55.85
CA ARG G 214 -1.18 -4.07 -57.30
C ARG G 214 -2.27 -3.09 -57.69
N LYS G 215 -3.40 -3.08 -56.98
CA LYS G 215 -4.43 -2.07 -57.19
C LYS G 215 -3.80 -0.67 -57.22
N TYR G 216 -2.95 -0.36 -56.26
CA TYR G 216 -2.35 0.97 -56.15
C TYR G 216 -1.32 1.26 -57.23
N ALA G 217 -0.51 0.28 -57.61
CA ALA G 217 0.40 0.41 -58.74
C ALA G 217 -0.35 0.69 -60.06
N GLU G 218 -1.44 -0.06 -60.30
CA GLU G 218 -2.35 0.14 -61.43
C GLU G 218 -2.92 1.55 -61.42
N LYS G 219 -3.37 2.01 -60.23
CA LYS G 219 -3.83 3.38 -60.06
C LYS G 219 -2.73 4.29 -60.60
N ALA G 220 -1.50 4.10 -60.07
CA ALA G 220 -0.37 4.97 -60.37
C ALA G 220 -0.13 5.03 -61.89
N ILE G 221 -0.21 3.86 -62.56
CA ILE G 221 0.10 3.76 -63.99
C ILE G 221 -0.83 4.59 -64.88
N LYS G 222 -2.16 4.48 -64.69
CA LYS G 222 -3.11 5.25 -65.47
C LYS G 222 -3.16 6.75 -65.12
N SER G 223 -2.68 7.11 -63.93
CA SER G 223 -2.68 8.47 -63.40
C SER G 223 -1.52 9.26 -64.06
N THR G 224 -0.48 8.60 -64.57
CA THR G 224 0.78 9.25 -64.93
C THR G 224 1.25 8.81 -66.30
N ASP G 225 2.20 9.57 -66.87
CA ASP G 225 3.08 9.13 -67.95
C ASP G 225 4.52 9.50 -67.61
N THR G 226 4.85 9.68 -66.33
CA THR G 226 6.22 9.87 -65.89
C THR G 226 6.92 8.50 -65.81
N LYS G 227 8.10 8.41 -66.44
CA LYS G 227 8.79 7.14 -66.62
C LYS G 227 9.10 6.56 -65.24
N ARG G 228 9.63 7.38 -64.32
CA ARG G 228 10.05 6.87 -63.03
C ARG G 228 8.90 6.17 -62.34
N PHE G 229 7.75 6.83 -62.30
CA PHE G 229 6.60 6.25 -61.64
C PHE G 229 6.11 5.00 -62.38
N LEU G 230 6.16 5.01 -63.71
CA LEU G 230 5.88 3.78 -64.43
C LEU G 230 6.89 2.68 -64.03
N VAL G 231 8.20 3.02 -64.03
CA VAL G 231 9.25 2.08 -63.63
C VAL G 231 8.93 1.48 -62.28
N PHE G 232 8.64 2.32 -61.27
CA PHE G 232 8.46 1.82 -59.92
C PHE G 232 7.14 1.10 -59.74
N SER G 233 6.03 1.57 -60.35
CA SER G 233 4.81 0.75 -60.38
C SER G 233 5.15 -0.68 -60.80
N TYR G 234 5.85 -0.86 -61.92
CA TYR G 234 6.17 -2.16 -62.50
C TYR G 234 7.09 -2.96 -61.59
N LEU G 235 8.09 -2.30 -60.99
CA LEU G 235 8.93 -2.95 -60.01
C LEU G 235 8.07 -3.56 -58.92
N THR G 236 7.10 -2.79 -58.41
CA THR G 236 6.34 -3.27 -57.28
C THR G 236 5.38 -4.40 -57.69
N ILE G 237 4.75 -4.31 -58.89
CA ILE G 237 3.94 -5.43 -59.36
C ILE G 237 4.82 -6.65 -59.55
N GLY G 238 5.96 -6.46 -60.21
CA GLY G 238 6.97 -7.48 -60.30
C GLY G 238 7.24 -8.17 -58.98
N THR G 239 7.51 -7.38 -57.95
CA THR G 239 7.86 -7.94 -56.65
C THR G 239 6.65 -8.70 -56.09
N SER G 240 5.44 -8.15 -56.28
CA SER G 240 4.23 -8.73 -55.72
C SER G 240 4.01 -10.17 -56.17
N TYR G 241 4.54 -10.55 -57.33
CA TYR G 241 4.29 -11.87 -57.89
C TYR G 241 5.42 -12.87 -57.66
N ILE G 242 6.58 -12.45 -57.11
CA ILE G 242 7.74 -13.33 -57.00
C ILE G 242 7.38 -14.71 -56.47
N PHE G 243 6.46 -14.82 -55.47
CA PHE G 243 6.15 -16.10 -54.86
C PHE G 243 4.87 -16.55 -55.56
N SER G 244 3.96 -15.62 -55.88
CA SER G 244 2.68 -15.96 -56.53
C SER G 244 2.91 -16.83 -57.77
N ASP G 245 3.47 -16.19 -58.81
CA ASP G 245 3.49 -16.70 -60.16
C ASP G 245 4.72 -16.13 -60.86
N TYR G 246 5.75 -16.98 -61.04
CA TYR G 246 6.95 -16.71 -61.82
C TYR G 246 6.65 -15.89 -63.08
N ALA G 247 5.69 -16.34 -63.89
CA ALA G 247 5.44 -15.79 -65.21
C ALA G 247 5.13 -14.28 -65.13
N LEU G 248 4.14 -13.93 -64.29
CA LEU G 248 3.62 -12.57 -64.22
C LEU G 248 4.66 -11.63 -63.60
N SER G 249 5.43 -12.13 -62.62
CA SER G 249 6.55 -11.43 -62.01
C SER G 249 7.53 -11.03 -63.11
N LYS G 250 7.96 -12.01 -63.92
CA LYS G 250 8.90 -11.79 -65.00
C LYS G 250 8.34 -10.75 -65.97
N GLN G 251 7.06 -10.90 -66.33
CA GLN G 251 6.41 -10.01 -67.28
C GLN G 251 6.48 -8.57 -66.76
N ASN G 252 5.98 -8.33 -65.56
CA ASN G 252 5.94 -6.98 -65.00
C ASN G 252 7.33 -6.37 -64.80
N TYR G 253 8.30 -7.17 -64.33
CA TYR G 253 9.71 -6.74 -64.25
C TYR G 253 10.29 -6.47 -65.64
N LEU G 254 9.95 -7.28 -66.65
CA LEU G 254 10.48 -7.06 -68.00
C LEU G 254 9.87 -5.80 -68.65
N SER G 255 8.55 -5.60 -68.48
CA SER G 255 7.85 -4.47 -69.06
C SER G 255 8.45 -3.17 -68.50
N GLY G 256 8.63 -3.09 -67.17
CA GLY G 256 9.41 -2.02 -66.56
C GLY G 256 10.83 -1.86 -67.13
N TYR G 257 11.55 -2.98 -67.26
CA TYR G 257 12.92 -2.94 -67.76
C TYR G 257 13.03 -2.23 -69.12
N GLU G 258 12.10 -2.55 -70.04
CA GLU G 258 11.93 -1.90 -71.33
C GLU G 258 11.81 -0.38 -71.15
N ILE G 259 10.92 0.05 -70.23
CA ILE G 259 10.70 1.47 -70.04
C ILE G 259 11.99 2.09 -69.52
N ALA G 260 12.69 1.34 -68.68
CA ALA G 260 13.90 1.85 -68.03
C ALA G 260 15.08 2.03 -68.99
N LYS G 261 15.09 1.32 -70.13
CA LYS G 261 16.23 1.38 -71.03
C LYS G 261 16.71 2.82 -71.25
N GLY G 262 18.04 3.00 -71.16
CA GLY G 262 18.67 4.31 -71.08
C GLY G 262 19.23 4.63 -69.70
N ASN G 263 18.50 4.33 -68.60
CA ASN G 263 18.81 4.81 -67.25
C ASN G 263 19.46 3.69 -66.41
N SER G 264 20.74 3.88 -66.03
CA SER G 264 21.51 2.87 -65.31
C SER G 264 20.93 2.60 -63.93
N VAL G 265 20.43 3.68 -63.29
CA VAL G 265 19.99 3.67 -61.90
C VAL G 265 18.67 2.89 -61.80
N PHE G 266 17.76 3.16 -62.74
CA PHE G 266 16.48 2.48 -62.86
C PHE G 266 16.62 1.04 -63.39
N GLU G 267 17.56 0.78 -64.29
CA GLU G 267 17.85 -0.57 -64.78
C GLU G 267 18.22 -1.46 -63.59
N GLU G 268 19.11 -0.97 -62.70
CA GLU G 268 19.80 -1.86 -61.79
C GLU G 268 18.80 -2.48 -60.84
N PHE G 269 17.65 -1.82 -60.61
CA PHE G 269 16.63 -2.34 -59.71
C PHE G 269 15.99 -3.58 -60.31
N PHE G 270 15.70 -3.52 -61.63
CA PHE G 270 15.14 -4.66 -62.32
C PHE G 270 16.15 -5.83 -62.34
N LYS G 271 17.43 -5.52 -62.54
CA LYS G 271 18.44 -6.57 -62.62
C LYS G 271 18.57 -7.28 -61.28
N ARG G 272 18.75 -6.52 -60.21
CA ARG G 272 18.81 -7.07 -58.86
C ARG G 272 17.59 -7.93 -58.53
N ASN G 273 16.39 -7.51 -58.99
CA ASN G 273 15.14 -8.20 -58.62
C ASN G 273 14.83 -9.34 -59.59
N LEU G 274 15.36 -9.26 -60.80
CA LEU G 274 15.26 -10.39 -61.70
C LEU G 274 16.21 -11.48 -61.24
N SER G 275 17.41 -11.10 -60.76
CA SER G 275 18.35 -12.06 -60.20
C SER G 275 17.68 -12.82 -59.05
N PHE G 276 17.15 -12.08 -58.09
CA PHE G 276 16.50 -12.70 -56.95
C PHE G 276 15.37 -13.59 -57.43
N LEU G 277 14.44 -13.08 -58.25
CA LEU G 277 13.32 -13.91 -58.67
C LEU G 277 13.80 -15.24 -59.24
N ASN G 278 14.75 -15.17 -60.17
CA ASN G 278 15.25 -16.36 -60.84
C ASN G 278 15.96 -17.39 -59.96
N ASN G 279 16.90 -16.91 -59.11
CA ASN G 279 17.53 -17.76 -58.10
C ASN G 279 16.56 -18.42 -57.13
N PHE G 280 15.54 -17.68 -56.77
CA PHE G 280 14.55 -18.19 -55.84
C PHE G 280 13.81 -19.35 -56.49
N TRP G 281 13.45 -19.25 -57.78
CA TRP G 281 12.76 -20.37 -58.44
C TRP G 281 13.73 -21.41 -58.97
N ASN G 282 15.05 -21.18 -58.87
CA ASN G 282 16.05 -22.16 -59.31
C ASN G 282 15.96 -22.31 -60.83
N LYS G 283 16.08 -21.18 -61.56
CA LYS G 283 16.14 -21.10 -63.03
C LYS G 283 17.51 -20.57 -63.42
N GLU G 284 17.83 -20.64 -64.72
CA GLU G 284 19.09 -20.10 -65.22
C GLU G 284 18.98 -18.57 -65.18
N ASN G 285 20.00 -17.86 -64.68
CA ASN G 285 19.81 -16.41 -64.59
C ASN G 285 20.98 -15.60 -65.12
N PRO G 286 20.68 -14.85 -66.20
CA PRO G 286 21.53 -13.81 -66.77
C PRO G 286 21.88 -12.55 -65.97
N TRP G 287 21.06 -12.20 -64.99
CA TRP G 287 21.01 -10.81 -64.51
C TRP G 287 21.97 -10.58 -63.34
N ILE G 288 22.78 -11.57 -62.97
CA ILE G 288 23.59 -11.47 -61.76
C ILE G 288 24.79 -10.61 -62.13
N ASN G 289 25.16 -9.72 -61.21
CA ASN G 289 26.26 -8.78 -61.36
C ASN G 289 27.42 -9.25 -60.47
N TYR G 290 28.49 -9.77 -61.10
CA TYR G 290 29.61 -10.42 -60.43
C TYR G 290 30.69 -9.41 -60.01
N ASP G 291 30.65 -8.19 -60.58
CA ASP G 291 31.64 -7.14 -60.36
C ASP G 291 31.02 -5.97 -59.58
N SER G 292 30.16 -6.31 -58.64
CA SER G 292 29.57 -5.39 -57.69
C SER G 292 30.04 -5.81 -56.29
N ASN G 293 30.33 -4.83 -55.42
CA ASN G 293 30.55 -5.07 -54.00
C ASN G 293 29.29 -4.83 -53.18
N ALA G 294 28.24 -4.27 -53.80
CA ALA G 294 26.97 -4.00 -53.13
C ALA G 294 26.48 -5.28 -52.48
N VAL G 295 26.22 -5.19 -51.15
CA VAL G 295 25.72 -6.30 -50.36
C VAL G 295 24.59 -7.05 -51.10
N THR G 296 23.66 -6.28 -51.73
CA THR G 296 22.50 -6.85 -52.40
C THR G 296 22.87 -7.75 -53.60
N ASP G 297 23.90 -7.34 -54.37
CA ASP G 297 24.35 -8.01 -55.59
C ASP G 297 25.22 -9.24 -55.29
N VAL G 298 26.02 -9.15 -54.21
CA VAL G 298 26.83 -10.25 -53.72
C VAL G 298 25.88 -11.34 -53.24
N GLN G 299 24.93 -10.93 -52.39
CA GLN G 299 23.81 -11.75 -51.96
C GLN G 299 23.19 -12.57 -53.11
N GLU G 300 23.10 -11.96 -54.30
CA GLU G 300 22.61 -12.64 -55.49
C GLU G 300 23.59 -13.69 -56.00
N VAL G 301 24.91 -13.39 -55.99
CA VAL G 301 25.88 -14.38 -56.39
C VAL G 301 25.75 -15.60 -55.48
N ILE G 302 25.73 -15.35 -54.17
CA ILE G 302 25.68 -16.44 -53.20
C ILE G 302 24.52 -17.45 -53.33
N PHE G 303 23.34 -16.95 -53.63
CA PHE G 303 22.13 -17.73 -53.87
C PHE G 303 22.30 -18.56 -55.09
N GLU G 304 22.92 -17.98 -56.10
CA GLU G 304 23.20 -18.66 -57.36
C GLU G 304 24.10 -19.83 -56.97
N LEU G 305 25.20 -19.58 -56.22
CA LEU G 305 26.11 -20.64 -55.80
C LEU G 305 25.39 -21.77 -55.08
N ILE G 306 24.52 -21.41 -54.14
CA ILE G 306 23.65 -22.41 -53.52
C ILE G 306 22.87 -23.22 -54.55
N ASN G 307 22.22 -22.57 -55.52
CA ASN G 307 21.42 -23.32 -56.48
C ASN G 307 22.30 -24.27 -57.29
N GLN G 308 23.54 -23.85 -57.60
CA GLN G 308 24.55 -24.63 -58.32
C GLN G 308 25.28 -25.63 -57.40
N LYS G 309 24.94 -25.64 -56.11
CA LYS G 309 25.32 -26.67 -55.16
C LYS G 309 26.80 -26.62 -54.84
N LYS G 310 27.42 -25.44 -54.95
CA LYS G 310 28.78 -25.23 -54.48
C LYS G 310 28.68 -24.69 -53.05
N LEU G 311 28.43 -25.56 -52.06
CA LEU G 311 28.12 -25.12 -50.70
C LEU G 311 29.33 -24.61 -49.90
N GLU G 312 30.54 -25.09 -50.22
CA GLU G 312 31.73 -24.58 -49.55
C GLU G 312 31.98 -23.13 -50.02
N ARG G 313 31.97 -22.94 -51.35
CA ARG G 313 32.25 -21.64 -51.95
C ARG G 313 31.18 -20.60 -51.61
N ALA G 314 29.90 -21.00 -51.56
CA ALA G 314 28.82 -20.13 -51.09
C ALA G 314 29.07 -19.71 -49.64
N LEU G 315 29.53 -20.61 -48.76
CA LEU G 315 29.79 -20.27 -47.37
C LEU G 315 30.94 -19.25 -47.20
N THR G 316 32.06 -19.47 -47.93
CA THR G 316 33.21 -18.58 -47.90
C THR G 316 32.81 -17.14 -48.25
N LEU G 317 31.99 -16.99 -49.29
CA LEU G 317 31.61 -15.70 -49.84
C LEU G 317 30.63 -14.99 -48.89
N LEU G 318 29.72 -15.74 -48.25
CA LEU G 318 28.79 -15.23 -47.25
C LEU G 318 29.55 -14.68 -46.03
N LYS G 319 30.65 -15.34 -45.62
CA LYS G 319 31.54 -14.85 -44.59
C LYS G 319 32.11 -13.46 -44.90
N SER G 320 32.32 -13.16 -46.19
CA SER G 320 32.88 -11.87 -46.63
C SER G 320 31.86 -10.73 -46.49
N LEU G 321 30.57 -11.07 -46.44
CA LEU G 321 29.50 -10.08 -46.29
C LEU G 321 29.31 -9.65 -44.82
N GLU G 322 29.59 -10.56 -43.86
CA GLU G 322 29.61 -10.27 -42.44
C GLU G 322 30.33 -8.95 -42.07
N ARG G 323 31.38 -8.57 -42.81
CA ARG G 323 32.15 -7.35 -42.55
C ARG G 323 31.41 -6.09 -43.02
N LYS G 324 30.48 -6.22 -43.98
CA LYS G 324 29.90 -5.07 -44.64
C LYS G 324 28.80 -4.43 -43.78
N LYS G 325 28.69 -3.07 -43.81
CA LYS G 325 27.59 -2.31 -43.24
C LYS G 325 26.29 -2.74 -43.95
N GLN G 326 25.25 -3.05 -43.18
CA GLN G 326 24.00 -3.56 -43.77
C GLN G 326 22.79 -3.04 -42.99
N ASN G 327 21.70 -2.75 -43.73
CA ASN G 327 20.45 -2.43 -43.04
C ASN G 327 19.82 -3.72 -42.47
N GLU G 328 18.87 -3.57 -41.53
CA GLU G 328 18.20 -4.73 -40.94
C GLU G 328 17.62 -5.72 -41.97
N ASN G 329 16.95 -5.18 -42.99
CA ASN G 329 16.34 -5.98 -44.03
C ASN G 329 17.38 -6.79 -44.83
N ASP G 330 18.57 -6.24 -45.05
CA ASP G 330 19.69 -6.94 -45.67
C ASP G 330 20.16 -8.10 -44.77
N LEU G 331 20.20 -7.90 -43.45
CA LEU G 331 20.50 -9.00 -42.54
C LEU G 331 19.41 -10.09 -42.60
N GLY G 332 18.15 -9.69 -42.75
CA GLY G 332 17.05 -10.60 -43.05
C GLY G 332 17.44 -11.61 -44.13
N PHE G 333 17.96 -11.11 -45.25
CA PHE G 333 18.46 -11.94 -46.31
C PHE G 333 19.72 -12.66 -45.90
N HIS G 334 20.69 -11.92 -45.36
CA HIS G 334 21.96 -12.53 -44.95
C HIS G 334 21.78 -13.86 -44.22
N TYR G 335 20.98 -13.85 -43.16
CA TYR G 335 20.77 -15.02 -42.32
C TYR G 335 19.90 -16.07 -43.01
N TYR G 336 18.96 -15.64 -43.83
CA TYR G 336 18.23 -16.61 -44.63
C TYR G 336 19.23 -17.40 -45.47
N LEU G 337 20.27 -16.74 -46.03
CA LEU G 337 21.28 -17.44 -46.81
C LEU G 337 22.13 -18.38 -45.95
N GLU G 338 22.64 -17.89 -44.79
CA GLU G 338 23.36 -18.73 -43.84
C GLU G 338 22.53 -19.98 -43.57
N GLY G 339 21.20 -19.80 -43.40
CA GLY G 339 20.24 -20.87 -43.19
C GLY G 339 20.23 -21.94 -44.28
N LEU G 340 20.15 -21.53 -45.56
CA LEU G 340 20.17 -22.52 -46.64
C LEU G 340 21.48 -23.31 -46.72
N ILE G 341 22.60 -22.68 -46.31
CA ILE G 341 23.89 -23.31 -46.49
C ILE G 341 24.06 -24.43 -45.45
N THR G 342 23.89 -24.06 -44.17
CA THR G 342 24.28 -24.84 -43.02
C THR G 342 23.08 -25.68 -42.55
N ASN G 343 21.87 -25.18 -42.78
CA ASN G 343 20.64 -25.86 -42.37
C ASN G 343 20.39 -25.78 -40.85
N ASP G 344 21.07 -24.86 -40.13
CA ASP G 344 20.82 -24.66 -38.72
C ASP G 344 19.59 -23.78 -38.50
N LYS G 345 18.76 -24.08 -37.48
CA LYS G 345 17.54 -23.33 -37.21
C LYS G 345 17.85 -21.95 -36.58
N GLU G 346 19.01 -21.87 -35.93
CA GLU G 346 19.52 -20.60 -35.44
C GLU G 346 19.50 -19.57 -36.58
N ALA G 347 20.13 -19.87 -37.70
CA ALA G 347 20.12 -18.97 -38.85
C ALA G 347 18.70 -18.54 -39.20
N PHE G 348 17.80 -19.50 -39.42
CA PHE G 348 16.42 -19.20 -39.78
C PHE G 348 15.73 -18.40 -38.65
N TYR G 349 16.01 -18.72 -37.38
CA TYR G 349 15.44 -17.88 -36.34
C TYR G 349 15.90 -16.42 -36.44
N LYS G 350 17.22 -16.19 -36.52
CA LYS G 350 17.78 -14.88 -36.70
C LYS G 350 17.04 -14.20 -37.84
N SER G 351 17.07 -14.77 -39.03
CA SER G 351 16.39 -14.27 -40.20
C SER G 351 14.99 -13.79 -39.86
N VAL G 352 14.18 -14.61 -39.18
CA VAL G 352 12.86 -14.18 -38.71
C VAL G 352 12.94 -12.90 -37.87
N GLU G 353 13.81 -12.88 -36.85
CA GLU G 353 13.90 -11.76 -35.94
C GLU G 353 14.25 -10.50 -36.72
N TYR G 354 15.23 -10.57 -37.59
CA TYR G 354 15.59 -9.41 -38.40
C TYR G 354 14.52 -8.98 -39.37
N PHE G 355 13.87 -9.91 -40.05
CA PHE G 355 12.74 -9.54 -40.89
C PHE G 355 11.61 -8.97 -40.06
N LYS G 356 11.37 -9.49 -38.84
CA LYS G 356 10.38 -8.94 -37.93
C LYS G 356 10.75 -7.50 -37.58
N LEU G 357 12.02 -7.22 -37.28
CA LEU G 357 12.48 -5.89 -36.83
C LEU G 357 12.18 -4.87 -37.93
N SER G 358 12.60 -5.23 -39.16
CA SER G 358 12.35 -4.45 -40.33
C SER G 358 10.87 -4.46 -40.75
N GLN G 359 10.02 -5.29 -40.16
CA GLN G 359 8.58 -5.30 -40.45
C GLN G 359 8.31 -5.64 -41.92
N ASP G 360 9.01 -6.64 -42.43
CA ASP G 360 8.90 -7.05 -43.83
C ASP G 360 8.07 -8.34 -43.90
N LYS G 361 6.76 -8.22 -44.11
CA LYS G 361 5.86 -9.35 -43.97
C LYS G 361 5.82 -10.21 -45.23
N LEU G 362 6.55 -9.80 -46.25
CA LEU G 362 6.59 -10.56 -47.49
C LEU G 362 7.73 -11.56 -47.43
N PHE G 363 8.91 -11.04 -47.06
CA PHE G 363 10.12 -11.85 -47.00
C PHE G 363 10.27 -12.62 -45.71
N ILE G 364 9.44 -12.39 -44.70
CA ILE G 364 9.55 -13.16 -43.47
C ILE G 364 9.15 -14.60 -43.76
N LYS G 365 8.25 -14.81 -44.75
CA LYS G 365 7.79 -16.13 -45.11
C LYS G 365 8.92 -17.03 -45.60
N MET G 366 10.01 -16.46 -46.14
CA MET G 366 11.11 -17.30 -46.60
C MET G 366 11.64 -18.16 -45.45
N PRO G 367 12.25 -17.61 -44.40
CA PRO G 367 12.67 -18.43 -43.27
C PRO G 367 11.56 -19.26 -42.65
N LEU G 368 10.33 -18.74 -42.62
CA LEU G 368 9.25 -19.45 -41.96
C LEU G 368 8.94 -20.75 -42.70
N ILE G 369 9.01 -20.74 -44.04
CA ILE G 369 8.79 -21.94 -44.83
C ILE G 369 9.80 -23.03 -44.54
N LYS G 370 11.09 -22.69 -44.53
CA LYS G 370 12.12 -23.65 -44.18
C LYS G 370 11.95 -24.20 -42.78
N LEU G 371 11.65 -23.33 -41.81
CA LEU G 371 11.42 -23.71 -40.43
C LEU G 371 10.28 -24.73 -40.42
N GLU G 372 9.27 -24.56 -41.30
CA GLU G 372 8.13 -25.48 -41.37
C GLU G 372 8.60 -26.85 -41.83
N SER G 373 9.45 -26.85 -42.85
CA SER G 373 9.96 -28.07 -43.48
C SER G 373 10.93 -28.82 -42.57
N LEU G 374 11.49 -28.16 -41.55
CA LEU G 374 12.32 -28.80 -40.54
C LEU G 374 11.51 -29.16 -39.30
N GLY G 375 10.17 -29.15 -39.40
CA GLY G 375 9.32 -29.64 -38.33
C GLY G 375 9.15 -28.72 -37.10
N GLU G 376 9.34 -27.39 -37.25
CA GLU G 376 8.90 -26.43 -36.23
C GLU G 376 7.37 -26.27 -36.22
N ASN G 377 6.80 -25.85 -35.08
CA ASN G 377 5.37 -25.91 -34.84
C ASN G 377 4.62 -25.08 -35.91
N PRO G 378 3.84 -25.73 -36.81
CA PRO G 378 3.27 -24.99 -37.96
C PRO G 378 2.44 -23.76 -37.64
N ARG G 379 1.62 -23.85 -36.57
CA ARG G 379 0.68 -22.81 -36.22
C ARG G 379 1.40 -21.55 -35.72
N LEU G 380 2.39 -21.74 -34.85
CA LEU G 380 3.19 -20.65 -34.34
C LEU G 380 3.92 -19.96 -35.48
N LEU G 381 4.39 -20.70 -36.47
CA LEU G 381 4.99 -20.04 -37.61
C LEU G 381 3.94 -19.26 -38.42
N LYS G 382 2.69 -19.79 -38.51
CA LYS G 382 1.61 -19.02 -39.15
C LYS G 382 1.39 -17.68 -38.42
N ILE G 383 1.33 -17.74 -37.08
CA ILE G 383 1.13 -16.58 -36.21
C ILE G 383 2.21 -15.54 -36.41
N ILE G 384 3.46 -15.97 -36.53
CA ILE G 384 4.54 -15.06 -36.85
C ILE G 384 4.35 -14.42 -38.24
N SER G 385 3.86 -15.17 -39.25
CA SER G 385 3.67 -14.61 -40.58
C SER G 385 2.70 -13.42 -40.61
N MET G 386 1.62 -13.47 -39.82
CA MET G 386 0.57 -12.44 -39.80
C MET G 386 1.12 -11.12 -39.19
N GLY H 1 19.46 -9.73 -52.27
CA GLY H 1 18.05 -10.00 -52.64
C GLY H 1 17.35 -8.78 -53.27
N VAL H 2 16.11 -8.54 -52.83
CA VAL H 2 15.19 -7.53 -53.37
C VAL H 2 15.44 -6.12 -52.75
N VAL H 3 14.78 -5.12 -53.32
CA VAL H 3 15.19 -3.75 -53.26
C VAL H 3 13.89 -3.00 -53.47
N ARG H 4 13.79 -1.77 -53.00
CA ARG H 4 12.54 -1.04 -53.21
C ARG H 4 12.85 0.42 -53.54
N GLY H 5 11.84 1.05 -54.17
CA GLY H 5 11.96 2.32 -54.88
C GLY H 5 10.59 2.97 -55.12
N ALA H 6 10.51 4.28 -54.85
CA ALA H 6 9.28 5.04 -54.70
C ALA H 6 9.58 6.55 -54.75
#